data_2Y6C
# 
_entry.id   2Y6C 
# 
_audit_conform.dict_name       mmcif_pdbx.dic 
_audit_conform.dict_version    5.391 
_audit_conform.dict_location   http://mmcif.pdb.org/dictionaries/ascii/mmcif_pdbx.dic 
# 
loop_
_database_2.database_id 
_database_2.database_code 
_database_2.pdbx_database_accession 
_database_2.pdbx_DOI 
PDB   2Y6C         pdb_00002y6c 10.2210/pdb2y6c/pdb 
PDBE  EBI-47065    ?            ?                   
WWPDB D_1290047065 ?            ?                   
# 
loop_
_pdbx_audit_revision_history.ordinal 
_pdbx_audit_revision_history.data_content_type 
_pdbx_audit_revision_history.major_revision 
_pdbx_audit_revision_history.minor_revision 
_pdbx_audit_revision_history.revision_date 
1 'Structure model' 1 0 2011-05-04 
2 'Structure model' 1 1 2011-05-08 
3 'Structure model' 1 2 2011-07-13 
4 'Structure model' 1 3 2024-05-08 
# 
_pdbx_audit_revision_details.ordinal             1 
_pdbx_audit_revision_details.revision_ordinal    1 
_pdbx_audit_revision_details.data_content_type   'Structure model' 
_pdbx_audit_revision_details.provider            repository 
_pdbx_audit_revision_details.type                'Initial release' 
_pdbx_audit_revision_details.description         ? 
_pdbx_audit_revision_details.details             ? 
# 
loop_
_pdbx_audit_revision_group.ordinal 
_pdbx_audit_revision_group.revision_ordinal 
_pdbx_audit_revision_group.data_content_type 
_pdbx_audit_revision_group.group 
1 2 'Structure model' 'Version format compliance' 
2 3 'Structure model' 'Version format compliance' 
3 4 'Structure model' 'Data collection'           
4 4 'Structure model' 'Database references'       
5 4 'Structure model' 'Derived calculations'      
6 4 'Structure model' Other                       
# 
loop_
_pdbx_audit_revision_category.ordinal 
_pdbx_audit_revision_category.revision_ordinal 
_pdbx_audit_revision_category.data_content_type 
_pdbx_audit_revision_category.category 
1 4 'Structure model' chem_comp_atom         
2 4 'Structure model' chem_comp_bond         
3 4 'Structure model' database_2             
4 4 'Structure model' pdbx_database_status   
5 4 'Structure model' pdbx_struct_conn_angle 
6 4 'Structure model' struct_conn            
7 4 'Structure model' struct_site            
# 
loop_
_pdbx_audit_revision_item.ordinal 
_pdbx_audit_revision_item.revision_ordinal 
_pdbx_audit_revision_item.data_content_type 
_pdbx_audit_revision_item.item 
1  4 'Structure model' '_database_2.pdbx_DOI'                        
2  4 'Structure model' '_database_2.pdbx_database_accession'         
3  4 'Structure model' '_pdbx_database_status.status_code_sf'        
4  4 'Structure model' '_pdbx_struct_conn_angle.ptnr1_auth_comp_id'  
5  4 'Structure model' '_pdbx_struct_conn_angle.ptnr1_auth_seq_id'   
6  4 'Structure model' '_pdbx_struct_conn_angle.ptnr1_label_asym_id' 
7  4 'Structure model' '_pdbx_struct_conn_angle.ptnr1_label_atom_id' 
8  4 'Structure model' '_pdbx_struct_conn_angle.ptnr1_label_comp_id' 
9  4 'Structure model' '_pdbx_struct_conn_angle.ptnr1_label_seq_id'  
10 4 'Structure model' '_pdbx_struct_conn_angle.ptnr2_auth_comp_id'  
11 4 'Structure model' '_pdbx_struct_conn_angle.ptnr2_auth_seq_id'   
12 4 'Structure model' '_pdbx_struct_conn_angle.ptnr2_label_asym_id' 
13 4 'Structure model' '_pdbx_struct_conn_angle.ptnr2_label_atom_id' 
14 4 'Structure model' '_pdbx_struct_conn_angle.ptnr2_label_comp_id' 
15 4 'Structure model' '_pdbx_struct_conn_angle.ptnr3_auth_comp_id'  
16 4 'Structure model' '_pdbx_struct_conn_angle.ptnr3_auth_seq_id'   
17 4 'Structure model' '_pdbx_struct_conn_angle.ptnr3_label_asym_id' 
18 4 'Structure model' '_pdbx_struct_conn_angle.ptnr3_label_atom_id' 
19 4 'Structure model' '_pdbx_struct_conn_angle.ptnr3_label_comp_id' 
20 4 'Structure model' '_pdbx_struct_conn_angle.ptnr3_label_seq_id'  
21 4 'Structure model' '_pdbx_struct_conn_angle.value'               
22 4 'Structure model' '_struct_conn.pdbx_dist_value'                
23 4 'Structure model' '_struct_conn.ptnr1_auth_comp_id'             
24 4 'Structure model' '_struct_conn.ptnr1_auth_seq_id'              
25 4 'Structure model' '_struct_conn.ptnr1_label_asym_id'            
26 4 'Structure model' '_struct_conn.ptnr1_label_atom_id'            
27 4 'Structure model' '_struct_conn.ptnr1_label_comp_id'            
28 4 'Structure model' '_struct_conn.ptnr1_label_seq_id'             
29 4 'Structure model' '_struct_conn.ptnr2_auth_comp_id'             
30 4 'Structure model' '_struct_conn.ptnr2_auth_seq_id'              
31 4 'Structure model' '_struct_conn.ptnr2_label_asym_id'            
32 4 'Structure model' '_struct_conn.ptnr2_label_atom_id'            
33 4 'Structure model' '_struct_conn.ptnr2_label_comp_id'            
34 4 'Structure model' '_struct_conn.ptnr2_label_seq_id'             
35 4 'Structure model' '_struct_site.pdbx_auth_asym_id'              
36 4 'Structure model' '_struct_site.pdbx_auth_comp_id'              
37 4 'Structure model' '_struct_site.pdbx_auth_seq_id'               
# 
_pdbx_database_status.status_code                     REL 
_pdbx_database_status.entry_id                        2Y6C 
_pdbx_database_status.deposit_site                    PDBE 
_pdbx_database_status.process_site                    PDBE 
_pdbx_database_status.SG_entry                        . 
_pdbx_database_status.recvd_initial_deposition_date   2011-01-20 
_pdbx_database_status.pdb_format_compatible           Y 
_pdbx_database_status.status_code_sf                  REL 
_pdbx_database_status.status_code_mr                  ? 
_pdbx_database_status.status_code_cs                  ? 
_pdbx_database_status.methods_development_category    ? 
_pdbx_database_status.status_code_nmr_data            ? 
# 
loop_
_pdbx_database_related.db_name 
_pdbx_database_related.db_id 
_pdbx_database_related.content_type 
_pdbx_database_related.details 
PDB 1MMP unspecified 'MATRILYSIN COMPLEXED WITH CARBOXYLATE INHIBITOR'                         
PDB 1MMR unspecified 'MATRILYSIN COMPLEXED WITH SULFODIIMINE INHIBITOR'                        
PDB 1MMQ unspecified 'MATRILYSIN COMPLEXED WITH HYDROXAMATE INHIBITOR'                         
PDB 2Y6D unspecified 'THE DISCOVERY OF MMP7 INHIBITORS EXPLOITING A NOVEL SELECTIVITY TRIGGER' 
# 
loop_
_audit_author.name 
_audit_author.pdbx_ordinal 
'Edman, K.'      1  
'Furber, M.'     2  
'Hemsley, P.'    3  
'Johansson, C.'  4  
'Pairaudeau, G.' 5  
'Petersen, J.'   6  
'Stocks, M.'     7  
'Tervo, A.'      8  
'Ward, A.'       9  
'Wells, E.'      10 
'Wissler, L.'    11 
# 
_citation.id                        primary 
_citation.title                     'The Discovery of Mmp7 Inhibitors Exploiting a Novel Selectivity Trigger.' 
_citation.journal_abbrev            Chemmedchem 
_citation.journal_volume            6 
_citation.page_first                769 
_citation.page_last                 ? 
_citation.year                      2011 
_citation.journal_id_ASTM           ? 
_citation.country                   DE 
_citation.journal_id_ISSN           1860-7179 
_citation.journal_id_CSD            ? 
_citation.book_publisher            ? 
_citation.pdbx_database_id_PubMed   21520417 
_citation.pdbx_database_id_DOI      10.1002/CMDC.201000550 
# 
loop_
_citation_author.citation_id 
_citation_author.name 
_citation_author.ordinal 
_citation_author.identifier_ORCID 
primary 'Edman, K.'      1  ? 
primary 'Furber, M.'     2  ? 
primary 'Hemsley, P.'    3  ? 
primary 'Johansson, C.'  4  ? 
primary 'Pairaudeau, G.' 5  ? 
primary 'Petersen, J.'   6  ? 
primary 'Stocks, M.'     7  ? 
primary 'Tervo, A.'      8  ? 
primary 'Ward, A.'       9  ? 
primary 'Wells, E.'      10 ? 
primary 'Wissler, L.'    11 ? 
# 
loop_
_entity.id 
_entity.type 
_entity.src_method 
_entity.pdbx_description 
_entity.formula_weight 
_entity.pdbx_number_of_molecules 
_entity.pdbx_ec 
_entity.pdbx_mutation 
_entity.pdbx_fragment 
_entity.details 
1 polymer     man MATRILYSIN                                                      18167.281 1  3.4.24.23 ? 'RESIDUES 95-258' ? 
2 non-polymer syn 'CALCIUM ION'                                                   40.078    2  ?         ? ?                 ? 
3 non-polymer syn 'ZINC ION'                                                      65.409    2  ?         ? ?                 ? 
4 non-polymer syn 'SULFATE ION'                                                   96.063    1  ?         ? ?                 ? 
5 non-polymer syn 'N-{[4-CHLORO-3-(TRIFLUOROMETHYL)PHENYL]SULFONYL}-L-TRYPTOPHAN' 446.828   1  ?         ? ?                 ? 
6 water       nat water                                                           18.015    90 ?         ? ?                 ? 
# 
_entity_name_com.entity_id   1 
_entity_name_com.name        'MATRIN, MATRIX METALLOPROTEINASE-7, MMP-7, PUMP-1 PROTEASE, UTERINE METALLOPROTEINASE, MMP7' 
# 
_entity_poly.entity_id                      1 
_entity_poly.type                           'polypeptide(L)' 
_entity_poly.nstd_linkage                   no 
_entity_poly.nstd_monomer                   no 
_entity_poly.pdbx_seq_one_letter_code       
;GYSLFPNSPKWTSKVVTYRIVSYTRDLPHITVDRLVSKALNMWGKEIPLHFRKVVWGTADIMIGFARGAHGDSYPFDGPG
NTLAHAFAPGTGLGGDAHFDEDERWTDGSSLGINFLYAATHELGHSLGMGHSSDPNAVMYPTYGNGDPQNFKLSQDDIKG
IQKLY
;
_entity_poly.pdbx_seq_one_letter_code_can   
;GYSLFPNSPKWTSKVVTYRIVSYTRDLPHITVDRLVSKALNMWGKEIPLHFRKVVWGTADIMIGFARGAHGDSYPFDGPG
NTLAHAFAPGTGLGGDAHFDEDERWTDGSSLGINFLYAATHELGHSLGMGHSSDPNAVMYPTYGNGDPQNFKLSQDDIKG
IQKLY
;
_entity_poly.pdbx_strand_id                 A 
_entity_poly.pdbx_target_identifier         ? 
# 
loop_
_pdbx_entity_nonpoly.entity_id 
_pdbx_entity_nonpoly.name 
_pdbx_entity_nonpoly.comp_id 
2 'CALCIUM ION'                                                   CA  
3 'ZINC ION'                                                      ZN  
4 'SULFATE ION'                                                   SO4 
5 'N-{[4-CHLORO-3-(TRIFLUOROMETHYL)PHENYL]SULFONYL}-L-TRYPTOPHAN' TQI 
6 water                                                           HOH 
# 
loop_
_entity_poly_seq.entity_id 
_entity_poly_seq.num 
_entity_poly_seq.mon_id 
_entity_poly_seq.hetero 
1 1   GLY n 
1 2   TYR n 
1 3   SER n 
1 4   LEU n 
1 5   PHE n 
1 6   PRO n 
1 7   ASN n 
1 8   SER n 
1 9   PRO n 
1 10  LYS n 
1 11  TRP n 
1 12  THR n 
1 13  SER n 
1 14  LYS n 
1 15  VAL n 
1 16  VAL n 
1 17  THR n 
1 18  TYR n 
1 19  ARG n 
1 20  ILE n 
1 21  VAL n 
1 22  SER n 
1 23  TYR n 
1 24  THR n 
1 25  ARG n 
1 26  ASP n 
1 27  LEU n 
1 28  PRO n 
1 29  HIS n 
1 30  ILE n 
1 31  THR n 
1 32  VAL n 
1 33  ASP n 
1 34  ARG n 
1 35  LEU n 
1 36  VAL n 
1 37  SER n 
1 38  LYS n 
1 39  ALA n 
1 40  LEU n 
1 41  ASN n 
1 42  MET n 
1 43  TRP n 
1 44  GLY n 
1 45  LYS n 
1 46  GLU n 
1 47  ILE n 
1 48  PRO n 
1 49  LEU n 
1 50  HIS n 
1 51  PHE n 
1 52  ARG n 
1 53  LYS n 
1 54  VAL n 
1 55  VAL n 
1 56  TRP n 
1 57  GLY n 
1 58  THR n 
1 59  ALA n 
1 60  ASP n 
1 61  ILE n 
1 62  MET n 
1 63  ILE n 
1 64  GLY n 
1 65  PHE n 
1 66  ALA n 
1 67  ARG n 
1 68  GLY n 
1 69  ALA n 
1 70  HIS n 
1 71  GLY n 
1 72  ASP n 
1 73  SER n 
1 74  TYR n 
1 75  PRO n 
1 76  PHE n 
1 77  ASP n 
1 78  GLY n 
1 79  PRO n 
1 80  GLY n 
1 81  ASN n 
1 82  THR n 
1 83  LEU n 
1 84  ALA n 
1 85  HIS n 
1 86  ALA n 
1 87  PHE n 
1 88  ALA n 
1 89  PRO n 
1 90  GLY n 
1 91  THR n 
1 92  GLY n 
1 93  LEU n 
1 94  GLY n 
1 95  GLY n 
1 96  ASP n 
1 97  ALA n 
1 98  HIS n 
1 99  PHE n 
1 100 ASP n 
1 101 GLU n 
1 102 ASP n 
1 103 GLU n 
1 104 ARG n 
1 105 TRP n 
1 106 THR n 
1 107 ASP n 
1 108 GLY n 
1 109 SER n 
1 110 SER n 
1 111 LEU n 
1 112 GLY n 
1 113 ILE n 
1 114 ASN n 
1 115 PHE n 
1 116 LEU n 
1 117 TYR n 
1 118 ALA n 
1 119 ALA n 
1 120 THR n 
1 121 HIS n 
1 122 GLU n 
1 123 LEU n 
1 124 GLY n 
1 125 HIS n 
1 126 SER n 
1 127 LEU n 
1 128 GLY n 
1 129 MET n 
1 130 GLY n 
1 131 HIS n 
1 132 SER n 
1 133 SER n 
1 134 ASP n 
1 135 PRO n 
1 136 ASN n 
1 137 ALA n 
1 138 VAL n 
1 139 MET n 
1 140 TYR n 
1 141 PRO n 
1 142 THR n 
1 143 TYR n 
1 144 GLY n 
1 145 ASN n 
1 146 GLY n 
1 147 ASP n 
1 148 PRO n 
1 149 GLN n 
1 150 ASN n 
1 151 PHE n 
1 152 LYS n 
1 153 LEU n 
1 154 SER n 
1 155 GLN n 
1 156 ASP n 
1 157 ASP n 
1 158 ILE n 
1 159 LYS n 
1 160 GLY n 
1 161 ILE n 
1 162 GLN n 
1 163 LYS n 
1 164 LEU n 
1 165 TYR n 
# 
_entity_src_gen.entity_id                          1 
_entity_src_gen.pdbx_src_id                        1 
_entity_src_gen.pdbx_alt_source_flag               sample 
_entity_src_gen.pdbx_seq_type                      ? 
_entity_src_gen.pdbx_beg_seq_num                   ? 
_entity_src_gen.pdbx_end_seq_num                   ? 
_entity_src_gen.gene_src_common_name               ? 
_entity_src_gen.gene_src_genus                     ? 
_entity_src_gen.pdbx_gene_src_gene                 ? 
_entity_src_gen.gene_src_species                   ? 
_entity_src_gen.gene_src_strain                    ? 
_entity_src_gen.gene_src_tissue                    ? 
_entity_src_gen.gene_src_tissue_fraction           ? 
_entity_src_gen.gene_src_details                   ? 
_entity_src_gen.pdbx_gene_src_fragment             ? 
_entity_src_gen.pdbx_gene_src_scientific_name      'HOMO SAPIENS' 
_entity_src_gen.pdbx_gene_src_ncbi_taxonomy_id     9606 
_entity_src_gen.pdbx_gene_src_variant              ? 
_entity_src_gen.pdbx_gene_src_cell_line            ? 
_entity_src_gen.pdbx_gene_src_atcc                 ? 
_entity_src_gen.pdbx_gene_src_organ                ? 
_entity_src_gen.pdbx_gene_src_organelle            ? 
_entity_src_gen.pdbx_gene_src_cell                 ? 
_entity_src_gen.pdbx_gene_src_cellular_location    ? 
_entity_src_gen.host_org_common_name               ? 
_entity_src_gen.pdbx_host_org_scientific_name      'ESCHERICHIA COLI' 
_entity_src_gen.pdbx_host_org_ncbi_taxonomy_id     562 
_entity_src_gen.host_org_genus                     ? 
_entity_src_gen.pdbx_host_org_gene                 ? 
_entity_src_gen.pdbx_host_org_organ                ? 
_entity_src_gen.host_org_species                   ? 
_entity_src_gen.pdbx_host_org_tissue               ? 
_entity_src_gen.pdbx_host_org_tissue_fraction      ? 
_entity_src_gen.pdbx_host_org_strain               ? 
_entity_src_gen.pdbx_host_org_variant              ? 
_entity_src_gen.pdbx_host_org_cell_line            ? 
_entity_src_gen.pdbx_host_org_atcc                 ? 
_entity_src_gen.pdbx_host_org_culture_collection   ? 
_entity_src_gen.pdbx_host_org_cell                 ? 
_entity_src_gen.pdbx_host_org_organelle            ? 
_entity_src_gen.pdbx_host_org_cellular_location    ? 
_entity_src_gen.pdbx_host_org_vector_type          ? 
_entity_src_gen.pdbx_host_org_vector               ? 
_entity_src_gen.host_org_details                   ? 
_entity_src_gen.expression_system_id               ? 
_entity_src_gen.plasmid_name                       ? 
_entity_src_gen.plasmid_details                    ? 
_entity_src_gen.pdbx_description                   ? 
# 
loop_
_chem_comp.id 
_chem_comp.type 
_chem_comp.mon_nstd_flag 
_chem_comp.name 
_chem_comp.pdbx_synonyms 
_chem_comp.formula 
_chem_comp.formula_weight 
ALA 'L-peptide linking' y ALANINE                                                         ? 'C3 H7 N O2'            89.093  
ARG 'L-peptide linking' y ARGININE                                                        ? 'C6 H15 N4 O2 1'        175.209 
ASN 'L-peptide linking' y ASPARAGINE                                                      ? 'C4 H8 N2 O3'           132.118 
ASP 'L-peptide linking' y 'ASPARTIC ACID'                                                 ? 'C4 H7 N O4'            133.103 
CA  non-polymer         . 'CALCIUM ION'                                                   ? 'Ca 2'                  40.078  
GLN 'L-peptide linking' y GLUTAMINE                                                       ? 'C5 H10 N2 O3'          146.144 
GLU 'L-peptide linking' y 'GLUTAMIC ACID'                                                 ? 'C5 H9 N O4'            147.129 
GLY 'peptide linking'   y GLYCINE                                                         ? 'C2 H5 N O2'            75.067  
HIS 'L-peptide linking' y HISTIDINE                                                       ? 'C6 H10 N3 O2 1'        156.162 
HOH non-polymer         . WATER                                                           ? 'H2 O'                  18.015  
ILE 'L-peptide linking' y ISOLEUCINE                                                      ? 'C6 H13 N O2'           131.173 
LEU 'L-peptide linking' y LEUCINE                                                         ? 'C6 H13 N O2'           131.173 
LYS 'L-peptide linking' y LYSINE                                                          ? 'C6 H15 N2 O2 1'        147.195 
MET 'L-peptide linking' y METHIONINE                                                      ? 'C5 H11 N O2 S'         149.211 
PHE 'L-peptide linking' y PHENYLALANINE                                                   ? 'C9 H11 N O2'           165.189 
PRO 'L-peptide linking' y PROLINE                                                         ? 'C5 H9 N O2'            115.130 
SER 'L-peptide linking' y SERINE                                                          ? 'C3 H7 N O3'            105.093 
SO4 non-polymer         . 'SULFATE ION'                                                   ? 'O4 S -2'               96.063  
THR 'L-peptide linking' y THREONINE                                                       ? 'C4 H9 N O3'            119.119 
TQI 'L-peptide linking' n 'N-{[4-CHLORO-3-(TRIFLUOROMETHYL)PHENYL]SULFONYL}-L-TRYPTOPHAN' ? 'C18 H14 Cl F3 N2 O4 S' 446.828 
TRP 'L-peptide linking' y TRYPTOPHAN                                                      ? 'C11 H12 N2 O2'         204.225 
TYR 'L-peptide linking' y TYROSINE                                                        ? 'C9 H11 N O3'           181.189 
VAL 'L-peptide linking' y VALINE                                                          ? 'C5 H11 N O2'           117.146 
ZN  non-polymer         . 'ZINC ION'                                                      ? 'Zn 2'                  65.409  
# 
loop_
_pdbx_poly_seq_scheme.asym_id 
_pdbx_poly_seq_scheme.entity_id 
_pdbx_poly_seq_scheme.seq_id 
_pdbx_poly_seq_scheme.mon_id 
_pdbx_poly_seq_scheme.ndb_seq_num 
_pdbx_poly_seq_scheme.pdb_seq_num 
_pdbx_poly_seq_scheme.auth_seq_num 
_pdbx_poly_seq_scheme.pdb_mon_id 
_pdbx_poly_seq_scheme.auth_mon_id 
_pdbx_poly_seq_scheme.pdb_strand_id 
_pdbx_poly_seq_scheme.pdb_ins_code 
_pdbx_poly_seq_scheme.hetero 
A 1 1   GLY 1   99  99  GLY GLY A . n 
A 1 2   TYR 2   100 100 TYR TYR A . n 
A 1 3   SER 3   101 101 SER SER A . n 
A 1 4   LEU 4   102 102 LEU LEU A . n 
A 1 5   PHE 5   103 103 PHE PHE A . n 
A 1 6   PRO 6   104 104 PRO PRO A . n 
A 1 7   ASN 7   105 105 ASN ASN A . n 
A 1 8   SER 8   106 106 SER SER A . n 
A 1 9   PRO 9   107 107 PRO PRO A . n 
A 1 10  LYS 10  108 108 LYS LYS A . n 
A 1 11  TRP 11  109 109 TRP TRP A . n 
A 1 12  THR 12  110 110 THR THR A . n 
A 1 13  SER 13  111 111 SER SER A . n 
A 1 14  LYS 14  112 112 LYS LYS A . n 
A 1 15  VAL 15  113 113 VAL VAL A . n 
A 1 16  VAL 16  114 114 VAL VAL A . n 
A 1 17  THR 17  115 115 THR THR A . n 
A 1 18  TYR 18  116 116 TYR TYR A . n 
A 1 19  ARG 19  117 117 ARG ARG A . n 
A 1 20  ILE 20  118 118 ILE ILE A . n 
A 1 21  VAL 21  119 119 VAL VAL A . n 
A 1 22  SER 22  120 120 SER SER A . n 
A 1 23  TYR 23  121 121 TYR TYR A . n 
A 1 24  THR 24  122 122 THR THR A . n 
A 1 25  ARG 25  123 123 ARG ARG A . n 
A 1 26  ASP 26  124 124 ASP ASP A . n 
A 1 27  LEU 27  125 125 LEU LEU A . n 
A 1 28  PRO 28  126 126 PRO PRO A . n 
A 1 29  HIS 29  127 127 HIS HIS A . n 
A 1 30  ILE 30  128 128 ILE ILE A . n 
A 1 31  THR 31  129 129 THR THR A . n 
A 1 32  VAL 32  130 130 VAL VAL A . n 
A 1 33  ASP 33  131 131 ASP ASP A . n 
A 1 34  ARG 34  132 132 ARG ARG A . n 
A 1 35  LEU 35  133 133 LEU LEU A . n 
A 1 36  VAL 36  134 134 VAL VAL A . n 
A 1 37  SER 37  135 135 SER SER A . n 
A 1 38  LYS 38  136 136 LYS LYS A . n 
A 1 39  ALA 39  137 137 ALA ALA A . n 
A 1 40  LEU 40  138 138 LEU LEU A . n 
A 1 41  ASN 41  139 139 ASN ASN A . n 
A 1 42  MET 42  140 140 MET MET A . n 
A 1 43  TRP 43  141 141 TRP TRP A . n 
A 1 44  GLY 44  142 142 GLY GLY A . n 
A 1 45  LYS 45  143 143 LYS LYS A . n 
A 1 46  GLU 46  144 144 GLU GLU A . n 
A 1 47  ILE 47  145 145 ILE ILE A . n 
A 1 48  PRO 48  146 146 PRO PRO A . n 
A 1 49  LEU 49  147 147 LEU LEU A . n 
A 1 50  HIS 50  148 148 HIS HIS A . n 
A 1 51  PHE 51  149 149 PHE PHE A . n 
A 1 52  ARG 52  150 150 ARG ARG A . n 
A 1 53  LYS 53  151 151 LYS LYS A . n 
A 1 54  VAL 54  152 152 VAL VAL A . n 
A 1 55  VAL 55  153 153 VAL VAL A . n 
A 1 56  TRP 56  154 154 TRP TRP A . n 
A 1 57  GLY 57  155 155 GLY GLY A . n 
A 1 58  THR 58  156 156 THR THR A . n 
A 1 59  ALA 59  157 157 ALA ALA A . n 
A 1 60  ASP 60  158 158 ASP ASP A . n 
A 1 61  ILE 61  159 159 ILE ILE A . n 
A 1 62  MET 62  160 160 MET MET A . n 
A 1 63  ILE 63  161 161 ILE ILE A . n 
A 1 64  GLY 64  162 162 GLY GLY A . n 
A 1 65  PHE 65  163 163 PHE PHE A . n 
A 1 66  ALA 66  164 164 ALA ALA A . n 
A 1 67  ARG 67  165 165 ARG ARG A . n 
A 1 68  GLY 68  166 166 GLY GLY A . n 
A 1 69  ALA 69  167 167 ALA ALA A . n 
A 1 70  HIS 70  168 168 HIS HIS A . n 
A 1 71  GLY 71  169 169 GLY GLY A . n 
A 1 72  ASP 72  170 170 ASP ASP A . n 
A 1 73  SER 73  171 171 SER SER A . n 
A 1 74  TYR 74  172 172 TYR TYR A . n 
A 1 75  PRO 75  173 173 PRO PRO A . n 
A 1 76  PHE 76  174 174 PHE PHE A . n 
A 1 77  ASP 77  175 175 ASP ASP A . n 
A 1 78  GLY 78  176 176 GLY GLY A . n 
A 1 79  PRO 79  177 177 PRO PRO A . n 
A 1 80  GLY 80  178 178 GLY GLY A . n 
A 1 81  ASN 81  179 179 ASN ASN A . n 
A 1 82  THR 82  180 180 THR THR A . n 
A 1 83  LEU 83  181 181 LEU LEU A . n 
A 1 84  ALA 84  182 182 ALA ALA A . n 
A 1 85  HIS 85  183 183 HIS HIS A . n 
A 1 86  ALA 86  184 184 ALA ALA A . n 
A 1 87  PHE 87  185 185 PHE PHE A . n 
A 1 88  ALA 88  186 186 ALA ALA A . n 
A 1 89  PRO 89  187 187 PRO PRO A . n 
A 1 90  GLY 90  188 188 GLY GLY A . n 
A 1 91  THR 91  189 189 THR THR A . n 
A 1 92  GLY 92  190 190 GLY GLY A . n 
A 1 93  LEU 93  191 191 LEU LEU A . n 
A 1 94  GLY 94  192 192 GLY GLY A . n 
A 1 95  GLY 95  193 193 GLY GLY A . n 
A 1 96  ASP 96  194 194 ASP ASP A . n 
A 1 97  ALA 97  195 195 ALA ALA A . n 
A 1 98  HIS 98  196 196 HIS HIS A . n 
A 1 99  PHE 99  197 197 PHE PHE A . n 
A 1 100 ASP 100 198 198 ASP ASP A . n 
A 1 101 GLU 101 199 199 GLU GLU A . n 
A 1 102 ASP 102 200 200 ASP ASP A . n 
A 1 103 GLU 103 201 201 GLU GLU A . n 
A 1 104 ARG 104 202 202 ARG ARG A . n 
A 1 105 TRP 105 203 203 TRP TRP A . n 
A 1 106 THR 106 204 204 THR THR A . n 
A 1 107 ASP 107 205 205 ASP ASP A . n 
A 1 108 GLY 108 206 206 GLY GLY A . n 
A 1 109 SER 109 207 207 SER SER A . n 
A 1 110 SER 110 208 208 SER SER A . n 
A 1 111 LEU 111 209 209 LEU LEU A . n 
A 1 112 GLY 112 210 210 GLY GLY A . n 
A 1 113 ILE 113 211 211 ILE ILE A . n 
A 1 114 ASN 114 212 212 ASN ASN A . n 
A 1 115 PHE 115 213 213 PHE PHE A . n 
A 1 116 LEU 116 214 214 LEU LEU A . n 
A 1 117 TYR 117 215 215 TYR TYR A . n 
A 1 118 ALA 118 216 216 ALA ALA A . n 
A 1 119 ALA 119 217 217 ALA ALA A . n 
A 1 120 THR 120 218 218 THR THR A . n 
A 1 121 HIS 121 219 219 HIS HIS A . n 
A 1 122 GLU 122 220 220 GLU GLU A . n 
A 1 123 LEU 123 221 221 LEU LEU A . n 
A 1 124 GLY 124 222 222 GLY GLY A . n 
A 1 125 HIS 125 223 223 HIS HIS A . n 
A 1 126 SER 126 224 224 SER SER A . n 
A 1 127 LEU 127 225 225 LEU LEU A . n 
A 1 128 GLY 128 226 226 GLY GLY A . n 
A 1 129 MET 129 227 227 MET MET A . n 
A 1 130 GLY 130 228 228 GLY GLY A . n 
A 1 131 HIS 131 229 229 HIS HIS A . n 
A 1 132 SER 132 230 230 SER SER A . n 
A 1 133 SER 133 231 231 SER SER A . n 
A 1 134 ASP 134 232 232 ASP ASP A . n 
A 1 135 PRO 135 233 233 PRO PRO A . n 
A 1 136 ASN 136 234 234 ASN ASN A . n 
A 1 137 ALA 137 235 235 ALA ALA A . n 
A 1 138 VAL 138 236 236 VAL VAL A . n 
A 1 139 MET 139 237 237 MET MET A . n 
A 1 140 TYR 140 238 238 TYR TYR A . n 
A 1 141 PRO 141 239 239 PRO PRO A . n 
A 1 142 THR 142 240 240 THR THR A . n 
A 1 143 TYR 143 241 241 TYR TYR A . n 
A 1 144 GLY 144 242 ?   ?   ?   A . n 
A 1 145 ASN 145 243 ?   ?   ?   A . n 
A 1 146 GLY 146 244 ?   ?   ?   A . n 
A 1 147 ASP 147 245 ?   ?   ?   A . n 
A 1 148 PRO 148 246 246 PRO PRO A . n 
A 1 149 GLN 149 247 247 GLN GLN A . n 
A 1 150 ASN 150 248 248 ASN ASN A . n 
A 1 151 PHE 151 249 249 PHE PHE A . n 
A 1 152 LYS 152 250 250 LYS LYS A . n 
A 1 153 LEU 153 251 251 LEU LEU A . n 
A 1 154 SER 154 252 252 SER SER A . n 
A 1 155 GLN 155 253 253 GLN GLN A . n 
A 1 156 ASP 156 254 254 ASP ASP A . n 
A 1 157 ASP 157 255 255 ASP ASP A . n 
A 1 158 ILE 158 256 256 ILE ILE A . n 
A 1 159 LYS 159 257 257 LYS LYS A . n 
A 1 160 GLY 160 258 258 GLY GLY A . n 
A 1 161 ILE 161 259 259 ILE ILE A . n 
A 1 162 GLN 162 260 260 GLN GLN A . n 
A 1 163 LYS 163 261 261 LYS LYS A . n 
A 1 164 LEU 164 262 262 LEU LEU A . n 
A 1 165 TYR 165 263 263 TYR TYR A . n 
# 
loop_
_pdbx_nonpoly_scheme.asym_id 
_pdbx_nonpoly_scheme.entity_id 
_pdbx_nonpoly_scheme.mon_id 
_pdbx_nonpoly_scheme.ndb_seq_num 
_pdbx_nonpoly_scheme.pdb_seq_num 
_pdbx_nonpoly_scheme.auth_seq_num 
_pdbx_nonpoly_scheme.pdb_mon_id 
_pdbx_nonpoly_scheme.auth_mon_id 
_pdbx_nonpoly_scheme.pdb_strand_id 
_pdbx_nonpoly_scheme.pdb_ins_code 
B 2 CA  1  1264 1264 CA  CA  A . 
C 2 CA  1  1265 1265 CA  CA  A . 
D 3 ZN  1  1266 1266 ZN  ZN  A . 
E 3 ZN  1  1267 1267 ZN  ZN  A . 
F 4 SO4 1  1268 1268 SO4 SO4 A . 
G 5 TQI 1  1269 1269 TQI TQI A . 
H 6 HOH 1  2001 2001 HOH HOH A . 
H 6 HOH 2  2002 2002 HOH HOH A . 
H 6 HOH 3  2003 2003 HOH HOH A . 
H 6 HOH 4  2004 2004 HOH HOH A . 
H 6 HOH 5  2005 2005 HOH HOH A . 
H 6 HOH 6  2006 2006 HOH HOH A . 
H 6 HOH 7  2007 2007 HOH HOH A . 
H 6 HOH 8  2008 2008 HOH HOH A . 
H 6 HOH 9  2009 2009 HOH HOH A . 
H 6 HOH 10 2010 2010 HOH HOH A . 
H 6 HOH 11 2011 2011 HOH HOH A . 
H 6 HOH 12 2012 2012 HOH HOH A . 
H 6 HOH 13 2013 2013 HOH HOH A . 
H 6 HOH 14 2014 2014 HOH HOH A . 
H 6 HOH 15 2015 2015 HOH HOH A . 
H 6 HOH 16 2016 2016 HOH HOH A . 
H 6 HOH 17 2017 2017 HOH HOH A . 
H 6 HOH 18 2018 2018 HOH HOH A . 
H 6 HOH 19 2019 2019 HOH HOH A . 
H 6 HOH 20 2020 2020 HOH HOH A . 
H 6 HOH 21 2021 2021 HOH HOH A . 
H 6 HOH 22 2022 2022 HOH HOH A . 
H 6 HOH 23 2023 2023 HOH HOH A . 
H 6 HOH 24 2024 2024 HOH HOH A . 
H 6 HOH 25 2025 2025 HOH HOH A . 
H 6 HOH 26 2026 2026 HOH HOH A . 
H 6 HOH 27 2027 2027 HOH HOH A . 
H 6 HOH 28 2028 2028 HOH HOH A . 
H 6 HOH 29 2029 2029 HOH HOH A . 
H 6 HOH 30 2030 2030 HOH HOH A . 
H 6 HOH 31 2031 2031 HOH HOH A . 
H 6 HOH 32 2032 2032 HOH HOH A . 
H 6 HOH 33 2033 2033 HOH HOH A . 
H 6 HOH 34 2034 2034 HOH HOH A . 
H 6 HOH 35 2035 2035 HOH HOH A . 
H 6 HOH 36 2036 2036 HOH HOH A . 
H 6 HOH 37 2037 2037 HOH HOH A . 
H 6 HOH 38 2038 2038 HOH HOH A . 
H 6 HOH 39 2039 2039 HOH HOH A . 
H 6 HOH 40 2040 2040 HOH HOH A . 
H 6 HOH 41 2041 2041 HOH HOH A . 
H 6 HOH 42 2042 2042 HOH HOH A . 
H 6 HOH 43 2043 2043 HOH HOH A . 
H 6 HOH 44 2044 2044 HOH HOH A . 
H 6 HOH 45 2045 2045 HOH HOH A . 
H 6 HOH 46 2046 2046 HOH HOH A . 
H 6 HOH 47 2047 2047 HOH HOH A . 
H 6 HOH 48 2048 2048 HOH HOH A . 
H 6 HOH 49 2049 2049 HOH HOH A . 
H 6 HOH 50 2050 2050 HOH HOH A . 
H 6 HOH 51 2051 2051 HOH HOH A . 
H 6 HOH 52 2052 2052 HOH HOH A . 
H 6 HOH 53 2053 2053 HOH HOH A . 
H 6 HOH 54 2054 2054 HOH HOH A . 
H 6 HOH 55 2055 2055 HOH HOH A . 
H 6 HOH 56 2056 2056 HOH HOH A . 
H 6 HOH 57 2057 2057 HOH HOH A . 
H 6 HOH 58 2058 2058 HOH HOH A . 
H 6 HOH 59 2059 2059 HOH HOH A . 
H 6 HOH 60 2060 2060 HOH HOH A . 
H 6 HOH 61 2061 2061 HOH HOH A . 
H 6 HOH 62 2062 2062 HOH HOH A . 
H 6 HOH 63 2063 2063 HOH HOH A . 
H 6 HOH 64 2064 2064 HOH HOH A . 
H 6 HOH 65 2065 2065 HOH HOH A . 
H 6 HOH 66 2066 2066 HOH HOH A . 
H 6 HOH 67 2067 2067 HOH HOH A . 
H 6 HOH 68 2068 2068 HOH HOH A . 
H 6 HOH 69 2069 2069 HOH HOH A . 
H 6 HOH 70 2070 2070 HOH HOH A . 
H 6 HOH 71 2071 2071 HOH HOH A . 
H 6 HOH 72 2072 2072 HOH HOH A . 
H 6 HOH 73 2073 2073 HOH HOH A . 
H 6 HOH 74 2074 2074 HOH HOH A . 
H 6 HOH 75 2075 2075 HOH HOH A . 
H 6 HOH 76 2076 2076 HOH HOH A . 
H 6 HOH 77 2077 2077 HOH HOH A . 
H 6 HOH 78 2078 2078 HOH HOH A . 
H 6 HOH 79 2079 2079 HOH HOH A . 
H 6 HOH 80 2080 2080 HOH HOH A . 
H 6 HOH 81 2081 2081 HOH HOH A . 
H 6 HOH 82 2082 2082 HOH HOH A . 
H 6 HOH 83 2083 2083 HOH HOH A . 
H 6 HOH 84 2084 2084 HOH HOH A . 
H 6 HOH 85 2085 2085 HOH HOH A . 
H 6 HOH 86 2086 2086 HOH HOH A . 
H 6 HOH 87 2087 2087 HOH HOH A . 
H 6 HOH 88 2088 2088 HOH HOH A . 
H 6 HOH 89 2089 2089 HOH HOH A . 
H 6 HOH 90 2090 2090 HOH HOH A . 
# 
loop_
_pdbx_unobs_or_zero_occ_atoms.id 
_pdbx_unobs_or_zero_occ_atoms.PDB_model_num 
_pdbx_unobs_or_zero_occ_atoms.polymer_flag 
_pdbx_unobs_or_zero_occ_atoms.occupancy_flag 
_pdbx_unobs_or_zero_occ_atoms.auth_asym_id 
_pdbx_unobs_or_zero_occ_atoms.auth_comp_id 
_pdbx_unobs_or_zero_occ_atoms.auth_seq_id 
_pdbx_unobs_or_zero_occ_atoms.PDB_ins_code 
_pdbx_unobs_or_zero_occ_atoms.auth_atom_id 
_pdbx_unobs_or_zero_occ_atoms.label_alt_id 
_pdbx_unobs_or_zero_occ_atoms.label_asym_id 
_pdbx_unobs_or_zero_occ_atoms.label_comp_id 
_pdbx_unobs_or_zero_occ_atoms.label_seq_id 
_pdbx_unobs_or_zero_occ_atoms.label_atom_id 
1 1 Y 0 A ARG 132 ? CA  A A ARG 34 CA  
2 1 Y 0 A ARG 132 ? CB  A A ARG 34 CB  
3 1 Y 0 A ARG 132 ? CG  A A ARG 34 CG  
4 1 Y 0 A ARG 132 ? CD  A A ARG 34 CD  
5 1 Y 0 A ARG 132 ? NE  A A ARG 34 NE  
6 1 Y 0 A ARG 132 ? CZ  A A ARG 34 CZ  
7 1 Y 0 A ARG 132 ? NH1 A A ARG 34 NH1 
8 1 Y 0 A ARG 132 ? NH2 A A ARG 34 NH2 
# 
_software.name             REFMAC 
_software.classification   refinement 
_software.version          5.5.0066 
_software.citation_id      ? 
_software.pdbx_ordinal     1 
# 
_cell.entry_id           2Y6C 
_cell.length_a           76.669 
_cell.length_b           76.669 
_cell.length_c           61.238 
_cell.angle_alpha        90.00 
_cell.angle_beta         90.00 
_cell.angle_gamma        90.00 
_cell.Z_PDB              8 
_cell.pdbx_unique_axis   ? 
# 
_symmetry.entry_id                         2Y6C 
_symmetry.space_group_name_H-M             'I 4' 
_symmetry.pdbx_full_space_group_name_H-M   ? 
_symmetry.cell_setting                     ? 
_symmetry.Int_Tables_number                79 
# 
_exptl.entry_id          2Y6C 
_exptl.method            'X-RAY DIFFRACTION' 
_exptl.crystals_number   ? 
# 
_exptl_crystal.id                    1 
_exptl_crystal.density_meas          ? 
_exptl_crystal.density_Matthews      2.48 
_exptl_crystal.density_percent_sol   50.34 
_exptl_crystal.description           NONE 
# 
_diffrn.id                     1 
_diffrn.ambient_temp           100 
_diffrn.ambient_temp_details   ? 
_diffrn.crystal_id             1 
# 
_diffrn_detector.diffrn_id              1 
_diffrn_detector.detector               CCD 
_diffrn_detector.type                   'ADSC CCD' 
_diffrn_detector.pdbx_collection_date   ? 
_diffrn_detector.details                ? 
# 
_diffrn_radiation.diffrn_id                        1 
_diffrn_radiation.wavelength_id                    1 
_diffrn_radiation.pdbx_monochromatic_or_laue_m_l   M 
_diffrn_radiation.monochromator                    ? 
_diffrn_radiation.pdbx_diffrn_protocol             'SINGLE WAVELENGTH' 
_diffrn_radiation.pdbx_scattering_type             x-ray 
# 
_diffrn_radiation_wavelength.id           1 
_diffrn_radiation_wavelength.wavelength   1.0722 
_diffrn_radiation_wavelength.wt           1.0 
# 
_diffrn_source.diffrn_id                   1 
_diffrn_source.source                      SYNCHROTRON 
_diffrn_source.type                        ESRF 
_diffrn_source.pdbx_synchrotron_site       ESRF 
_diffrn_source.pdbx_synchrotron_beamline   ? 
_diffrn_source.pdbx_wavelength             1.0722 
_diffrn_source.pdbx_wavelength_list        ? 
# 
_reflns.pdbx_diffrn_id               1 
_reflns.pdbx_ordinal                 1 
_reflns.entry_id                     2Y6C 
_reflns.observed_criterion_sigma_I   2.0 
_reflns.observed_criterion_sigma_F   ? 
_reflns.d_resolution_low             38.00 
_reflns.d_resolution_high            1.70 
_reflns.number_obs                   19064 
_reflns.number_all                   ? 
_reflns.percent_possible_obs         97.2 
_reflns.pdbx_Rmerge_I_obs            0.09 
_reflns.pdbx_Rsym_value              ? 
_reflns.pdbx_netI_over_sigmaI        ? 
_reflns.B_iso_Wilson_estimate        ? 
_reflns.pdbx_redundancy              3.1 
# 
_refine.pdbx_refine_id                           'X-RAY DIFFRACTION' 
_refine.entry_id                                 2Y6C 
_refine.pdbx_diffrn_id                           1 
_refine.pdbx_TLS_residual_ADP_flag               ? 
_refine.ls_number_reflns_obs                     17120 
_refine.ls_number_reflns_all                     ? 
_refine.pdbx_ls_sigma_I                          ? 
_refine.pdbx_ls_sigma_F                          . 
_refine.pdbx_data_cutoff_high_absF               ? 
_refine.pdbx_data_cutoff_low_absF                ? 
_refine.pdbx_data_cutoff_high_rms_absF           ? 
_refine.ls_d_res_low                             54.23 
_refine.ls_d_res_high                            1.70 
_refine.ls_percent_reflns_obs                    92.11 
_refine.ls_R_factor_obs                          0.20359 
_refine.ls_R_factor_all                          ? 
_refine.ls_R_factor_R_work                       0.20218 
_refine.ls_R_factor_R_free                       0.22932 
_refine.ls_R_factor_R_free_error                 ? 
_refine.ls_R_factor_R_free_error_details         ? 
_refine.ls_percent_reflns_R_free                 5.1 
_refine.ls_number_reflns_R_free                  928 
_refine.ls_number_parameters                     ? 
_refine.ls_number_restraints                     ? 
_refine.occupancy_min                            ? 
_refine.occupancy_max                            ? 
_refine.correlation_coeff_Fo_to_Fc               0.945 
_refine.correlation_coeff_Fo_to_Fc_free          0.934 
_refine.B_iso_mean                               22.290 
_refine.aniso_B[1][1]                            -1.28 
_refine.aniso_B[2][2]                            -1.28 
_refine.aniso_B[3][3]                            2.56 
_refine.aniso_B[1][2]                            0.00 
_refine.aniso_B[1][3]                            0.00 
_refine.aniso_B[2][3]                            0.00 
_refine.solvent_model_details                    'BABINET MODEL WITH MASK' 
_refine.solvent_model_param_ksol                 ? 
_refine.solvent_model_param_bsol                 ? 
_refine.pdbx_solvent_vdw_probe_radii             1.40 
_refine.pdbx_solvent_ion_probe_radii             0.80 
_refine.pdbx_solvent_shrinkage_radii             0.80 
_refine.pdbx_ls_cross_valid_method               THROUGHOUT 
_refine.details                                  'HYDROGENS HAVE BEEN ADDED IN THE RIDING POSITIONS.' 
_refine.pdbx_starting_model                      NONE 
_refine.pdbx_method_to_determine_struct          OTHER 
_refine.pdbx_isotropic_thermal_model             ? 
_refine.pdbx_stereochemistry_target_values       'MAXIMUM LIKELIHOOD' 
_refine.pdbx_stereochem_target_val_spec_case     ? 
_refine.pdbx_R_Free_selection_details            RANDOM 
_refine.pdbx_overall_ESU_R                       0.125 
_refine.pdbx_overall_ESU_R_Free                  0.116 
_refine.overall_SU_ML                            0.077 
_refine.pdbx_overall_phase_error                 ? 
_refine.overall_SU_B                             2.330 
_refine.overall_SU_R_Cruickshank_DPI             ? 
_refine.pdbx_overall_SU_R_free_Cruickshank_DPI   ? 
_refine.pdbx_overall_SU_R_Blow_DPI               ? 
_refine.pdbx_overall_SU_R_free_Blow_DPI          ? 
# 
_refine_hist.pdbx_refine_id                   'X-RAY DIFFRACTION' 
_refine_hist.cycle_id                         LAST 
_refine_hist.pdbx_number_atoms_protein        1260 
_refine_hist.pdbx_number_atoms_nucleic_acid   0 
_refine_hist.pdbx_number_atoms_ligand         38 
_refine_hist.number_atoms_solvent             90 
_refine_hist.number_atoms_total               1388 
_refine_hist.d_res_high                       1.70 
_refine_hist.d_res_low                        54.23 
# 
loop_
_refine_ls_restr.type 
_refine_ls_restr.dev_ideal 
_refine_ls_restr.dev_ideal_target 
_refine_ls_restr.weight 
_refine_ls_restr.number 
_refine_ls_restr.pdbx_refine_id 
_refine_ls_restr.pdbx_restraint_function 
r_bond_refined_d             0.006  0.021  ? 1345 'X-RAY DIFFRACTION' ? 
r_bond_other_d               ?      ?      ? ?    'X-RAY DIFFRACTION' ? 
r_angle_refined_deg          1.289  1.961  ? 1833 'X-RAY DIFFRACTION' ? 
r_angle_other_deg            ?      ?      ? ?    'X-RAY DIFFRACTION' ? 
r_dihedral_angle_1_deg       2.796  5.000  ? 161  'X-RAY DIFFRACTION' ? 
r_dihedral_angle_2_deg       28.078 23.220 ? 59   'X-RAY DIFFRACTION' ? 
r_dihedral_angle_3_deg       8.016  15.000 ? 195  'X-RAY DIFFRACTION' ? 
r_dihedral_angle_4_deg       11.683 15.000 ? 6    'X-RAY DIFFRACTION' ? 
r_chiral_restr               0.092  0.200  ? 183  'X-RAY DIFFRACTION' ? 
r_gen_planes_refined         0.004  0.021  ? 1079 'X-RAY DIFFRACTION' ? 
r_gen_planes_other           ?      ?      ? ?    'X-RAY DIFFRACTION' ? 
r_nbd_refined                ?      ?      ? ?    'X-RAY DIFFRACTION' ? 
r_nbd_other                  ?      ?      ? ?    'X-RAY DIFFRACTION' ? 
r_nbtor_refined              ?      ?      ? ?    'X-RAY DIFFRACTION' ? 
r_nbtor_other                ?      ?      ? ?    'X-RAY DIFFRACTION' ? 
r_xyhbond_nbd_refined        ?      ?      ? ?    'X-RAY DIFFRACTION' ? 
r_xyhbond_nbd_other          ?      ?      ? ?    'X-RAY DIFFRACTION' ? 
r_metal_ion_refined          ?      ?      ? ?    'X-RAY DIFFRACTION' ? 
r_metal_ion_other            ?      ?      ? ?    'X-RAY DIFFRACTION' ? 
r_symmetry_vdw_refined       ?      ?      ? ?    'X-RAY DIFFRACTION' ? 
r_symmetry_vdw_other         ?      ?      ? ?    'X-RAY DIFFRACTION' ? 
r_symmetry_hbond_refined     ?      ?      ? ?    'X-RAY DIFFRACTION' ? 
r_symmetry_hbond_other       ?      ?      ? ?    'X-RAY DIFFRACTION' ? 
r_symmetry_metal_ion_refined ?      ?      ? ?    'X-RAY DIFFRACTION' ? 
r_symmetry_metal_ion_other   ?      ?      ? ?    'X-RAY DIFFRACTION' ? 
r_mcbond_it                  0.514  1.500  ? 804  'X-RAY DIFFRACTION' ? 
r_mcbond_other               ?      ?      ? ?    'X-RAY DIFFRACTION' ? 
r_mcangle_it                 0.937  2.000  ? 1287 'X-RAY DIFFRACTION' ? 
r_mcangle_other              ?      ?      ? ?    'X-RAY DIFFRACTION' ? 
r_scbond_it                  1.397  3.000  ? 541  'X-RAY DIFFRACTION' ? 
r_scbond_other               ?      ?      ? ?    'X-RAY DIFFRACTION' ? 
r_scangle_it                 2.265  4.500  ? 546  'X-RAY DIFFRACTION' ? 
r_scangle_other              ?      ?      ? ?    'X-RAY DIFFRACTION' ? 
r_long_range_B_refined       ?      ?      ? ?    'X-RAY DIFFRACTION' ? 
r_long_range_B_other         ?      ?      ? ?    'X-RAY DIFFRACTION' ? 
r_rigid_bond_restr           ?      ?      ? ?    'X-RAY DIFFRACTION' ? 
r_sphericity_free            ?      ?      ? ?    'X-RAY DIFFRACTION' ? 
r_sphericity_bonded          ?      ?      ? ?    'X-RAY DIFFRACTION' ? 
# 
_refine_ls_shell.pdbx_refine_id                   'X-RAY DIFFRACTION' 
_refine_ls_shell.pdbx_total_number_of_bins_used   20 
_refine_ls_shell.d_res_high                       1.700 
_refine_ls_shell.d_res_low                        1.744 
_refine_ls_shell.number_reflns_R_work             1138 
_refine_ls_shell.R_factor_R_work                  0.291 
_refine_ls_shell.percent_reflns_obs               83.29 
_refine_ls_shell.R_factor_R_free                  0.282 
_refine_ls_shell.R_factor_R_free_error            ? 
_refine_ls_shell.percent_reflns_R_free            ? 
_refine_ls_shell.number_reflns_R_free             53 
_refine_ls_shell.number_reflns_all                ? 
_refine_ls_shell.R_factor_all                     ? 
# 
_struct.entry_id                  2Y6C 
_struct.title                     'The Discovery of MMP7 inhibitors Exploiting a Novel Selectivity Trigger' 
_struct.pdbx_model_details        ? 
_struct.pdbx_CASP_flag            ? 
_struct.pdbx_model_type_details   ? 
# 
_struct_keywords.entry_id        2Y6C 
_struct_keywords.pdbx_keywords   HYDROLASE 
_struct_keywords.text            HYDROLASE 
# 
loop_
_struct_asym.id 
_struct_asym.pdbx_blank_PDB_chainid_flag 
_struct_asym.pdbx_modified 
_struct_asym.entity_id 
_struct_asym.details 
A N N 1 ? 
B N N 2 ? 
C N N 2 ? 
D N N 3 ? 
E N N 3 ? 
F N N 4 ? 
G N N 5 ? 
H N N 6 ? 
# 
_struct_ref.id                         1 
_struct_ref.db_name                    UNP 
_struct_ref.db_code                    MMP7_HUMAN 
_struct_ref.entity_id                  1 
_struct_ref.pdbx_seq_one_letter_code   ? 
_struct_ref.pdbx_align_begin           ? 
_struct_ref.pdbx_db_accession          P09237 
_struct_ref.pdbx_db_isoform            ? 
# 
_struct_ref_seq.align_id                      1 
_struct_ref_seq.ref_id                        1 
_struct_ref_seq.pdbx_PDB_id_code              2Y6C 
_struct_ref_seq.pdbx_strand_id                A 
_struct_ref_seq.seq_align_beg                 2 
_struct_ref_seq.pdbx_seq_align_beg_ins_code   ? 
_struct_ref_seq.seq_align_end                 165 
_struct_ref_seq.pdbx_seq_align_end_ins_code   ? 
_struct_ref_seq.pdbx_db_accession             P09237 
_struct_ref_seq.db_align_beg                  95 
_struct_ref_seq.pdbx_db_align_beg_ins_code    ? 
_struct_ref_seq.db_align_end                  258 
_struct_ref_seq.pdbx_db_align_end_ins_code    ? 
_struct_ref_seq.pdbx_auth_seq_align_beg       100 
_struct_ref_seq.pdbx_auth_seq_align_end       263 
# 
_struct_ref_seq_dif.align_id                     1 
_struct_ref_seq_dif.pdbx_pdb_id_code             2Y6C 
_struct_ref_seq_dif.mon_id                       GLY 
_struct_ref_seq_dif.pdbx_pdb_strand_id           A 
_struct_ref_seq_dif.seq_num                      1 
_struct_ref_seq_dif.pdbx_pdb_ins_code            ? 
_struct_ref_seq_dif.pdbx_seq_db_name             UNP 
_struct_ref_seq_dif.pdbx_seq_db_accession_code   P09237 
_struct_ref_seq_dif.db_mon_id                    ? 
_struct_ref_seq_dif.pdbx_seq_db_seq_num          ? 
_struct_ref_seq_dif.details                      'expression tag' 
_struct_ref_seq_dif.pdbx_auth_seq_num            99 
_struct_ref_seq_dif.pdbx_ordinal                 1 
# 
_pdbx_struct_assembly.id                   1 
_pdbx_struct_assembly.details              software_defined_assembly 
_pdbx_struct_assembly.method_details       PISA 
_pdbx_struct_assembly.oligomeric_details   tetrameric 
_pdbx_struct_assembly.oligomeric_count     4 
# 
loop_
_pdbx_struct_assembly_prop.biol_id 
_pdbx_struct_assembly_prop.type 
_pdbx_struct_assembly_prop.value 
_pdbx_struct_assembly_prop.details 
1 'ABSA (A^2)' 6050   ? 
1 MORE         -153.3 ? 
1 'SSA (A^2)'  27680  ? 
# 
_pdbx_struct_assembly_gen.assembly_id       1 
_pdbx_struct_assembly_gen.oper_expression   1,2,3,4 
_pdbx_struct_assembly_gen.asym_id_list      A,B,C,D,E,F,G,H 
# 
loop_
_pdbx_struct_oper_list.id 
_pdbx_struct_oper_list.type 
_pdbx_struct_oper_list.name 
_pdbx_struct_oper_list.symmetry_operation 
_pdbx_struct_oper_list.matrix[1][1] 
_pdbx_struct_oper_list.matrix[1][2] 
_pdbx_struct_oper_list.matrix[1][3] 
_pdbx_struct_oper_list.vector[1] 
_pdbx_struct_oper_list.matrix[2][1] 
_pdbx_struct_oper_list.matrix[2][2] 
_pdbx_struct_oper_list.matrix[2][3] 
_pdbx_struct_oper_list.vector[2] 
_pdbx_struct_oper_list.matrix[3][1] 
_pdbx_struct_oper_list.matrix[3][2] 
_pdbx_struct_oper_list.matrix[3][3] 
_pdbx_struct_oper_list.vector[3] 
1 'identity operation'         1_555 x,y,z   1.0000000000 0.0000000000  0.0000000000  0.0000000000  0.0000000000  1.0000000000  0.0000000000  0.0000000000  0.0000000000  0.0000000000  1.0000000000  0.0000000000   
2 'crystal symmetry operation' 3_555 -y,x,z  0.8767323371 -0.0566275859 -0.4776334637 -0.8528405226 -0.4728826457 0.0799505942  -0.8774906871 18.6819159498 0.0878772585  0.9951890368  0.0433170687  -29.2174729125 
3 'crystal symmetry operation' 4_555 y,-x,z  0.8767323371 -0.4728826457 0.0878772585  12.1496181235 -0.0566275859 0.0799505942  0.9951890368  27.5349841449 -0.4776334637 -0.8774906871 0.0433170687  17.2514773716  
4 'crystal symmetry operation' 2_555 -x,-y,z 0.7534646742 -0.5295102315 -0.3897562052 11.2967776009 -0.5295102315 -0.8400988116 0.1176983497  46.2169000947 -0.3897562052 0.1176983497  -0.9133658626 -11.9659955410 
# 
_struct_biol.id   1 
# 
loop_
_struct_conf.conf_type_id 
_struct_conf.id 
_struct_conf.pdbx_PDB_helix_id 
_struct_conf.beg_label_comp_id 
_struct_conf.beg_label_asym_id 
_struct_conf.beg_label_seq_id 
_struct_conf.pdbx_beg_PDB_ins_code 
_struct_conf.end_label_comp_id 
_struct_conf.end_label_asym_id 
_struct_conf.end_label_seq_id 
_struct_conf.pdbx_end_PDB_ins_code 
_struct_conf.beg_auth_comp_id 
_struct_conf.beg_auth_asym_id 
_struct_conf.beg_auth_seq_id 
_struct_conf.end_auth_comp_id 
_struct_conf.end_auth_asym_id 
_struct_conf.end_auth_seq_id 
_struct_conf.pdbx_PDB_helix_class 
_struct_conf.details 
_struct_conf.pdbx_PDB_helix_length 
HELX_P HELX_P1 1 PRO A 28  ? LYS A 45  ? PRO A 126 LYS A 143 1 ? 18 
HELX_P HELX_P2 2 PHE A 115 ? LEU A 127 ? PHE A 213 LEU A 225 1 ? 13 
HELX_P HELX_P3 3 SER A 154 ? TYR A 165 ? SER A 252 TYR A 263 1 ? 12 
# 
_struct_conf_type.id          HELX_P 
_struct_conf_type.criteria    ? 
_struct_conf_type.reference   ? 
# 
loop_
_struct_conn.id 
_struct_conn.conn_type_id 
_struct_conn.pdbx_leaving_atom_flag 
_struct_conn.pdbx_PDB_id 
_struct_conn.ptnr1_label_asym_id 
_struct_conn.ptnr1_label_comp_id 
_struct_conn.ptnr1_label_seq_id 
_struct_conn.ptnr1_label_atom_id 
_struct_conn.pdbx_ptnr1_label_alt_id 
_struct_conn.pdbx_ptnr1_PDB_ins_code 
_struct_conn.pdbx_ptnr1_standard_comp_id 
_struct_conn.ptnr1_symmetry 
_struct_conn.ptnr2_label_asym_id 
_struct_conn.ptnr2_label_comp_id 
_struct_conn.ptnr2_label_seq_id 
_struct_conn.ptnr2_label_atom_id 
_struct_conn.pdbx_ptnr2_label_alt_id 
_struct_conn.pdbx_ptnr2_PDB_ins_code 
_struct_conn.ptnr1_auth_asym_id 
_struct_conn.ptnr1_auth_comp_id 
_struct_conn.ptnr1_auth_seq_id 
_struct_conn.ptnr2_auth_asym_id 
_struct_conn.ptnr2_auth_comp_id 
_struct_conn.ptnr2_auth_seq_id 
_struct_conn.ptnr2_symmetry 
_struct_conn.pdbx_ptnr3_label_atom_id 
_struct_conn.pdbx_ptnr3_label_seq_id 
_struct_conn.pdbx_ptnr3_label_comp_id 
_struct_conn.pdbx_ptnr3_label_asym_id 
_struct_conn.pdbx_ptnr3_label_alt_id 
_struct_conn.pdbx_ptnr3_PDB_ins_code 
_struct_conn.details 
_struct_conn.pdbx_dist_value 
_struct_conn.pdbx_value_order 
_struct_conn.pdbx_role 
metalc1  metalc ? ? A ASP 60  O   ? ? ? 1_555 B CA  . CA  ? ? A ASP 158  A CA  1264 1_555 ? ? ? ? ? ? ? 2.369 ? ? 
metalc2  metalc ? ? A HIS 70  NE2 ? ? ? 1_555 D ZN  . ZN  ? ? A HIS 168  A ZN  1266 1_555 ? ? ? ? ? ? ? 2.020 ? ? 
metalc3  metalc ? ? A ASP 72  OD2 ? ? ? 1_555 D ZN  . ZN  ? ? A ASP 170  A ZN  1266 1_555 ? ? ? ? ? ? ? 1.997 ? ? 
metalc4  metalc ? ? A ASP 77  OD1 ? ? ? 1_555 C CA  . CA  ? ? A ASP 175  A CA  1265 1_555 ? ? ? ? ? ? ? 2.446 ? ? 
metalc5  metalc ? ? A GLY 78  O   ? ? ? 1_555 C CA  . CA  ? ? A GLY 176  A CA  1265 1_555 ? ? ? ? ? ? ? 2.282 ? ? 
metalc6  metalc ? ? A GLY 80  O   ? ? ? 1_555 C CA  . CA  ? ? A GLY 178  A CA  1265 1_555 ? ? ? ? ? ? ? 2.411 ? ? 
metalc7  metalc ? ? A THR 82  O   ? ? ? 1_555 C CA  . CA  ? ? A THR 180  A CA  1265 1_555 ? ? ? ? ? ? ? 2.307 ? ? 
metalc8  metalc ? ? A HIS 85  NE2 ? ? ? 1_555 D ZN  . ZN  ? ? A HIS 183  A ZN  1266 1_555 ? ? ? ? ? ? ? 2.131 ? ? 
metalc9  metalc ? ? A GLY 92  O   ? ? ? 1_555 B CA  . CA  ? ? A GLY 190  A CA  1264 1_555 ? ? ? ? ? ? ? 2.524 ? ? 
metalc10 metalc ? ? A GLY 94  O   ? ? ? 1_555 B CA  . CA  ? ? A GLY 192  A CA  1264 1_555 ? ? ? ? ? ? ? 2.322 ? ? 
metalc11 metalc ? ? A ASP 96  OD1 ? ? ? 1_555 B CA  . CA  ? ? A ASP 194  A CA  1264 1_555 ? ? ? ? ? ? ? 2.547 ? ? 
metalc12 metalc ? ? A HIS 98  ND1 ? ? ? 1_555 D ZN  . ZN  ? ? A HIS 196  A ZN  1266 1_555 ? ? ? ? ? ? ? 1.941 ? ? 
metalc13 metalc ? ? A ASP 100 OD2 ? ? ? 1_555 C CA  . CA  ? ? A ASP 198  A CA  1265 1_555 ? ? ? ? ? ? ? 2.350 ? ? 
metalc14 metalc ? ? A GLU 103 OE2 ? ? ? 1_555 C CA  . CA  ? ? A GLU 201  A CA  1265 1_555 ? ? ? ? ? ? ? 2.204 ? ? 
metalc15 metalc ? ? A HIS 121 NE2 ? ? ? 1_555 E ZN  . ZN  ? ? A HIS 219  A ZN  1267 1_555 ? ? ? ? ? ? ? 1.970 ? ? 
metalc16 metalc ? ? A HIS 125 NE2 ? ? ? 1_555 E ZN  . ZN  ? ? A HIS 223  A ZN  1267 1_555 ? ? ? ? ? ? ? 2.107 ? ? 
metalc17 metalc ? ? A HIS 131 NE2 ? ? ? 1_555 E ZN  . ZN  ? ? A HIS 229  A ZN  1267 1_555 ? ? ? ? ? ? ? 2.066 ? ? 
metalc18 metalc ? ? B CA  .   CA  ? ? ? 1_555 H HOH . O   ? ? A CA  1264 A HOH 2036 1_555 ? ? ? ? ? ? ? 2.310 ? ? 
metalc19 metalc ? ? B CA  .   CA  ? ? ? 1_555 H HOH . O   ? ? A CA  1264 A HOH 2052 1_555 ? ? ? ? ? ? ? 2.438 ? ? 
metalc20 metalc ? ? E ZN  .   ZN  ? ? ? 1_555 G TQI . OXT ? ? A ZN  1267 A TQI 1269 1_555 ? ? ? ? ? ? ? 1.946 ? ? 
# 
_struct_conn_type.id          metalc 
_struct_conn_type.criteria    ? 
_struct_conn_type.reference   ? 
# 
loop_
_pdbx_struct_conn_angle.id 
_pdbx_struct_conn_angle.ptnr1_label_atom_id 
_pdbx_struct_conn_angle.ptnr1_label_alt_id 
_pdbx_struct_conn_angle.ptnr1_label_asym_id 
_pdbx_struct_conn_angle.ptnr1_label_comp_id 
_pdbx_struct_conn_angle.ptnr1_label_seq_id 
_pdbx_struct_conn_angle.ptnr1_auth_atom_id 
_pdbx_struct_conn_angle.ptnr1_auth_asym_id 
_pdbx_struct_conn_angle.ptnr1_auth_comp_id 
_pdbx_struct_conn_angle.ptnr1_auth_seq_id 
_pdbx_struct_conn_angle.ptnr1_PDB_ins_code 
_pdbx_struct_conn_angle.ptnr1_symmetry 
_pdbx_struct_conn_angle.ptnr2_label_atom_id 
_pdbx_struct_conn_angle.ptnr2_label_alt_id 
_pdbx_struct_conn_angle.ptnr2_label_asym_id 
_pdbx_struct_conn_angle.ptnr2_label_comp_id 
_pdbx_struct_conn_angle.ptnr2_label_seq_id 
_pdbx_struct_conn_angle.ptnr2_auth_atom_id 
_pdbx_struct_conn_angle.ptnr2_auth_asym_id 
_pdbx_struct_conn_angle.ptnr2_auth_comp_id 
_pdbx_struct_conn_angle.ptnr2_auth_seq_id 
_pdbx_struct_conn_angle.ptnr2_PDB_ins_code 
_pdbx_struct_conn_angle.ptnr2_symmetry 
_pdbx_struct_conn_angle.ptnr3_label_atom_id 
_pdbx_struct_conn_angle.ptnr3_label_alt_id 
_pdbx_struct_conn_angle.ptnr3_label_asym_id 
_pdbx_struct_conn_angle.ptnr3_label_comp_id 
_pdbx_struct_conn_angle.ptnr3_label_seq_id 
_pdbx_struct_conn_angle.ptnr3_auth_atom_id 
_pdbx_struct_conn_angle.ptnr3_auth_asym_id 
_pdbx_struct_conn_angle.ptnr3_auth_comp_id 
_pdbx_struct_conn_angle.ptnr3_auth_seq_id 
_pdbx_struct_conn_angle.ptnr3_PDB_ins_code 
_pdbx_struct_conn_angle.ptnr3_symmetry 
_pdbx_struct_conn_angle.value 
_pdbx_struct_conn_angle.value_esd 
1  O   ? A ASP 60  ? A ASP 158  ? 1_555 CA ? B CA . ? A CA 1264 ? 1_555 O   ? A GLY 92  ? A GLY 190  ? 1_555 167.5 ? 
2  O   ? A ASP 60  ? A ASP 158  ? 1_555 CA ? B CA . ? A CA 1264 ? 1_555 O   ? A GLY 94  ? A GLY 192  ? 1_555 88.5  ? 
3  O   ? A GLY 92  ? A GLY 190  ? 1_555 CA ? B CA . ? A CA 1264 ? 1_555 O   ? A GLY 94  ? A GLY 192  ? 1_555 97.7  ? 
4  O   ? A ASP 60  ? A ASP 158  ? 1_555 CA ? B CA . ? A CA 1264 ? 1_555 OD1 ? A ASP 96  ? A ASP 194  ? 1_555 86.6  ? 
5  O   ? A GLY 92  ? A GLY 190  ? 1_555 CA ? B CA . ? A CA 1264 ? 1_555 OD1 ? A ASP 96  ? A ASP 194  ? 1_555 103.7 ? 
6  O   ? A GLY 94  ? A GLY 192  ? 1_555 CA ? B CA . ? A CA 1264 ? 1_555 OD1 ? A ASP 96  ? A ASP 194  ? 1_555 92.8  ? 
7  O   ? A ASP 60  ? A ASP 158  ? 1_555 CA ? B CA . ? A CA 1264 ? 1_555 O   ? H HOH .   ? A HOH 2036 ? 1_555 89.1  ? 
8  O   ? A GLY 92  ? A GLY 190  ? 1_555 CA ? B CA . ? A CA 1264 ? 1_555 O   ? H HOH .   ? A HOH 2036 ? 1_555 83.0  ? 
9  O   ? A GLY 94  ? A GLY 192  ? 1_555 CA ? B CA . ? A CA 1264 ? 1_555 O   ? H HOH .   ? A HOH 2036 ? 1_555 170.0 ? 
10 OD1 ? A ASP 96  ? A ASP 194  ? 1_555 CA ? B CA . ? A CA 1264 ? 1_555 O   ? H HOH .   ? A HOH 2036 ? 1_555 96.7  ? 
11 O   ? A ASP 60  ? A ASP 158  ? 1_555 CA ? B CA . ? A CA 1264 ? 1_555 O   ? H HOH .   ? A HOH 2052 ? 1_555 85.4  ? 
12 O   ? A GLY 92  ? A GLY 190  ? 1_555 CA ? B CA . ? A CA 1264 ? 1_555 O   ? H HOH .   ? A HOH 2052 ? 1_555 85.5  ? 
13 O   ? A GLY 94  ? A GLY 192  ? 1_555 CA ? B CA . ? A CA 1264 ? 1_555 O   ? H HOH .   ? A HOH 2052 ? 1_555 76.7  ? 
14 OD1 ? A ASP 96  ? A ASP 194  ? 1_555 CA ? B CA . ? A CA 1264 ? 1_555 O   ? H HOH .   ? A HOH 2052 ? 1_555 167.0 ? 
15 O   ? H HOH .   ? A HOH 2036 ? 1_555 CA ? B CA . ? A CA 1264 ? 1_555 O   ? H HOH .   ? A HOH 2052 ? 1_555 93.4  ? 
16 NE2 ? A HIS 70  ? A HIS 168  ? 1_555 ZN ? D ZN . ? A ZN 1266 ? 1_555 OD2 ? A ASP 72  ? A ASP 170  ? 1_555 105.1 ? 
17 NE2 ? A HIS 70  ? A HIS 168  ? 1_555 ZN ? D ZN . ? A ZN 1266 ? 1_555 NE2 ? A HIS 85  ? A HIS 183  ? 1_555 117.7 ? 
18 OD2 ? A ASP 72  ? A ASP 170  ? 1_555 ZN ? D ZN . ? A ZN 1266 ? 1_555 NE2 ? A HIS 85  ? A HIS 183  ? 1_555 111.6 ? 
19 NE2 ? A HIS 70  ? A HIS 168  ? 1_555 ZN ? D ZN . ? A ZN 1266 ? 1_555 ND1 ? A HIS 98  ? A HIS 196  ? 1_555 109.6 ? 
20 OD2 ? A ASP 72  ? A ASP 170  ? 1_555 ZN ? D ZN . ? A ZN 1266 ? 1_555 ND1 ? A HIS 98  ? A HIS 196  ? 1_555 97.1  ? 
21 NE2 ? A HIS 85  ? A HIS 183  ? 1_555 ZN ? D ZN . ? A ZN 1266 ? 1_555 ND1 ? A HIS 98  ? A HIS 196  ? 1_555 113.5 ? 
22 OD1 ? A ASP 77  ? A ASP 175  ? 1_555 CA ? C CA . ? A CA 1265 ? 1_555 O   ? A GLY 78  ? A GLY 176  ? 1_555 90.0  ? 
23 OD1 ? A ASP 77  ? A ASP 175  ? 1_555 CA ? C CA . ? A CA 1265 ? 1_555 O   ? A GLY 80  ? A GLY 178  ? 1_555 85.9  ? 
24 O   ? A GLY 78  ? A GLY 176  ? 1_555 CA ? C CA . ? A CA 1265 ? 1_555 O   ? A GLY 80  ? A GLY 178  ? 1_555 89.3  ? 
25 OD1 ? A ASP 77  ? A ASP 175  ? 1_555 CA ? C CA . ? A CA 1265 ? 1_555 O   ? A THR 82  ? A THR 180  ? 1_555 89.1  ? 
26 O   ? A GLY 78  ? A GLY 176  ? 1_555 CA ? C CA . ? A CA 1265 ? 1_555 O   ? A THR 82  ? A THR 180  ? 1_555 175.7 ? 
27 O   ? A GLY 80  ? A GLY 178  ? 1_555 CA ? C CA . ? A CA 1265 ? 1_555 O   ? A THR 82  ? A THR 180  ? 1_555 86.4  ? 
28 OD1 ? A ASP 77  ? A ASP 175  ? 1_555 CA ? C CA . ? A CA 1265 ? 1_555 OD2 ? A ASP 100 ? A ASP 198  ? 1_555 95.2  ? 
29 O   ? A GLY 78  ? A GLY 176  ? 1_555 CA ? C CA . ? A CA 1265 ? 1_555 OD2 ? A ASP 100 ? A ASP 198  ? 1_555 88.9  ? 
30 O   ? A GLY 80  ? A GLY 178  ? 1_555 CA ? C CA . ? A CA 1265 ? 1_555 OD2 ? A ASP 100 ? A ASP 198  ? 1_555 178.0 ? 
31 O   ? A THR 82  ? A THR 180  ? 1_555 CA ? C CA . ? A CA 1265 ? 1_555 OD2 ? A ASP 100 ? A ASP 198  ? 1_555 95.3  ? 
32 OD1 ? A ASP 77  ? A ASP 175  ? 1_555 CA ? C CA . ? A CA 1265 ? 1_555 OE2 ? A GLU 103 ? A GLU 201  ? 1_555 175.0 ? 
33 O   ? A GLY 78  ? A GLY 176  ? 1_555 CA ? C CA . ? A CA 1265 ? 1_555 OE2 ? A GLU 103 ? A GLU 201  ? 1_555 89.6  ? 
34 O   ? A GLY 80  ? A GLY 178  ? 1_555 CA ? C CA . ? A CA 1265 ? 1_555 OE2 ? A GLU 103 ? A GLU 201  ? 1_555 89.1  ? 
35 O   ? A THR 82  ? A THR 180  ? 1_555 CA ? C CA . ? A CA 1265 ? 1_555 OE2 ? A GLU 103 ? A GLU 201  ? 1_555 91.0  ? 
36 OD2 ? A ASP 100 ? A ASP 198  ? 1_555 CA ? C CA . ? A CA 1265 ? 1_555 OE2 ? A GLU 103 ? A GLU 201  ? 1_555 89.8  ? 
37 NE2 ? A HIS 121 ? A HIS 219  ? 1_555 ZN ? E ZN . ? A ZN 1267 ? 1_555 NE2 ? A HIS 125 ? A HIS 223  ? 1_555 99.5  ? 
38 NE2 ? A HIS 121 ? A HIS 219  ? 1_555 ZN ? E ZN . ? A ZN 1267 ? 1_555 NE2 ? A HIS 131 ? A HIS 229  ? 1_555 115.9 ? 
39 NE2 ? A HIS 125 ? A HIS 223  ? 1_555 ZN ? E ZN . ? A ZN 1267 ? 1_555 NE2 ? A HIS 131 ? A HIS 229  ? 1_555 102.9 ? 
40 NE2 ? A HIS 121 ? A HIS 219  ? 1_555 ZN ? E ZN . ? A ZN 1267 ? 1_555 OXT ? G TQI .   ? A TQI 1269 ? 1_555 125.9 ? 
41 NE2 ? A HIS 125 ? A HIS 223  ? 1_555 ZN ? E ZN . ? A ZN 1267 ? 1_555 OXT ? G TQI .   ? A TQI 1269 ? 1_555 123.2 ? 
42 NE2 ? A HIS 131 ? A HIS 229  ? 1_555 ZN ? E ZN . ? A ZN 1267 ? 1_555 OXT ? G TQI .   ? A TQI 1269 ? 1_555 87.4  ? 
# 
loop_
_struct_sheet.id 
_struct_sheet.type 
_struct_sheet.number_strands 
_struct_sheet.details 
AA ? 5 ? 
AB ? 2 ? 
# 
loop_
_struct_sheet_order.sheet_id 
_struct_sheet_order.range_id_1 
_struct_sheet_order.range_id_2 
_struct_sheet_order.offset 
_struct_sheet_order.sense 
AA 1 2 ? parallel      
AA 2 3 ? parallel      
AA 3 4 ? parallel      
AA 4 5 ? anti-parallel 
AB 1 2 ? parallel      
# 
loop_
_struct_sheet_range.sheet_id 
_struct_sheet_range.id 
_struct_sheet_range.beg_label_comp_id 
_struct_sheet_range.beg_label_asym_id 
_struct_sheet_range.beg_label_seq_id 
_struct_sheet_range.pdbx_beg_PDB_ins_code 
_struct_sheet_range.end_label_comp_id 
_struct_sheet_range.end_label_asym_id 
_struct_sheet_range.end_label_seq_id 
_struct_sheet_range.pdbx_end_PDB_ins_code 
_struct_sheet_range.beg_auth_comp_id 
_struct_sheet_range.beg_auth_asym_id 
_struct_sheet_range.beg_auth_seq_id 
_struct_sheet_range.end_auth_comp_id 
_struct_sheet_range.end_auth_asym_id 
_struct_sheet_range.end_auth_seq_id 
AA 1 HIS A 50  ? LYS A 53  ? HIS A 148 LYS A 151 
AA 2 VAL A 15  ? ILE A 20  ? VAL A 113 ILE A 118 
AA 3 ILE A 61  ? ALA A 66  ? ILE A 159 ALA A 164 
AA 4 ALA A 97  ? ASP A 100 ? ALA A 195 ASP A 198 
AA 5 ALA A 84  ? ALA A 86  ? ALA A 182 ALA A 184 
AB 1 TRP A 105 ? THR A 106 ? TRP A 203 THR A 204 
AB 2 ILE A 113 ? ASN A 114 ? ILE A 211 ASN A 212 
# 
loop_
_pdbx_struct_sheet_hbond.sheet_id 
_pdbx_struct_sheet_hbond.range_id_1 
_pdbx_struct_sheet_hbond.range_id_2 
_pdbx_struct_sheet_hbond.range_1_label_atom_id 
_pdbx_struct_sheet_hbond.range_1_label_comp_id 
_pdbx_struct_sheet_hbond.range_1_label_asym_id 
_pdbx_struct_sheet_hbond.range_1_label_seq_id 
_pdbx_struct_sheet_hbond.range_1_PDB_ins_code 
_pdbx_struct_sheet_hbond.range_1_auth_atom_id 
_pdbx_struct_sheet_hbond.range_1_auth_comp_id 
_pdbx_struct_sheet_hbond.range_1_auth_asym_id 
_pdbx_struct_sheet_hbond.range_1_auth_seq_id 
_pdbx_struct_sheet_hbond.range_2_label_atom_id 
_pdbx_struct_sheet_hbond.range_2_label_comp_id 
_pdbx_struct_sheet_hbond.range_2_label_asym_id 
_pdbx_struct_sheet_hbond.range_2_label_seq_id 
_pdbx_struct_sheet_hbond.range_2_PDB_ins_code 
_pdbx_struct_sheet_hbond.range_2_auth_atom_id 
_pdbx_struct_sheet_hbond.range_2_auth_comp_id 
_pdbx_struct_sheet_hbond.range_2_auth_asym_id 
_pdbx_struct_sheet_hbond.range_2_auth_seq_id 
AA 1 2 N ARG A 52  ? N ARG A 150 O VAL A 16  ? O VAL A 114 
AA 2 3 N ARG A 19  ? N ARG A 117 O ILE A 61  ? O ILE A 159 
AA 3 4 N GLY A 64  ? N GLY A 162 O ALA A 97  ? O ALA A 195 
AA 4 5 N HIS A 98  ? N HIS A 196 O HIS A 85  ? O HIS A 183 
AB 1 2 N THR A 106 ? N THR A 204 O ILE A 113 ? O ILE A 211 
# 
loop_
_struct_site.id 
_struct_site.pdbx_evidence_code 
_struct_site.pdbx_auth_asym_id 
_struct_site.pdbx_auth_comp_id 
_struct_site.pdbx_auth_seq_id 
_struct_site.pdbx_auth_ins_code 
_struct_site.pdbx_num_residues 
_struct_site.details 
AC1 Software A CA  1264 ? 6  'BINDING SITE FOR RESIDUE CA A 1264'  
AC2 Software A CA  1265 ? 6  'BINDING SITE FOR RESIDUE CA A 1265'  
AC3 Software A ZN  1266 ? 4  'BINDING SITE FOR RESIDUE ZN A 1266'  
AC4 Software A ZN  1267 ? 4  'BINDING SITE FOR RESIDUE ZN A 1267'  
AC5 Software A SO4 1268 ? 7  'BINDING SITE FOR RESIDUE SO4 A 1268' 
AC6 Software A TQI 1269 ? 13 'BINDING SITE FOR RESIDUE TQI A 1269' 
# 
loop_
_struct_site_gen.id 
_struct_site_gen.site_id 
_struct_site_gen.pdbx_num_res 
_struct_site_gen.label_comp_id 
_struct_site_gen.label_asym_id 
_struct_site_gen.label_seq_id 
_struct_site_gen.pdbx_auth_ins_code 
_struct_site_gen.auth_comp_id 
_struct_site_gen.auth_asym_id 
_struct_site_gen.auth_seq_id 
_struct_site_gen.label_atom_id 
_struct_site_gen.label_alt_id 
_struct_site_gen.symmetry 
_struct_site_gen.details 
1  AC1 6  ASP A 60  ? ASP A 158  . ? 1_555 ? 
2  AC1 6  GLY A 92  ? GLY A 190  . ? 1_555 ? 
3  AC1 6  GLY A 94  ? GLY A 192  . ? 1_555 ? 
4  AC1 6  ASP A 96  ? ASP A 194  . ? 1_555 ? 
5  AC1 6  HOH H .   ? HOH A 2036 . ? 1_555 ? 
6  AC1 6  HOH H .   ? HOH A 2052 . ? 1_555 ? 
7  AC2 6  ASP A 77  ? ASP A 175  . ? 1_555 ? 
8  AC2 6  GLY A 78  ? GLY A 176  . ? 1_555 ? 
9  AC2 6  GLY A 80  ? GLY A 178  . ? 1_555 ? 
10 AC2 6  THR A 82  ? THR A 180  . ? 1_555 ? 
11 AC2 6  ASP A 100 ? ASP A 198  . ? 1_555 ? 
12 AC2 6  GLU A 103 ? GLU A 201  . ? 1_555 ? 
13 AC3 4  HIS A 70  ? HIS A 168  . ? 1_555 ? 
14 AC3 4  ASP A 72  ? ASP A 170  . ? 1_555 ? 
15 AC3 4  HIS A 85  ? HIS A 183  . ? 1_555 ? 
16 AC3 4  HIS A 98  ? HIS A 196  . ? 1_555 ? 
17 AC4 4  HIS A 121 ? HIS A 219  . ? 1_555 ? 
18 AC4 4  HIS A 125 ? HIS A 223  . ? 1_555 ? 
19 AC4 4  HIS A 131 ? HIS A 229  . ? 1_555 ? 
20 AC4 4  TQI G .   ? TQI A 1269 . ? 1_555 ? 
21 AC5 7  ALA A 69  ? ALA A 167  . ? 1_555 ? 
22 AC5 7  HIS A 70  ? HIS A 168  . ? 1_555 ? 
23 AC5 7  GLY A 71  ? GLY A 169  . ? 1_555 ? 
24 AC5 7  ASP A 72  ? ASP A 170  . ? 1_555 ? 
25 AC5 7  LEU A 83  ? LEU A 181  . ? 3_555 ? 
26 AC5 7  ILE A 113 ? ILE A 211  . ? 3_555 ? 
27 AC5 7  TYR A 143 ? TYR A 241  . ? 3_555 ? 
28 AC6 13 LEU A 83  ? LEU A 181  . ? 1_555 ? 
29 AC6 13 ALA A 84  ? ALA A 182  . ? 1_555 ? 
30 AC6 13 HIS A 85  ? HIS A 183  . ? 1_555 ? 
31 AC6 13 ALA A 86  ? ALA A 184  . ? 1_555 ? 
32 AC6 13 ALA A 118 ? ALA A 216  . ? 1_555 ? 
33 AC6 13 HIS A 121 ? HIS A 219  . ? 1_555 ? 
34 AC6 13 GLU A 122 ? GLU A 220  . ? 1_555 ? 
35 AC6 13 HIS A 125 ? HIS A 223  . ? 1_555 ? 
36 AC6 13 HIS A 131 ? HIS A 229  . ? 1_555 ? 
37 AC6 13 PRO A 141 ? PRO A 239  . ? 1_555 ? 
38 AC6 13 TYR A 143 ? TYR A 241  . ? 1_555 ? 
39 AC6 13 ZN  E .   ? ZN  A 1267 . ? 1_555 ? 
40 AC6 13 HOH H .   ? HOH A 2079 . ? 1_555 ? 
# 
loop_
_pdbx_validate_torsion.id 
_pdbx_validate_torsion.PDB_model_num 
_pdbx_validate_torsion.auth_comp_id 
_pdbx_validate_torsion.auth_asym_id 
_pdbx_validate_torsion.auth_seq_id 
_pdbx_validate_torsion.PDB_ins_code 
_pdbx_validate_torsion.label_alt_id 
_pdbx_validate_torsion.phi 
_pdbx_validate_torsion.psi 
1 1 LEU A 102 ? ? -114.31 -164.22 
2 1 ASN A 105 ? ? 95.86   12.64   
3 1 HIS A 168 ? ? -143.95 28.91   
4 1 ASN A 179 ? ? 50.87   -124.35 
5 1 ASN A 248 ? ? -160.20 104.87  
# 
loop_
_pdbx_unobs_or_zero_occ_residues.id 
_pdbx_unobs_or_zero_occ_residues.PDB_model_num 
_pdbx_unobs_or_zero_occ_residues.polymer_flag 
_pdbx_unobs_or_zero_occ_residues.occupancy_flag 
_pdbx_unobs_or_zero_occ_residues.auth_asym_id 
_pdbx_unobs_or_zero_occ_residues.auth_comp_id 
_pdbx_unobs_or_zero_occ_residues.auth_seq_id 
_pdbx_unobs_or_zero_occ_residues.PDB_ins_code 
_pdbx_unobs_or_zero_occ_residues.label_asym_id 
_pdbx_unobs_or_zero_occ_residues.label_comp_id 
_pdbx_unobs_or_zero_occ_residues.label_seq_id 
1 1 Y 1 A GLY 242 ? A GLY 144 
2 1 Y 1 A ASN 243 ? A ASN 145 
3 1 Y 1 A GLY 244 ? A GLY 146 
4 1 Y 1 A ASP 245 ? A ASP 147 
# 
loop_
_chem_comp_atom.comp_id 
_chem_comp_atom.atom_id 
_chem_comp_atom.type_symbol 
_chem_comp_atom.pdbx_aromatic_flag 
_chem_comp_atom.pdbx_stereo_config 
_chem_comp_atom.pdbx_ordinal 
ALA N    N  N N 1   
ALA CA   C  N S 2   
ALA C    C  N N 3   
ALA O    O  N N 4   
ALA CB   C  N N 5   
ALA OXT  O  N N 6   
ALA H    H  N N 7   
ALA H2   H  N N 8   
ALA HA   H  N N 9   
ALA HB1  H  N N 10  
ALA HB2  H  N N 11  
ALA HB3  H  N N 12  
ALA HXT  H  N N 13  
ARG N    N  N N 14  
ARG CA   C  N S 15  
ARG C    C  N N 16  
ARG O    O  N N 17  
ARG CB   C  N N 18  
ARG CG   C  N N 19  
ARG CD   C  N N 20  
ARG NE   N  N N 21  
ARG CZ   C  N N 22  
ARG NH1  N  N N 23  
ARG NH2  N  N N 24  
ARG OXT  O  N N 25  
ARG H    H  N N 26  
ARG H2   H  N N 27  
ARG HA   H  N N 28  
ARG HB2  H  N N 29  
ARG HB3  H  N N 30  
ARG HG2  H  N N 31  
ARG HG3  H  N N 32  
ARG HD2  H  N N 33  
ARG HD3  H  N N 34  
ARG HE   H  N N 35  
ARG HH11 H  N N 36  
ARG HH12 H  N N 37  
ARG HH21 H  N N 38  
ARG HH22 H  N N 39  
ARG HXT  H  N N 40  
ASN N    N  N N 41  
ASN CA   C  N S 42  
ASN C    C  N N 43  
ASN O    O  N N 44  
ASN CB   C  N N 45  
ASN CG   C  N N 46  
ASN OD1  O  N N 47  
ASN ND2  N  N N 48  
ASN OXT  O  N N 49  
ASN H    H  N N 50  
ASN H2   H  N N 51  
ASN HA   H  N N 52  
ASN HB2  H  N N 53  
ASN HB3  H  N N 54  
ASN HD21 H  N N 55  
ASN HD22 H  N N 56  
ASN HXT  H  N N 57  
ASP N    N  N N 58  
ASP CA   C  N S 59  
ASP C    C  N N 60  
ASP O    O  N N 61  
ASP CB   C  N N 62  
ASP CG   C  N N 63  
ASP OD1  O  N N 64  
ASP OD2  O  N N 65  
ASP OXT  O  N N 66  
ASP H    H  N N 67  
ASP H2   H  N N 68  
ASP HA   H  N N 69  
ASP HB2  H  N N 70  
ASP HB3  H  N N 71  
ASP HD2  H  N N 72  
ASP HXT  H  N N 73  
CA  CA   CA N N 74  
GLN N    N  N N 75  
GLN CA   C  N S 76  
GLN C    C  N N 77  
GLN O    O  N N 78  
GLN CB   C  N N 79  
GLN CG   C  N N 80  
GLN CD   C  N N 81  
GLN OE1  O  N N 82  
GLN NE2  N  N N 83  
GLN OXT  O  N N 84  
GLN H    H  N N 85  
GLN H2   H  N N 86  
GLN HA   H  N N 87  
GLN HB2  H  N N 88  
GLN HB3  H  N N 89  
GLN HG2  H  N N 90  
GLN HG3  H  N N 91  
GLN HE21 H  N N 92  
GLN HE22 H  N N 93  
GLN HXT  H  N N 94  
GLU N    N  N N 95  
GLU CA   C  N S 96  
GLU C    C  N N 97  
GLU O    O  N N 98  
GLU CB   C  N N 99  
GLU CG   C  N N 100 
GLU CD   C  N N 101 
GLU OE1  O  N N 102 
GLU OE2  O  N N 103 
GLU OXT  O  N N 104 
GLU H    H  N N 105 
GLU H2   H  N N 106 
GLU HA   H  N N 107 
GLU HB2  H  N N 108 
GLU HB3  H  N N 109 
GLU HG2  H  N N 110 
GLU HG3  H  N N 111 
GLU HE2  H  N N 112 
GLU HXT  H  N N 113 
GLY N    N  N N 114 
GLY CA   C  N N 115 
GLY C    C  N N 116 
GLY O    O  N N 117 
GLY OXT  O  N N 118 
GLY H    H  N N 119 
GLY H2   H  N N 120 
GLY HA2  H  N N 121 
GLY HA3  H  N N 122 
GLY HXT  H  N N 123 
HIS N    N  N N 124 
HIS CA   C  N S 125 
HIS C    C  N N 126 
HIS O    O  N N 127 
HIS CB   C  N N 128 
HIS CG   C  Y N 129 
HIS ND1  N  Y N 130 
HIS CD2  C  Y N 131 
HIS CE1  C  Y N 132 
HIS NE2  N  Y N 133 
HIS OXT  O  N N 134 
HIS H    H  N N 135 
HIS H2   H  N N 136 
HIS HA   H  N N 137 
HIS HB2  H  N N 138 
HIS HB3  H  N N 139 
HIS HD1  H  N N 140 
HIS HD2  H  N N 141 
HIS HE1  H  N N 142 
HIS HE2  H  N N 143 
HIS HXT  H  N N 144 
HOH O    O  N N 145 
HOH H1   H  N N 146 
HOH H2   H  N N 147 
ILE N    N  N N 148 
ILE CA   C  N S 149 
ILE C    C  N N 150 
ILE O    O  N N 151 
ILE CB   C  N S 152 
ILE CG1  C  N N 153 
ILE CG2  C  N N 154 
ILE CD1  C  N N 155 
ILE OXT  O  N N 156 
ILE H    H  N N 157 
ILE H2   H  N N 158 
ILE HA   H  N N 159 
ILE HB   H  N N 160 
ILE HG12 H  N N 161 
ILE HG13 H  N N 162 
ILE HG21 H  N N 163 
ILE HG22 H  N N 164 
ILE HG23 H  N N 165 
ILE HD11 H  N N 166 
ILE HD12 H  N N 167 
ILE HD13 H  N N 168 
ILE HXT  H  N N 169 
LEU N    N  N N 170 
LEU CA   C  N S 171 
LEU C    C  N N 172 
LEU O    O  N N 173 
LEU CB   C  N N 174 
LEU CG   C  N N 175 
LEU CD1  C  N N 176 
LEU CD2  C  N N 177 
LEU OXT  O  N N 178 
LEU H    H  N N 179 
LEU H2   H  N N 180 
LEU HA   H  N N 181 
LEU HB2  H  N N 182 
LEU HB3  H  N N 183 
LEU HG   H  N N 184 
LEU HD11 H  N N 185 
LEU HD12 H  N N 186 
LEU HD13 H  N N 187 
LEU HD21 H  N N 188 
LEU HD22 H  N N 189 
LEU HD23 H  N N 190 
LEU HXT  H  N N 191 
LYS N    N  N N 192 
LYS CA   C  N S 193 
LYS C    C  N N 194 
LYS O    O  N N 195 
LYS CB   C  N N 196 
LYS CG   C  N N 197 
LYS CD   C  N N 198 
LYS CE   C  N N 199 
LYS NZ   N  N N 200 
LYS OXT  O  N N 201 
LYS H    H  N N 202 
LYS H2   H  N N 203 
LYS HA   H  N N 204 
LYS HB2  H  N N 205 
LYS HB3  H  N N 206 
LYS HG2  H  N N 207 
LYS HG3  H  N N 208 
LYS HD2  H  N N 209 
LYS HD3  H  N N 210 
LYS HE2  H  N N 211 
LYS HE3  H  N N 212 
LYS HZ1  H  N N 213 
LYS HZ2  H  N N 214 
LYS HZ3  H  N N 215 
LYS HXT  H  N N 216 
MET N    N  N N 217 
MET CA   C  N S 218 
MET C    C  N N 219 
MET O    O  N N 220 
MET CB   C  N N 221 
MET CG   C  N N 222 
MET SD   S  N N 223 
MET CE   C  N N 224 
MET OXT  O  N N 225 
MET H    H  N N 226 
MET H2   H  N N 227 
MET HA   H  N N 228 
MET HB2  H  N N 229 
MET HB3  H  N N 230 
MET HG2  H  N N 231 
MET HG3  H  N N 232 
MET HE1  H  N N 233 
MET HE2  H  N N 234 
MET HE3  H  N N 235 
MET HXT  H  N N 236 
PHE N    N  N N 237 
PHE CA   C  N S 238 
PHE C    C  N N 239 
PHE O    O  N N 240 
PHE CB   C  N N 241 
PHE CG   C  Y N 242 
PHE CD1  C  Y N 243 
PHE CD2  C  Y N 244 
PHE CE1  C  Y N 245 
PHE CE2  C  Y N 246 
PHE CZ   C  Y N 247 
PHE OXT  O  N N 248 
PHE H    H  N N 249 
PHE H2   H  N N 250 
PHE HA   H  N N 251 
PHE HB2  H  N N 252 
PHE HB3  H  N N 253 
PHE HD1  H  N N 254 
PHE HD2  H  N N 255 
PHE HE1  H  N N 256 
PHE HE2  H  N N 257 
PHE HZ   H  N N 258 
PHE HXT  H  N N 259 
PRO N    N  N N 260 
PRO CA   C  N S 261 
PRO C    C  N N 262 
PRO O    O  N N 263 
PRO CB   C  N N 264 
PRO CG   C  N N 265 
PRO CD   C  N N 266 
PRO OXT  O  N N 267 
PRO H    H  N N 268 
PRO HA   H  N N 269 
PRO HB2  H  N N 270 
PRO HB3  H  N N 271 
PRO HG2  H  N N 272 
PRO HG3  H  N N 273 
PRO HD2  H  N N 274 
PRO HD3  H  N N 275 
PRO HXT  H  N N 276 
SER N    N  N N 277 
SER CA   C  N S 278 
SER C    C  N N 279 
SER O    O  N N 280 
SER CB   C  N N 281 
SER OG   O  N N 282 
SER OXT  O  N N 283 
SER H    H  N N 284 
SER H2   H  N N 285 
SER HA   H  N N 286 
SER HB2  H  N N 287 
SER HB3  H  N N 288 
SER HG   H  N N 289 
SER HXT  H  N N 290 
SO4 S    S  N N 291 
SO4 O1   O  N N 292 
SO4 O2   O  N N 293 
SO4 O3   O  N N 294 
SO4 O4   O  N N 295 
THR N    N  N N 296 
THR CA   C  N S 297 
THR C    C  N N 298 
THR O    O  N N 299 
THR CB   C  N R 300 
THR OG1  O  N N 301 
THR CG2  C  N N 302 
THR OXT  O  N N 303 
THR H    H  N N 304 
THR H2   H  N N 305 
THR HA   H  N N 306 
THR HB   H  N N 307 
THR HG1  H  N N 308 
THR HG21 H  N N 309 
THR HG22 H  N N 310 
THR HG23 H  N N 311 
THR HXT  H  N N 312 
TQI N    N  N N 313 
TQI CA   C  N S 314 
TQI C    C  N N 315 
TQI O    O  N N 316 
TQI CB   C  N N 317 
TQI CG   C  Y N 318 
TQI CD1  C  Y N 319 
TQI CD2  C  Y N 320 
TQI NE1  N  Y N 321 
TQI CE2  C  Y N 322 
TQI CE3  C  Y N 323 
TQI CZ2  C  Y N 324 
TQI CZ3  C  Y N 325 
TQI CH2  C  Y N 326 
TQI OXT  O  N N 327 
TQI S1   S  N N 328 
TQI C2   C  Y N 329 
TQI C3   C  N N 330 
TQI C7   C  Y N 331 
TQI C8   C  Y N 332 
TQI O14  O  N N 333 
TQI O15  O  N N 334 
TQI C16  C  Y N 335 
TQI C19  C  Y N 336 
TQI F20  F  N N 337 
TQI F21  F  N N 338 
TQI F22  F  N N 339 
TQI C23  C  Y N 340 
TQI CL   CL N N 341 
TQI H    H  N N 342 
TQI HA   H  N N 343 
TQI HB1C H  N N 344 
TQI HB2C H  N N 345 
TQI HD1  H  N N 346 
TQI HE1  H  N N 347 
TQI HE3  H  N N 348 
TQI HZ2  H  N N 349 
TQI HZ3  H  N N 350 
TQI HH2  H  N N 351 
TQI H8   H  N N 352 
TQI H19  H  N N 353 
TQI H23  H  N N 354 
TQI HXT  H  N N 355 
TRP N    N  N N 356 
TRP CA   C  N S 357 
TRP C    C  N N 358 
TRP O    O  N N 359 
TRP CB   C  N N 360 
TRP CG   C  Y N 361 
TRP CD1  C  Y N 362 
TRP CD2  C  Y N 363 
TRP NE1  N  Y N 364 
TRP CE2  C  Y N 365 
TRP CE3  C  Y N 366 
TRP CZ2  C  Y N 367 
TRP CZ3  C  Y N 368 
TRP CH2  C  Y N 369 
TRP OXT  O  N N 370 
TRP H    H  N N 371 
TRP H2   H  N N 372 
TRP HA   H  N N 373 
TRP HB2  H  N N 374 
TRP HB3  H  N N 375 
TRP HD1  H  N N 376 
TRP HE1  H  N N 377 
TRP HE3  H  N N 378 
TRP HZ2  H  N N 379 
TRP HZ3  H  N N 380 
TRP HH2  H  N N 381 
TRP HXT  H  N N 382 
TYR N    N  N N 383 
TYR CA   C  N S 384 
TYR C    C  N N 385 
TYR O    O  N N 386 
TYR CB   C  N N 387 
TYR CG   C  Y N 388 
TYR CD1  C  Y N 389 
TYR CD2  C  Y N 390 
TYR CE1  C  Y N 391 
TYR CE2  C  Y N 392 
TYR CZ   C  Y N 393 
TYR OH   O  N N 394 
TYR OXT  O  N N 395 
TYR H    H  N N 396 
TYR H2   H  N N 397 
TYR HA   H  N N 398 
TYR HB2  H  N N 399 
TYR HB3  H  N N 400 
TYR HD1  H  N N 401 
TYR HD2  H  N N 402 
TYR HE1  H  N N 403 
TYR HE2  H  N N 404 
TYR HH   H  N N 405 
TYR HXT  H  N N 406 
VAL N    N  N N 407 
VAL CA   C  N S 408 
VAL C    C  N N 409 
VAL O    O  N N 410 
VAL CB   C  N N 411 
VAL CG1  C  N N 412 
VAL CG2  C  N N 413 
VAL OXT  O  N N 414 
VAL H    H  N N 415 
VAL H2   H  N N 416 
VAL HA   H  N N 417 
VAL HB   H  N N 418 
VAL HG11 H  N N 419 
VAL HG12 H  N N 420 
VAL HG13 H  N N 421 
VAL HG21 H  N N 422 
VAL HG22 H  N N 423 
VAL HG23 H  N N 424 
VAL HXT  H  N N 425 
ZN  ZN   ZN N N 426 
# 
loop_
_chem_comp_bond.comp_id 
_chem_comp_bond.atom_id_1 
_chem_comp_bond.atom_id_2 
_chem_comp_bond.value_order 
_chem_comp_bond.pdbx_aromatic_flag 
_chem_comp_bond.pdbx_stereo_config 
_chem_comp_bond.pdbx_ordinal 
ALA N   CA   sing N N 1   
ALA N   H    sing N N 2   
ALA N   H2   sing N N 3   
ALA CA  C    sing N N 4   
ALA CA  CB   sing N N 5   
ALA CA  HA   sing N N 6   
ALA C   O    doub N N 7   
ALA C   OXT  sing N N 8   
ALA CB  HB1  sing N N 9   
ALA CB  HB2  sing N N 10  
ALA CB  HB3  sing N N 11  
ALA OXT HXT  sing N N 12  
ARG N   CA   sing N N 13  
ARG N   H    sing N N 14  
ARG N   H2   sing N N 15  
ARG CA  C    sing N N 16  
ARG CA  CB   sing N N 17  
ARG CA  HA   sing N N 18  
ARG C   O    doub N N 19  
ARG C   OXT  sing N N 20  
ARG CB  CG   sing N N 21  
ARG CB  HB2  sing N N 22  
ARG CB  HB3  sing N N 23  
ARG CG  CD   sing N N 24  
ARG CG  HG2  sing N N 25  
ARG CG  HG3  sing N N 26  
ARG CD  NE   sing N N 27  
ARG CD  HD2  sing N N 28  
ARG CD  HD3  sing N N 29  
ARG NE  CZ   sing N N 30  
ARG NE  HE   sing N N 31  
ARG CZ  NH1  sing N N 32  
ARG CZ  NH2  doub N N 33  
ARG NH1 HH11 sing N N 34  
ARG NH1 HH12 sing N N 35  
ARG NH2 HH21 sing N N 36  
ARG NH2 HH22 sing N N 37  
ARG OXT HXT  sing N N 38  
ASN N   CA   sing N N 39  
ASN N   H    sing N N 40  
ASN N   H2   sing N N 41  
ASN CA  C    sing N N 42  
ASN CA  CB   sing N N 43  
ASN CA  HA   sing N N 44  
ASN C   O    doub N N 45  
ASN C   OXT  sing N N 46  
ASN CB  CG   sing N N 47  
ASN CB  HB2  sing N N 48  
ASN CB  HB3  sing N N 49  
ASN CG  OD1  doub N N 50  
ASN CG  ND2  sing N N 51  
ASN ND2 HD21 sing N N 52  
ASN ND2 HD22 sing N N 53  
ASN OXT HXT  sing N N 54  
ASP N   CA   sing N N 55  
ASP N   H    sing N N 56  
ASP N   H2   sing N N 57  
ASP CA  C    sing N N 58  
ASP CA  CB   sing N N 59  
ASP CA  HA   sing N N 60  
ASP C   O    doub N N 61  
ASP C   OXT  sing N N 62  
ASP CB  CG   sing N N 63  
ASP CB  HB2  sing N N 64  
ASP CB  HB3  sing N N 65  
ASP CG  OD1  doub N N 66  
ASP CG  OD2  sing N N 67  
ASP OD2 HD2  sing N N 68  
ASP OXT HXT  sing N N 69  
GLN N   CA   sing N N 70  
GLN N   H    sing N N 71  
GLN N   H2   sing N N 72  
GLN CA  C    sing N N 73  
GLN CA  CB   sing N N 74  
GLN CA  HA   sing N N 75  
GLN C   O    doub N N 76  
GLN C   OXT  sing N N 77  
GLN CB  CG   sing N N 78  
GLN CB  HB2  sing N N 79  
GLN CB  HB3  sing N N 80  
GLN CG  CD   sing N N 81  
GLN CG  HG2  sing N N 82  
GLN CG  HG3  sing N N 83  
GLN CD  OE1  doub N N 84  
GLN CD  NE2  sing N N 85  
GLN NE2 HE21 sing N N 86  
GLN NE2 HE22 sing N N 87  
GLN OXT HXT  sing N N 88  
GLU N   CA   sing N N 89  
GLU N   H    sing N N 90  
GLU N   H2   sing N N 91  
GLU CA  C    sing N N 92  
GLU CA  CB   sing N N 93  
GLU CA  HA   sing N N 94  
GLU C   O    doub N N 95  
GLU C   OXT  sing N N 96  
GLU CB  CG   sing N N 97  
GLU CB  HB2  sing N N 98  
GLU CB  HB3  sing N N 99  
GLU CG  CD   sing N N 100 
GLU CG  HG2  sing N N 101 
GLU CG  HG3  sing N N 102 
GLU CD  OE1  doub N N 103 
GLU CD  OE2  sing N N 104 
GLU OE2 HE2  sing N N 105 
GLU OXT HXT  sing N N 106 
GLY N   CA   sing N N 107 
GLY N   H    sing N N 108 
GLY N   H2   sing N N 109 
GLY CA  C    sing N N 110 
GLY CA  HA2  sing N N 111 
GLY CA  HA3  sing N N 112 
GLY C   O    doub N N 113 
GLY C   OXT  sing N N 114 
GLY OXT HXT  sing N N 115 
HIS N   CA   sing N N 116 
HIS N   H    sing N N 117 
HIS N   H2   sing N N 118 
HIS CA  C    sing N N 119 
HIS CA  CB   sing N N 120 
HIS CA  HA   sing N N 121 
HIS C   O    doub N N 122 
HIS C   OXT  sing N N 123 
HIS CB  CG   sing N N 124 
HIS CB  HB2  sing N N 125 
HIS CB  HB3  sing N N 126 
HIS CG  ND1  sing Y N 127 
HIS CG  CD2  doub Y N 128 
HIS ND1 CE1  doub Y N 129 
HIS ND1 HD1  sing N N 130 
HIS CD2 NE2  sing Y N 131 
HIS CD2 HD2  sing N N 132 
HIS CE1 NE2  sing Y N 133 
HIS CE1 HE1  sing N N 134 
HIS NE2 HE2  sing N N 135 
HIS OXT HXT  sing N N 136 
HOH O   H1   sing N N 137 
HOH O   H2   sing N N 138 
ILE N   CA   sing N N 139 
ILE N   H    sing N N 140 
ILE N   H2   sing N N 141 
ILE CA  C    sing N N 142 
ILE CA  CB   sing N N 143 
ILE CA  HA   sing N N 144 
ILE C   O    doub N N 145 
ILE C   OXT  sing N N 146 
ILE CB  CG1  sing N N 147 
ILE CB  CG2  sing N N 148 
ILE CB  HB   sing N N 149 
ILE CG1 CD1  sing N N 150 
ILE CG1 HG12 sing N N 151 
ILE CG1 HG13 sing N N 152 
ILE CG2 HG21 sing N N 153 
ILE CG2 HG22 sing N N 154 
ILE CG2 HG23 sing N N 155 
ILE CD1 HD11 sing N N 156 
ILE CD1 HD12 sing N N 157 
ILE CD1 HD13 sing N N 158 
ILE OXT HXT  sing N N 159 
LEU N   CA   sing N N 160 
LEU N   H    sing N N 161 
LEU N   H2   sing N N 162 
LEU CA  C    sing N N 163 
LEU CA  CB   sing N N 164 
LEU CA  HA   sing N N 165 
LEU C   O    doub N N 166 
LEU C   OXT  sing N N 167 
LEU CB  CG   sing N N 168 
LEU CB  HB2  sing N N 169 
LEU CB  HB3  sing N N 170 
LEU CG  CD1  sing N N 171 
LEU CG  CD2  sing N N 172 
LEU CG  HG   sing N N 173 
LEU CD1 HD11 sing N N 174 
LEU CD1 HD12 sing N N 175 
LEU CD1 HD13 sing N N 176 
LEU CD2 HD21 sing N N 177 
LEU CD2 HD22 sing N N 178 
LEU CD2 HD23 sing N N 179 
LEU OXT HXT  sing N N 180 
LYS N   CA   sing N N 181 
LYS N   H    sing N N 182 
LYS N   H2   sing N N 183 
LYS CA  C    sing N N 184 
LYS CA  CB   sing N N 185 
LYS CA  HA   sing N N 186 
LYS C   O    doub N N 187 
LYS C   OXT  sing N N 188 
LYS CB  CG   sing N N 189 
LYS CB  HB2  sing N N 190 
LYS CB  HB3  sing N N 191 
LYS CG  CD   sing N N 192 
LYS CG  HG2  sing N N 193 
LYS CG  HG3  sing N N 194 
LYS CD  CE   sing N N 195 
LYS CD  HD2  sing N N 196 
LYS CD  HD3  sing N N 197 
LYS CE  NZ   sing N N 198 
LYS CE  HE2  sing N N 199 
LYS CE  HE3  sing N N 200 
LYS NZ  HZ1  sing N N 201 
LYS NZ  HZ2  sing N N 202 
LYS NZ  HZ3  sing N N 203 
LYS OXT HXT  sing N N 204 
MET N   CA   sing N N 205 
MET N   H    sing N N 206 
MET N   H2   sing N N 207 
MET CA  C    sing N N 208 
MET CA  CB   sing N N 209 
MET CA  HA   sing N N 210 
MET C   O    doub N N 211 
MET C   OXT  sing N N 212 
MET CB  CG   sing N N 213 
MET CB  HB2  sing N N 214 
MET CB  HB3  sing N N 215 
MET CG  SD   sing N N 216 
MET CG  HG2  sing N N 217 
MET CG  HG3  sing N N 218 
MET SD  CE   sing N N 219 
MET CE  HE1  sing N N 220 
MET CE  HE2  sing N N 221 
MET CE  HE3  sing N N 222 
MET OXT HXT  sing N N 223 
PHE N   CA   sing N N 224 
PHE N   H    sing N N 225 
PHE N   H2   sing N N 226 
PHE CA  C    sing N N 227 
PHE CA  CB   sing N N 228 
PHE CA  HA   sing N N 229 
PHE C   O    doub N N 230 
PHE C   OXT  sing N N 231 
PHE CB  CG   sing N N 232 
PHE CB  HB2  sing N N 233 
PHE CB  HB3  sing N N 234 
PHE CG  CD1  doub Y N 235 
PHE CG  CD2  sing Y N 236 
PHE CD1 CE1  sing Y N 237 
PHE CD1 HD1  sing N N 238 
PHE CD2 CE2  doub Y N 239 
PHE CD2 HD2  sing N N 240 
PHE CE1 CZ   doub Y N 241 
PHE CE1 HE1  sing N N 242 
PHE CE2 CZ   sing Y N 243 
PHE CE2 HE2  sing N N 244 
PHE CZ  HZ   sing N N 245 
PHE OXT HXT  sing N N 246 
PRO N   CA   sing N N 247 
PRO N   CD   sing N N 248 
PRO N   H    sing N N 249 
PRO CA  C    sing N N 250 
PRO CA  CB   sing N N 251 
PRO CA  HA   sing N N 252 
PRO C   O    doub N N 253 
PRO C   OXT  sing N N 254 
PRO CB  CG   sing N N 255 
PRO CB  HB2  sing N N 256 
PRO CB  HB3  sing N N 257 
PRO CG  CD   sing N N 258 
PRO CG  HG2  sing N N 259 
PRO CG  HG3  sing N N 260 
PRO CD  HD2  sing N N 261 
PRO CD  HD3  sing N N 262 
PRO OXT HXT  sing N N 263 
SER N   CA   sing N N 264 
SER N   H    sing N N 265 
SER N   H2   sing N N 266 
SER CA  C    sing N N 267 
SER CA  CB   sing N N 268 
SER CA  HA   sing N N 269 
SER C   O    doub N N 270 
SER C   OXT  sing N N 271 
SER CB  OG   sing N N 272 
SER CB  HB2  sing N N 273 
SER CB  HB3  sing N N 274 
SER OG  HG   sing N N 275 
SER OXT HXT  sing N N 276 
SO4 S   O1   doub N N 277 
SO4 S   O2   doub N N 278 
SO4 S   O3   sing N N 279 
SO4 S   O4   sing N N 280 
THR N   CA   sing N N 281 
THR N   H    sing N N 282 
THR N   H2   sing N N 283 
THR CA  C    sing N N 284 
THR CA  CB   sing N N 285 
THR CA  HA   sing N N 286 
THR C   O    doub N N 287 
THR C   OXT  sing N N 288 
THR CB  OG1  sing N N 289 
THR CB  CG2  sing N N 290 
THR CB  HB   sing N N 291 
THR OG1 HG1  sing N N 292 
THR CG2 HG21 sing N N 293 
THR CG2 HG22 sing N N 294 
THR CG2 HG23 sing N N 295 
THR OXT HXT  sing N N 296 
TQI N   CA   sing N N 297 
TQI N   S1   sing N N 298 
TQI CA  C    sing N N 299 
TQI CA  CB   sing N N 300 
TQI C   O    doub N N 301 
TQI C   OXT  sing N N 302 
TQI CB  CG   sing N N 303 
TQI CG  CD1  doub Y N 304 
TQI CG  CD2  sing Y N 305 
TQI CD1 NE1  sing Y N 306 
TQI CD2 CE2  sing Y N 307 
TQI CD2 CE3  doub Y N 308 
TQI NE1 CE2  sing Y N 309 
TQI CE2 CZ2  doub Y N 310 
TQI CE3 CZ3  sing Y N 311 
TQI CZ2 CH2  sing Y N 312 
TQI CZ3 CH2  doub Y N 313 
TQI S1  C7   sing N N 314 
TQI S1  O14  doub N N 315 
TQI S1  O15  doub N N 316 
TQI C2  C3   sing N N 317 
TQI C2  C8   doub Y N 318 
TQI C2  C16  sing Y N 319 
TQI C3  F20  sing N N 320 
TQI C3  F21  sing N N 321 
TQI C3  F22  sing N N 322 
TQI C7  C8   sing Y N 323 
TQI C7  C19  doub Y N 324 
TQI C16 C23  doub Y N 325 
TQI C16 CL   sing N N 326 
TQI C19 C23  sing Y N 327 
TQI OXT HXT  sing N N 328 
TQI N   H    sing N N 329 
TQI CA  HA   sing N N 330 
TQI CB  HB1C sing N N 331 
TQI CB  HB2C sing N N 332 
TQI CD1 HD1  sing N N 333 
TQI NE1 HE1  sing N N 334 
TQI CE3 HE3  sing N N 335 
TQI CZ2 HZ2  sing N N 336 
TQI CZ3 HZ3  sing N N 337 
TQI CH2 HH2  sing N N 338 
TQI C8  H8   sing N N 339 
TQI C19 H19  sing N N 340 
TQI C23 H23  sing N N 341 
TRP N   CA   sing N N 342 
TRP N   H    sing N N 343 
TRP N   H2   sing N N 344 
TRP CA  C    sing N N 345 
TRP CA  CB   sing N N 346 
TRP CA  HA   sing N N 347 
TRP C   O    doub N N 348 
TRP C   OXT  sing N N 349 
TRP CB  CG   sing N N 350 
TRP CB  HB2  sing N N 351 
TRP CB  HB3  sing N N 352 
TRP CG  CD1  doub Y N 353 
TRP CG  CD2  sing Y N 354 
TRP CD1 NE1  sing Y N 355 
TRP CD1 HD1  sing N N 356 
TRP CD2 CE2  doub Y N 357 
TRP CD2 CE3  sing Y N 358 
TRP NE1 CE2  sing Y N 359 
TRP NE1 HE1  sing N N 360 
TRP CE2 CZ2  sing Y N 361 
TRP CE3 CZ3  doub Y N 362 
TRP CE3 HE3  sing N N 363 
TRP CZ2 CH2  doub Y N 364 
TRP CZ2 HZ2  sing N N 365 
TRP CZ3 CH2  sing Y N 366 
TRP CZ3 HZ3  sing N N 367 
TRP CH2 HH2  sing N N 368 
TRP OXT HXT  sing N N 369 
TYR N   CA   sing N N 370 
TYR N   H    sing N N 371 
TYR N   H2   sing N N 372 
TYR CA  C    sing N N 373 
TYR CA  CB   sing N N 374 
TYR CA  HA   sing N N 375 
TYR C   O    doub N N 376 
TYR C   OXT  sing N N 377 
TYR CB  CG   sing N N 378 
TYR CB  HB2  sing N N 379 
TYR CB  HB3  sing N N 380 
TYR CG  CD1  doub Y N 381 
TYR CG  CD2  sing Y N 382 
TYR CD1 CE1  sing Y N 383 
TYR CD1 HD1  sing N N 384 
TYR CD2 CE2  doub Y N 385 
TYR CD2 HD2  sing N N 386 
TYR CE1 CZ   doub Y N 387 
TYR CE1 HE1  sing N N 388 
TYR CE2 CZ   sing Y N 389 
TYR CE2 HE2  sing N N 390 
TYR CZ  OH   sing N N 391 
TYR OH  HH   sing N N 392 
TYR OXT HXT  sing N N 393 
VAL N   CA   sing N N 394 
VAL N   H    sing N N 395 
VAL N   H2   sing N N 396 
VAL CA  C    sing N N 397 
VAL CA  CB   sing N N 398 
VAL CA  HA   sing N N 399 
VAL C   O    doub N N 400 
VAL C   OXT  sing N N 401 
VAL CB  CG1  sing N N 402 
VAL CB  CG2  sing N N 403 
VAL CB  HB   sing N N 404 
VAL CG1 HG11 sing N N 405 
VAL CG1 HG12 sing N N 406 
VAL CG1 HG13 sing N N 407 
VAL CG2 HG21 sing N N 408 
VAL CG2 HG22 sing N N 409 
VAL CG2 HG23 sing N N 410 
VAL OXT HXT  sing N N 411 
# 
_atom_sites.entry_id                    2Y6C 
_atom_sites.fract_transf_matrix[1][1]   -0.00215846 
_atom_sites.fract_transf_matrix[1][2]   0.00218311 
_atom_sites.fract_transf_matrix[1][3]   -0.01267655 
_atom_sites.fract_transf_matrix[2][1]   0.00403873 
_atom_sites.fract_transf_matrix[2][2]   0.01231879 
_atom_sites.fract_transf_matrix[2][3]   0.00143381 
_atom_sites.fract_transf_matrix[3][1]   0.01529043 
_atom_sites.fract_transf_matrix[3][2]   -0.00461740 
_atom_sites.fract_transf_matrix[3][3]   -0.00339872 
_atom_sites.fract_transf_vector[1]      -0.114100 
_atom_sites.fract_transf_vector[2]      -0.298902 
_atom_sites.fract_transf_vector[3]      0.000310 
# 
loop_
_atom_type.symbol 
C  
CA 
CL 
F  
N  
O  
S  
ZN 
# 
loop_
_atom_site.group_PDB 
_atom_site.id 
_atom_site.type_symbol 
_atom_site.label_atom_id 
_atom_site.label_alt_id 
_atom_site.label_comp_id 
_atom_site.label_asym_id 
_atom_site.label_entity_id 
_atom_site.label_seq_id 
_atom_site.pdbx_PDB_ins_code 
_atom_site.Cartn_x 
_atom_site.Cartn_y 
_atom_site.Cartn_z 
_atom_site.occupancy 
_atom_site.B_iso_or_equiv 
_atom_site.pdbx_formal_charge 
_atom_site.auth_seq_id 
_atom_site.auth_comp_id 
_atom_site.auth_asym_id 
_atom_site.auth_atom_id 
_atom_site.pdbx_PDB_model_num 
ATOM   1    N  N   . GLY A 1 1   ? -15.590 -3.169  13.078  1.00   29.24 ? 99   GLY A N   1 
ATOM   2    C  CA  . GLY A 1 1   ? -14.188 -3.595  12.811  1.00   28.71 ? 99   GLY A CA  1 
ATOM   3    C  C   . GLY A 1 1   ? -13.764 -3.309  11.382  1.00   28.60 ? 99   GLY A C   1 
ATOM   4    O  O   . GLY A 1 1   ? -14.108 -2.268  10.817  1.00   28.38 ? 99   GLY A O   1 
ATOM   5    N  N   . TYR A 1 2   ? -13.019 -4.247  10.802  1.00   28.50 ? 100  TYR A N   1 
ATOM   6    C  CA  . TYR A 1 2   ? -12.507 -4.132  9.441   1.00   28.36 ? 100  TYR A CA  1 
ATOM   7    C  C   . TYR A 1 2   ? -13.615 -4.097  8.395   1.00   28.76 ? 100  TYR A C   1 
ATOM   8    O  O   . TYR A 1 2   ? -14.789 -4.351  8.688   1.00   28.41 ? 100  TYR A O   1 
ATOM   9    C  CB  . TYR A 1 2   ? -11.606 -5.330  9.129   1.00   28.29 ? 100  TYR A CB  1 
ATOM   10   C  CG  . TYR A 1 2   ? -12.369 -6.634  9.074   1.00   27.79 ? 100  TYR A CG  1 
ATOM   11   C  CD1 . TYR A 1 2   ? -13.029 -7.023  7.912   1.00   28.23 ? 100  TYR A CD1 1 
ATOM   12   C  CD2 . TYR A 1 2   ? -12.436 -7.474  10.182  1.00   28.33 ? 100  TYR A CD2 1 
ATOM   13   C  CE1 . TYR A 1 2   ? -13.743 -8.210  7.854   1.00   28.15 ? 100  TYR A CE1 1 
ATOM   14   C  CE2 . TYR A 1 2   ? -13.150 -8.666  10.131  1.00   28.33 ? 100  TYR A CE2 1 
ATOM   15   C  CZ  . TYR A 1 2   ? -13.801 -9.024  8.963   1.00   28.32 ? 100  TYR A CZ  1 
ATOM   16   O  OH  . TYR A 1 2   ? -14.506 -10.210 8.896   1.00   30.28 ? 100  TYR A OH  1 
ATOM   17   N  N   . SER A 1 3   ? -13.226 -3.788  7.164   1.00   28.95 ? 101  SER A N   1 
ATOM   18   C  CA  . SER A 1 3   ? -14.146 -3.791  6.043   0.50   29.43 ? 101  SER A CA  1 
ATOM   19   C  C   . SER A 1 3   ? -13.373 -4.200  4.799   1.00   30.03 ? 101  SER A C   1 
ATOM   20   O  O   . SER A 1 3   ? -12.143 -4.140  4.776   1.00   29.74 ? 101  SER A O   1 
ATOM   21   C  CB  . SER A 1 3   ? -14.766 -2.411  5.836   0.50   29.35 ? 101  SER A CB  1 
ATOM   22   O  OG  . SER A 1 3   ? -13.801 -1.492  5.371   0.50   29.16 ? 101  SER A OG  1 
ATOM   23   N  N   . LEU A 1 4   ? -14.100 -4.638  3.778   1.00   30.67 ? 102  LEU A N   1 
ATOM   24   C  CA  . LEU A 1 4   ? -13.499 -5.011  2.512   1.00   31.68 ? 102  LEU A CA  1 
ATOM   25   C  C   . LEU A 1 4   ? -14.013 -4.004  1.493   1.00   32.07 ? 102  LEU A C   1 
ATOM   26   O  O   . LEU A 1 4   ? -14.529 -2.958  1.875   1.00   32.28 ? 102  LEU A O   1 
ATOM   27   C  CB  . LEU A 1 4   ? -13.905 -6.431  2.127   1.00   31.72 ? 102  LEU A CB  1 
ATOM   28   C  CG  . LEU A 1 4   ? -13.650 -7.496  3.197   1.00   32.30 ? 102  LEU A CG  1 
ATOM   29   C  CD1 . LEU A 1 4   ? -13.998 -8.884  2.661   1.00   32.92 ? 102  LEU A CD1 1 
ATOM   30   C  CD2 . LEU A 1 4   ? -12.207 -7.447  3.674   1.00   33.49 ? 102  LEU A CD2 1 
ATOM   31   N  N   . PHE A 1 5   ? -13.875 -4.302  0.207   1.00   32.92 ? 103  PHE A N   1 
ATOM   32   C  CA  . PHE A 1 5   ? -14.399 -3.407  -0.827  1.00   33.58 ? 103  PHE A CA  1 
ATOM   33   C  C   . PHE A 1 5   ? -15.777 -3.877  -1.286  1.00   34.08 ? 103  PHE A C   1 
ATOM   34   O  O   . PHE A 1 5   ? -16.085 -5.068  -1.220  1.00   34.10 ? 103  PHE A O   1 
ATOM   35   C  CB  . PHE A 1 5   ? -13.447 -3.307  -2.026  1.00   33.69 ? 103  PHE A CB  1 
ATOM   36   C  CG  . PHE A 1 5   ? -12.294 -2.365  -1.816  1.00   33.74 ? 103  PHE A CG  1 
ATOM   37   C  CD1 . PHE A 1 5   ? -12.413 -1.025  -2.157  1.00   33.91 ? 103  PHE A CD1 1 
ATOM   38   C  CD2 . PHE A 1 5   ? -11.092 -2.816  -1.296  1.00   34.19 ? 103  PHE A CD2 1 
ATOM   39   C  CE1 . PHE A 1 5   ? -11.355 -0.147  -1.973  1.00   34.23 ? 103  PHE A CE1 1 
ATOM   40   C  CE2 . PHE A 1 5   ? -10.027 -1.942  -1.107  1.00   33.03 ? 103  PHE A CE2 1 
ATOM   41   C  CZ  . PHE A 1 5   ? -10.159 -0.608  -1.443  1.00   33.25 ? 103  PHE A CZ  1 
ATOM   42   N  N   . PRO A 1 6   ? -16.613 -2.938  -1.756  1.00   34.59 ? 104  PRO A N   1 
ATOM   43   C  CA  . PRO A 1 6   ? -17.936 -3.329  -2.224  1.00   34.97 ? 104  PRO A CA  1 
ATOM   44   C  C   . PRO A 1 6   ? -17.834 -4.475  -3.219  1.00   35.06 ? 104  PRO A C   1 
ATOM   45   O  O   . PRO A 1 6   ? -17.306 -4.296  -4.317  1.00   35.40 ? 104  PRO A O   1 
ATOM   46   C  CB  . PRO A 1 6   ? -18.444 -2.070  -2.933  1.00   35.14 ? 104  PRO A CB  1 
ATOM   47   C  CG  . PRO A 1 6   ? -17.710 -0.948  -2.282  1.00   35.12 ? 104  PRO A CG  1 
ATOM   48   C  CD  . PRO A 1 6   ? -16.360 -1.495  -1.917  1.00   34.64 ? 104  PRO A CD  1 
ATOM   49   N  N   . ASN A 1 7   ? -18.310 -5.650  -2.824  1.00   35.00 ? 105  ASN A N   1 
ATOM   50   C  CA  . ASN A 1 7   ? -18.305 -6.820  -3.697  1.00   34.63 ? 105  ASN A CA  1 
ATOM   51   C  C   . ASN A 1 7   ? -17.092 -7.733  -3.469  1.00   33.94 ? 105  ASN A C   1 
ATOM   52   O  O   . ASN A 1 7   ? -16.808 -8.623  -4.273  1.00   34.14 ? 105  ASN A O   1 
ATOM   53   C  CB  . ASN A 1 7   ? -18.397 -6.386  -5.159  1.00   35.10 ? 105  ASN A CB  1 
ATOM   54   C  CG  . ASN A 1 7   ? -18.977 -7.460  -6.048  1.00   36.19 ? 105  ASN A CG  1 
ATOM   55   O  OD1 . ASN A 1 7   ? -19.581 -8.423  -5.567  1.00   38.69 ? 105  ASN A OD1 1 
ATOM   56   N  ND2 . ASN A 1 7   ? -18.823 -7.293  -7.354  1.00   37.87 ? 105  ASN A ND2 1 
ATOM   57   N  N   . SER A 1 8   ? -16.379 -7.492  -2.372  1.00   32.96 ? 106  SER A N   1 
ATOM   58   C  CA  . SER A 1 8   ? -15.221 -8.299  -1.981  0.50   31.66 ? 106  SER A CA  1 
ATOM   59   C  C   . SER A 1 8   ? -14.217 -8.605  -3.090  1.00   30.92 ? 106  SER A C   1 
ATOM   60   O  O   . SER A 1 8   ? -13.871 -9.766  -3.315  1.00   30.63 ? 106  SER A O   1 
ATOM   61   C  CB  . SER A 1 8   ? -15.688 -9.613  -1.349  0.50   31.71 ? 106  SER A CB  1 
ATOM   62   O  OG  . SER A 1 8   ? -16.456 -9.366  -0.187  0.50   31.60 ? 106  SER A OG  1 
ATOM   63   N  N   . PRO A 1 9   ? -13.733 -7.571  -3.790  1.00   29.90 ? 107  PRO A N   1 
ATOM   64   C  CA  . PRO A 1 9   ? -12.745 -7.898  -4.804  1.00   29.23 ? 107  PRO A CA  1 
ATOM   65   C  C   . PRO A 1 9   ? -11.503 -8.443  -4.111  1.00   28.36 ? 107  PRO A C   1 
ATOM   66   O  O   . PRO A 1 9   ? -11.173 -7.994  -3.018  1.00   28.34 ? 107  PRO A O   1 
ATOM   67   C  CB  . PRO A 1 9   ? -12.447 -6.543  -5.458  1.00   29.34 ? 107  PRO A CB  1 
ATOM   68   C  CG  . PRO A 1 9   ? -12.836 -5.531  -4.439  1.00   29.63 ? 107  PRO A CG  1 
ATOM   69   C  CD  . PRO A 1 9   ? -13.992 -6.125  -3.699  1.00   30.22 ? 107  PRO A CD  1 
ATOM   70   N  N   . LYS A 1 10  ? -10.844 -9.419  -4.729  1.00   27.51 ? 108  LYS A N   1 
ATOM   71   C  CA  . LYS A 1 10  ? -9.627  -10.006 -4.171  1.00   26.55 ? 108  LYS A CA  1 
ATOM   72   C  C   . LYS A 1 10  ? -8.812  -10.589 -5.305  1.00   26.06 ? 108  LYS A C   1 
ATOM   73   O  O   . LYS A 1 10  ? -9.344  -10.827 -6.390  1.00   26.14 ? 108  LYS A O   1 
ATOM   74   C  CB  . LYS A 1 10  ? -9.960  -11.131 -3.186  1.00   26.92 ? 108  LYS A CB  1 
ATOM   75   C  CG  . LYS A 1 10  ? -10.682 -12.308 -3.844  1.00   26.49 ? 108  LYS A CG  1 
ATOM   76   C  CD  . LYS A 1 10  ? -10.908 -13.480 -2.884  1.00   28.00 ? 108  LYS A CD  1 
ATOM   77   C  CE  . LYS A 1 10  ? -9.599  -14.163 -2.517  1.00   27.91 ? 108  LYS A CE  1 
ATOM   78   N  NZ  . LYS A 1 10  ? -9.857  -15.412 -1.747  1.00   30.44 ? 108  LYS A NZ  1 
ATOM   79   N  N   . TRP A 1 11  ? -7.529  -10.829 -5.066  1.00   25.10 ? 109  TRP A N   1 
ATOM   80   C  CA  . TRP A 1 11  ? -6.696  -11.454 -6.080  1.00   24.81 ? 109  TRP A CA  1 
ATOM   81   C  C   . TRP A 1 11  ? -7.102  -12.927 -6.128  1.00   25.26 ? 109  TRP A C   1 
ATOM   82   O  O   . TRP A 1 11  ? -7.173  -13.583 -5.097  1.00   25.07 ? 109  TRP A O   1 
ATOM   83   C  CB  . TRP A 1 11  ? -5.205  -11.287 -5.773  1.00   24.10 ? 109  TRP A CB  1 
ATOM   84   C  CG  . TRP A 1 11  ? -4.765  -9.836  -5.757  1.00   22.39 ? 109  TRP A CG  1 
ATOM   85   C  CD1 . TRP A 1 11  ? -4.426  -9.088  -4.664  1.00   21.16 ? 109  TRP A CD1 1 
ATOM   86   C  CD2 . TRP A 1 11  ? -4.667  -8.960  -6.888  1.00   21.82 ? 109  TRP A CD2 1 
ATOM   87   N  NE1 . TRP A 1 11  ? -4.091  -7.806  -5.053  1.00   19.74 ? 109  TRP A NE1 1 
ATOM   88   C  CE2 . TRP A 1 11  ? -4.248  -7.700  -6.409  1.00   20.64 ? 109  TRP A CE2 1 
ATOM   89   C  CE3 . TRP A 1 11  ? -4.885  -9.121  -8.261  1.00   21.95 ? 109  TRP A CE3 1 
ATOM   90   C  CZ2 . TRP A 1 11  ? -4.036  -6.614  -7.255  1.00   20.79 ? 109  TRP A CZ2 1 
ATOM   91   C  CZ3 . TRP A 1 11  ? -4.682  -8.038  -9.099  1.00   21.57 ? 109  TRP A CZ3 1 
ATOM   92   C  CH2 . TRP A 1 11  ? -4.259  -6.799  -8.593  1.00   20.59 ? 109  TRP A CH2 1 
ATOM   93   N  N   . THR A 1 12  ? -7.384  -13.417 -7.329  1.00   25.98 ? 110  THR A N   1 
ATOM   94   C  CA  . THR A 1 12  ? -7.857  -14.789 -7.531  1.00   27.05 ? 110  THR A CA  1 
ATOM   95   C  C   . THR A 1 12  ? -6.756  -15.786 -7.860  1.00   27.11 ? 110  THR A C   1 
ATOM   96   O  O   . THR A 1 12  ? -6.970  -16.998 -7.789  1.00   27.30 ? 110  THR A O   1 
ATOM   97   C  CB  . THR A 1 12  ? -8.915  -14.839 -8.648  1.00   27.00 ? 110  THR A CB  1 
ATOM   98   O  OG1 . THR A 1 12  ? -8.412  -14.171 -9.810  1.00   28.61 ? 110  THR A OG1 1 
ATOM   99   C  CG2 . THR A 1 12  ? -10.195 -14.150 -8.205  1.00   27.47 ? 110  THR A CG2 1 
ATOM   100  N  N   . SER A 1 13  ? -5.585  -15.285 -8.228  1.00   27.13 ? 111  SER A N   1 
ATOM   101  C  CA  . SER A 1 13  ? -4.470  -16.157 -8.549  1.00   27.74 ? 111  SER A CA  1 
ATOM   102  C  C   . SER A 1 13  ? -3.622  -16.416 -7.312  1.00   27.68 ? 111  SER A C   1 
ATOM   103  O  O   . SER A 1 13  ? -3.643  -15.639 -6.358  1.00   27.61 ? 111  SER A O   1 
ATOM   104  C  CB  . SER A 1 13  ? -3.624  -15.568 -9.684  1.00   27.74 ? 111  SER A CB  1 
ATOM   105  O  OG  . SER A 1 13  ? -3.138  -14.283 -9.349  1.00   28.77 ? 111  SER A OG  1 
ATOM   106  N  N   . LYS A 1 14  ? -2.879  -17.517 -7.327  1.00   28.03 ? 112  LYS A N   1 
ATOM   107  C  CA  . LYS A 1 14  ? -2.029  -17.886 -6.202  1.00   28.14 ? 112  LYS A CA  1 
ATOM   108  C  C   . LYS A 1 14  ? -0.848  -16.933 -6.064  1.00   27.96 ? 112  LYS A C   1 
ATOM   109  O  O   . LYS A 1 14  ? -0.285  -16.772 -4.974  1.00   27.67 ? 112  LYS A O   1 
ATOM   110  C  CB  . LYS A 1 14  ? -1.510  -19.320 -6.371  1.00   28.49 ? 112  LYS A CB  1 
ATOM   111  C  CG  . LYS A 1 14  ? -2.594  -20.396 -6.443  1.00   30.06 ? 112  LYS A CG  1 
ATOM   112  C  CD  . LYS A 1 14  ? -3.397  -20.441 -5.160  1.00   32.76 ? 112  LYS A CD  1 
ATOM   113  C  CE  . LYS A 1 14  ? -2.497  -20.712 -3.964  1.00   34.26 ? 112  LYS A CE  1 
ATOM   114  N  NZ  . LYS A 1 14  ? -3.257  -20.733 -2.681  1.00   35.49 ? 112  LYS A NZ  1 
ATOM   115  N  N   . VAL A 1 15  ? -0.468  -16.313 -7.179  1.00   27.28 ? 113  VAL A N   1 
ATOM   116  C  CA  . VAL A 1 15  ? 0.654   -15.390 -7.182  1.00   26.82 ? 113  VAL A CA  1 
ATOM   117  C  C   . VAL A 1 15  ? 0.256   -14.038 -7.763  1.00   25.91 ? 113  VAL A C   1 
ATOM   118  O  O   . VAL A 1 15  ? -0.480  -13.958 -8.748  1.00   26.18 ? 113  VAL A O   1 
ATOM   119  C  CB  . VAL A 1 15  ? 1.851   -15.960 -7.982  1.00   27.01 ? 113  VAL A CB  1 
ATOM   120  C  CG1 . VAL A 1 15  ? 3.037   -15.008 -7.924  1.00   27.29 ? 113  VAL A CG1 1 
ATOM   121  C  CG2 . VAL A 1 15  ? 2.239   -17.316 -7.443  1.00   27.46 ? 113  VAL A CG2 1 
ATOM   122  N  N   . VAL A 1 16  ? 0.745   -12.979 -7.129  1.00   25.27 ? 114  VAL A N   1 
ATOM   123  C  CA  . VAL A 1 16  ? 0.491   -11.618 -7.559  0.50   24.00 ? 114  VAL A CA  1 
ATOM   124  C  C   . VAL A 1 16  ? 1.838   -10.936 -7.746  1.00   23.39 ? 114  VAL A C   1 
ATOM   125  O  O   . VAL A 1 16  ? 2.682   -10.966 -6.856  1.00   23.09 ? 114  VAL A O   1 
ATOM   126  C  CB  . VAL A 1 16  ? -0.314  -10.840 -6.505  0.50   24.26 ? 114  VAL A CB  1 
ATOM   127  C  CG1 . VAL A 1 16  ? -0.546  -9.411  -6.962  0.50   23.97 ? 114  VAL A CG1 1 
ATOM   128  C  CG2 . VAL A 1 16  ? -1.636  -11.537 -6.218  0.50   23.94 ? 114  VAL A CG2 1 
ATOM   129  N  N   . THR A 1 17  ? 2.045   -10.331 -8.907  1.00   22.49 ? 115  THR A N   1 
ATOM   130  C  CA  . THR A 1 17  ? 3.299   -9.655  -9.176  1.00   21.81 ? 115  THR A CA  1 
ATOM   131  C  C   . THR A 1 17  ? 3.199   -8.196  -8.756  1.00   21.48 ? 115  THR A C   1 
ATOM   132  O  O   . THR A 1 17  ? 2.106   -7.636  -8.725  1.00   20.87 ? 115  THR A O   1 
ATOM   133  C  CB  . THR A 1 17  ? 3.657   -9.715  -10.667 1.00   21.51 ? 115  THR A CB  1 
ATOM   134  O  OG1 . THR A 1 17  ? 2.596   -9.135  -11.436 1.00   21.24 ? 115  THR A OG1 1 
ATOM   135  C  CG2 . THR A 1 17  ? 3.853   -11.161 -11.111 1.00   21.60 ? 115  THR A CG2 1 
ATOM   136  N  N   . TYR A 1 18  ? 4.334   -7.595  -8.414  1.00   21.01 ? 116  TYR A N   1 
ATOM   137  C  CA  . TYR A 1 18  ? 4.351   -6.176  -8.069  1.00   20.98 ? 116  TYR A CA  1 
ATOM   138  C  C   . TYR A 1 18  ? 5.604   -5.515  -8.608  1.00   20.82 ? 116  TYR A C   1 
ATOM   139  O  O   . TYR A 1 18  ? 6.629   -6.167  -8.803  1.00   21.47 ? 116  TYR A O   1 
ATOM   140  C  CB  . TYR A 1 18  ? 4.218   -5.938  -6.560  1.00   20.89 ? 116  TYR A CB  1 
ATOM   141  C  CG  . TYR A 1 18  ? 5.461   -6.232  -5.743  1.00   20.88 ? 116  TYR A CG  1 
ATOM   142  C  CD1 . TYR A 1 18  ? 5.722   -7.512  -5.269  1.00   21.68 ? 116  TYR A CD1 1 
ATOM   143  C  CD2 . TYR A 1 18  ? 6.371   -5.222  -5.447  1.00   21.87 ? 116  TYR A CD2 1 
ATOM   144  C  CE1 . TYR A 1 18  ? 6.858   -7.774  -4.513  1.00   22.10 ? 116  TYR A CE1 1 
ATOM   145  C  CE2 . TYR A 1 18  ? 7.504   -5.470  -4.693  1.00   21.26 ? 116  TYR A CE2 1 
ATOM   146  C  CZ  . TYR A 1 18  ? 7.744   -6.746  -4.231  1.00   22.84 ? 116  TYR A CZ  1 
ATOM   147  O  OH  . TYR A 1 18  ? 8.866   -6.987  -3.486  1.00   22.17 ? 116  TYR A OH  1 
ATOM   148  N  N   . ARG A 1 19  ? 5.510   -4.216  -8.863  1.00   20.70 ? 117  ARG A N   1 
ATOM   149  C  CA  . ARG A 1 19  ? 6.636   -3.464  -9.383  1.00   20.33 ? 117  ARG A CA  1 
ATOM   150  C  C   . ARG A 1 19  ? 6.653   -2.068  -8.772  1.00   20.12 ? 117  ARG A C   1 
ATOM   151  O  O   . ARG A 1 19  ? 5.613   -1.397  -8.704  1.00   19.96 ? 117  ARG A O   1 
ATOM   152  C  CB  . ARG A 1 19  ? 6.541   -3.335  -10.909 1.00   20.39 ? 117  ARG A CB  1 
ATOM   153  C  CG  . ARG A 1 19  ? 7.638   -2.448  -11.517 1.00   21.13 ? 117  ARG A CG  1 
ATOM   154  C  CD  . ARG A 1 19  ? 7.369   -2.085  -12.984 1.00   21.08 ? 117  ARG A CD  1 
ATOM   155  N  NE  . ARG A 1 19  ? 8.275   -1.020  -13.416 1.00   22.68 ? 117  ARG A NE  1 
ATOM   156  C  CZ  . ARG A 1 19  ? 8.103   -0.269  -14.496 1.00   24.02 ? 117  ARG A CZ  1 
ATOM   157  N  NH1 . ARG A 1 19  ? 7.046   -0.442  -15.278 1.00   24.34 ? 117  ARG A NH1 1 
ATOM   158  N  NH2 . ARG A 1 19  ? 8.986   0.674   -14.785 1.00   25.27 ? 117  ARG A NH2 1 
ATOM   159  N  N   . ILE A 1 20  ? 7.820   -1.649  -8.298  1.00   20.04 ? 118  ILE A N   1 
ATOM   160  C  CA  . ILE A 1 20  ? 7.985   -0.290  -7.820  1.00   20.15 ? 118  ILE A CA  1 
ATOM   161  C  C   . ILE A 1 20  ? 8.404   0.467   -9.073  1.00   20.54 ? 118  ILE A C   1 
ATOM   162  O  O   . ILE A 1 20  ? 9.513   0.314   -9.576  1.00   19.84 ? 118  ILE A O   1 
ATOM   163  C  CB  . ILE A 1 20  ? 9.014   -0.190  -6.689  1.00   20.20 ? 118  ILE A CB  1 
ATOM   164  C  CG1 . ILE A 1 20  ? 8.614   -1.127  -5.545  1.00   20.75 ? 118  ILE A CG1 1 
ATOM   165  C  CG2 . ILE A 1 20  ? 9.106   1.242   -6.194  1.00   20.03 ? 118  ILE A CG2 1 
ATOM   166  C  CD1 . ILE A 1 20  ? 9.630   -1.219  -4.433  1.00   23.10 ? 118  ILE A CD1 1 
ATOM   167  N  N   . VAL A 1 21  ? 7.469   1.250   -9.603  1.00   20.47 ? 119  VAL A N   1 
ATOM   168  C  CA  . VAL A 1 21  ? 7.659   1.957   -10.868 1.00   20.37 ? 119  VAL A CA  1 
ATOM   169  C  C   . VAL A 1 21  ? 8.423   3.267   -10.768 1.00   20.37 ? 119  VAL A C   1 
ATOM   170  O  O   . VAL A 1 21  ? 9.175   3.624   -11.675 1.00   21.17 ? 119  VAL A O   1 
ATOM   171  C  CB  . VAL A 1 21  ? 6.286   2.230   -11.528 1.00   20.56 ? 119  VAL A CB  1 
ATOM   172  C  CG1 . VAL A 1 21  ? 6.467   2.964   -12.837 1.00   21.62 ? 119  VAL A CG1 1 
ATOM   173  C  CG2 . VAL A 1 21  ? 5.546   0.917   -11.751 1.00   21.21 ? 119  VAL A CG2 1 
ATOM   174  N  N   . SER A 1 22  ? 8.223   3.991   -9.677  1.00   20.02 ? 120  SER A N   1 
ATOM   175  C  CA  . SER A 1 22  ? 8.884   5.277   -9.498  1.00   19.44 ? 120  SER A CA  1 
ATOM   176  C  C   . SER A 1 22  ? 9.183   5.487   -8.024  1.00   19.53 ? 120  SER A C   1 
ATOM   177  O  O   . SER A 1 22  ? 8.464   4.990   -7.160  1.00   18.61 ? 120  SER A O   1 
ATOM   178  C  CB  . SER A 1 22  ? 8.021   6.405   -10.054 1.00   20.14 ? 120  SER A CB  1 
ATOM   179  O  OG  . SER A 1 22  ? 6.752   6.389   -9.444  1.00   18.13 ? 120  SER A OG  1 
ATOM   180  N  N   . TYR A 1 23  ? 10.252  6.226   -7.752  1.00   19.57 ? 121  TYR A N   1 
ATOM   181  C  CA  . TYR A 1 23  ? 10.733  6.432   -6.403  1.00   19.75 ? 121  TYR A CA  1 
ATOM   182  C  C   . TYR A 1 23  ? 10.647  7.871   -5.918  1.00   19.97 ? 121  TYR A C   1 
ATOM   183  O  O   . TYR A 1 23  ? 10.197  8.766   -6.638  1.00   19.88 ? 121  TYR A O   1 
ATOM   184  C  CB  . TYR A 1 23  ? 12.188  5.949   -6.329  1.00   20.04 ? 121  TYR A CB  1 
ATOM   185  C  CG  . TYR A 1 23  ? 12.355  4.457   -6.553  1.00   19.11 ? 121  TYR A CG  1 
ATOM   186  C  CD1 . TYR A 1 23  ? 12.505  3.928   -7.836  1.00   20.67 ? 121  TYR A CD1 1 
ATOM   187  C  CD2 . TYR A 1 23  ? 12.359  3.576   -5.480  1.00   19.07 ? 121  TYR A CD2 1 
ATOM   188  C  CE1 . TYR A 1 23  ? 12.670  2.554   -8.033  1.00   20.63 ? 121  TYR A CE1 1 
ATOM   189  C  CE2 . TYR A 1 23  ? 12.510  2.215   -5.668  1.00   19.27 ? 121  TYR A CE2 1 
ATOM   190  C  CZ  . TYR A 1 23  ? 12.664  1.709   -6.947  1.00   20.42 ? 121  TYR A CZ  1 
ATOM   191  O  OH  . TYR A 1 23  ? 12.808  0.349   -7.113  1.00   20.00 ? 121  TYR A OH  1 
ATOM   192  N  N   . THR A 1 24  ? 11.097  8.090   -4.689  1.00   20.25 ? 122  THR A N   1 
ATOM   193  C  CA  . THR A 1 24  ? 11.105  9.422   -4.120  1.00   21.09 ? 122  THR A CA  1 
ATOM   194  C  C   . THR A 1 24  ? 12.519  9.904   -3.809  1.00   20.90 ? 122  THR A C   1 
ATOM   195  O  O   . THR A 1 24  ? 13.375  9.139   -3.369  1.00   20.69 ? 122  THR A O   1 
ATOM   196  C  CB  . THR A 1 24  ? 10.273  9.491   -2.830  1.00   21.01 ? 122  THR A CB  1 
ATOM   197  O  OG1 . THR A 1 24  ? 10.419  10.790  -2.248  1.00   22.30 ? 122  THR A OG1 1 
ATOM   198  C  CG2 . THR A 1 24  ? 10.739  8.439   -1.835  1.00   21.66 ? 122  THR A CG2 1 
ATOM   199  N  N   . ARG A 1 25  ? 12.746  11.187  -4.031  1.00   21.25 ? 123  ARG A N   1 
ATOM   200  C  CA  . ARG A 1 25  ? 14.028  11.797  -3.731  1.00   21.65 ? 123  ARG A CA  1 
ATOM   201  C  C   . ARG A 1 25  ? 14.304  11.780  -2.227  1.00   21.04 ? 123  ARG A C   1 
ATOM   202  O  O   . ARG A 1 25  ? 15.443  11.933  -1.795  1.00   20.66 ? 123  ARG A O   1 
ATOM   203  C  CB  . ARG A 1 25  ? 14.044  13.235  -4.259  1.00   22.34 ? 123  ARG A CB  1 
ATOM   204  C  CG  . ARG A 1 25  ? 12.831  14.062  -3.826  1.00   25.91 ? 123  ARG A CG  1 
ATOM   205  C  CD  . ARG A 1 25  ? 12.863  15.460  -4.446  1.00   31.45 ? 123  ARG A CD  1 
ATOM   206  N  NE  . ARG A 1 25  ? 13.834  16.346  -3.802  1.00   35.09 ? 123  ARG A NE  1 
ATOM   207  C  CZ  . ARG A 1 25  ? 13.510  17.399  -3.053  1.00   36.93 ? 123  ARG A CZ  1 
ATOM   208  N  NH1 . ARG A 1 25  ? 12.237  17.726  -2.870  1.00   37.72 ? 123  ARG A NH1 1 
ATOM   209  N  NH2 . ARG A 1 25  ? 14.462  18.144  -2.507  1.00   38.38 ? 123  ARG A NH2 1 
ATOM   210  N  N   . ASP A 1 26  ? 13.256  11.582  -1.429  1.00   20.54 ? 124  ASP A N   1 
ATOM   211  C  CA  . ASP A 1 26  ? 13.388  11.570  0.025   1.00   20.04 ? 124  ASP A CA  1 
ATOM   212  C  C   . ASP A 1 26  ? 14.175  10.375  0.562   1.00   20.17 ? 124  ASP A C   1 
ATOM   213  O  O   . ASP A 1 26  ? 14.705  10.434  1.670   1.00   20.77 ? 124  ASP A O   1 
ATOM   214  C  CB  . ASP A 1 26  ? 12.002  11.560  0.696   1.00   19.85 ? 124  ASP A CB  1 
ATOM   215  C  CG  . ASP A 1 26  ? 11.230  12.841  0.491   1.00   19.37 ? 124  ASP A CG  1 
ATOM   216  O  OD1 . ASP A 1 26  ? 11.859  13.885  0.208   1.00   19.10 ? 124  ASP A OD1 1 
ATOM   217  O  OD2 . ASP A 1 26  ? 9.979   12.812  0.643   1.00   15.34 ? 124  ASP A OD2 1 
ATOM   218  N  N   . LEU A 1 27  ? 14.219  9.287   -0.201  1.00   19.93 ? 125  LEU A N   1 
ATOM   219  C  CA  . LEU A 1 27  ? 14.872  8.058   0.258   1.00   19.85 ? 125  LEU A CA  1 
ATOM   220  C  C   . LEU A 1 27  ? 15.651  7.329   -0.819  1.00   19.47 ? 125  LEU A C   1 
ATOM   221  O  O   . LEU A 1 27  ? 15.393  7.508   -2.004  1.00   19.35 ? 125  LEU A O   1 
ATOM   222  C  CB  . LEU A 1 27  ? 13.805  7.093   0.774   1.00   20.00 ? 125  LEU A CB  1 
ATOM   223  C  CG  . LEU A 1 27  ? 12.976  7.501   1.996   1.00   20.97 ? 125  LEU A CG  1 
ATOM   224  C  CD1 . LEU A 1 27  ? 11.831  6.531   2.187   1.00   22.41 ? 125  LEU A CD1 1 
ATOM   225  C  CD2 . LEU A 1 27  ? 13.846  7.562   3.228   1.00   22.13 ? 125  LEU A CD2 1 
ATOM   226  N  N   . PRO A 1 28  ? 16.607  6.481   -0.401  1.00   19.19 ? 126  PRO A N   1 
ATOM   227  C  CA  . PRO A 1 28  ? 17.351  5.669   -1.362  1.00   19.23 ? 126  PRO A CA  1 
ATOM   228  C  C   . PRO A 1 28  ? 16.377  4.677   -1.993  1.00   18.88 ? 126  PRO A C   1 
ATOM   229  O  O   . PRO A 1 28  ? 15.418  4.259   -1.340  1.00   18.84 ? 126  PRO A O   1 
ATOM   230  C  CB  . PRO A 1 28  ? 18.360  4.916   -0.483  1.00   18.99 ? 126  PRO A CB  1 
ATOM   231  C  CG  . PRO A 1 28  ? 18.462  5.728   0.785   1.00   19.10 ? 126  PRO A CG  1 
ATOM   232  C  CD  . PRO A 1 28  ? 17.071  6.276   0.983   1.00   19.21 ? 126  PRO A CD  1 
ATOM   233  N  N   . HIS A 1 29  ? 16.595  4.317   -3.251  1.00   18.75 ? 127  HIS A N   1 
ATOM   234  C  CA  . HIS A 1 29  ? 15.703  3.367   -3.914  1.00   19.10 ? 127  HIS A CA  1 
ATOM   235  C  C   . HIS A 1 29  ? 15.644  2.038   -3.170  1.00   19.15 ? 127  HIS A C   1 
ATOM   236  O  O   . HIS A 1 29  ? 14.565  1.481   -2.945  1.00   18.61 ? 127  HIS A O   1 
ATOM   237  C  CB  . HIS A 1 29  ? 16.132  3.159   -5.365  1.00   19.04 ? 127  HIS A CB  1 
ATOM   238  C  CG  . HIS A 1 29  ? 15.944  4.369   -6.223  1.00   20.07 ? 127  HIS A CG  1 
ATOM   239  N  ND1 . HIS A 1 29  ? 15.687  4.293   -7.574  1.00   22.07 ? 127  HIS A ND1 1 
ATOM   240  C  CD2 . HIS A 1 29  ? 15.931  5.686   -5.911  1.00   19.84 ? 127  HIS A CD2 1 
ATOM   241  C  CE1 . HIS A 1 29  ? 15.568  5.514   -8.066  1.00   21.38 ? 127  HIS A CE1 1 
ATOM   242  N  NE2 . HIS A 1 29  ? 15.704  6.377   -7.076  1.00   21.10 ? 127  HIS A NE2 1 
ATOM   243  N  N   . ILE A 1 30  ? 16.804  1.532   -2.762  1.00   19.21 ? 128  ILE A N   1 
ATOM   244  C  CA  . ILE A 1 30  ? 16.847  0.259   -2.065  1.00   19.16 ? 128  ILE A CA  1 
ATOM   245  C  C   . ILE A 1 30  ? 16.018  0.289   -0.782  1.00   18.98 ? 128  ILE A C   1 
ATOM   246  O  O   . ILE A 1 30  ? 15.432  -0.715  -0.390  1.00   18.82 ? 128  ILE A O   1 
ATOM   247  C  CB  . ILE A 1 30  ? 18.297  -0.144  -1.735  1.00   19.54 ? 128  ILE A CB  1 
ATOM   248  C  CG1 . ILE A 1 30  ? 18.361  -1.612  -1.306  1.00   21.05 ? 128  ILE A CG1 1 
ATOM   249  C  CG2 . ILE A 1 30  ? 18.887  0.792   -0.691  1.00   18.91 ? 128  ILE A CG2 1 
ATOM   250  C  CD1 . ILE A 1 30  ? 19.780  -2.136  -1.202  1.00   22.71 ? 128  ILE A CD1 1 
ATOM   251  N  N   . THR A 1 31  ? 15.967  1.444   -0.129  1.00   18.96 ? 129  THR A N   1 
ATOM   252  C  CA  . THR A 1 31  ? 15.202  1.565   1.104   1.00   18.80 ? 129  THR A CA  1 
ATOM   253  C  C   . THR A 1 31  ? 13.718  1.397   0.809   1.00   18.74 ? 129  THR A C   1 
ATOM   254  O  O   . THR A 1 31  ? 13.016  0.673   1.513   1.00   18.37 ? 129  THR A O   1 
ATOM   255  C  CB  . THR A 1 31  ? 15.468  2.909   1.800   1.00   18.80 ? 129  THR A CB  1 
ATOM   256  O  OG1 . THR A 1 31  ? 16.871  3.009   2.086   1.00   19.52 ? 129  THR A OG1 1 
ATOM   257  C  CG2 . THR A 1 31  ? 14.680  3.008   3.098   1.00   18.93 ? 129  THR A CG2 1 
ATOM   258  N  N   . VAL A 1 32  ? 13.248  2.061   -0.240  1.00   18.58 ? 130  VAL A N   1 
ATOM   259  C  CA  . VAL A 1 32  ? 11.855  1.914   -0.647  1.00   18.84 ? 130  VAL A CA  1 
ATOM   260  C  C   . VAL A 1 32  ? 11.594  0.458   -1.019  1.00   18.77 ? 130  VAL A C   1 
ATOM   261  O  O   . VAL A 1 32  ? 10.603  -0.119  -0.599  1.00   18.83 ? 130  VAL A O   1 
ATOM   262  C  CB  . VAL A 1 32  ? 11.496  2.857   -1.808  1.00   18.84 ? 130  VAL A CB  1 
ATOM   263  C  CG1 . VAL A 1 32  ? 10.201  2.410   -2.467  1.00   18.23 ? 130  VAL A CG1 1 
ATOM   264  C  CG2 . VAL A 1 32  ? 11.405  4.298   -1.299  1.00   18.61 ? 130  VAL A CG2 1 
ATOM   265  N  N   . ASP A 1 33  ? 12.498  -0.147  -1.784  1.00   19.18 ? 131  ASP A N   1 
ATOM   266  C  CA  . ASP A 1 33  ? 12.345  -1.561  -2.132  1.00   19.32 ? 131  ASP A CA  1 
ATOM   267  C  C   . ASP A 1 33  ? 12.175  -2.435  -0.892  1.00   18.98 ? 131  ASP A C   1 
ATOM   268  O  O   . ASP A 1 33  ? 11.301  -3.299  -0.852  1.00   18.65 ? 131  ASP A O   1 
ATOM   269  C  CB  . ASP A 1 33  ? 13.544  -2.070  -2.933  1.00   19.84 ? 131  ASP A CB  1 
ATOM   270  C  CG  . ASP A 1 33  ? 13.620  -1.476  -4.319  1.00   21.50 ? 131  ASP A CG  1 
ATOM   271  O  OD1 . ASP A 1 33  ? 12.609  -0.924  -4.805  1.00   21.64 ? 131  ASP A OD1 1 
ATOM   272  O  OD2 . ASP A 1 33  ? 14.701  -1.570  -4.938  1.00   24.83 ? 131  ASP A OD2 1 
ATOM   273  N  N   A ARG A 1 34  ? 13.015  -2.198  0.113   0.50   19.21 ? 132  ARG A N   1 
ATOM   274  N  N   B ARG A 1 34  ? 13.032  -2.246  0.109   0.50   18.78 ? 132  ARG A N   1 
ATOM   275  C  CA  A ARG A 1 34  ? 12.993  -3.102  1.338   0.0000 17.88 ? 132  ARG A CA  1 
ATOM   276  C  CA  B ARG A 1 34  ? 12.965  -3.071  1.322   0.50   18.31 ? 132  ARG A CA  1 
ATOM   277  C  C   A ARG A 1 34  ? 11.708  -2.855  2.151   0.50   18.16 ? 132  ARG A C   1 
ATOM   278  C  C   B ARG A 1 34  ? 11.684  -2.857  2.118   0.50   18.34 ? 132  ARG A C   1 
ATOM   279  O  O   A ARG A 1 34  ? 11.316  -3.768  2.884   0.50   18.01 ? 132  ARG A O   1 
ATOM   280  O  O   B ARG A 1 34  ? 11.065  -3.816  2.588   0.50   18.25 ? 132  ARG A O   1 
ATOM   281  C  CB  A ARG A 1 34  ? 14.238  -2.862  2.201   0.0000 17.90 ? 132  ARG A CB  1 
ATOM   282  C  CB  B ARG A 1 34  ? 14.172  -2.817  2.226   0.50   18.34 ? 132  ARG A CB  1 
ATOM   283  C  CG  A ARG A 1 34  ? 15.554  -3.330  1.581   0.0000 18.01 ? 132  ARG A CG  1 
ATOM   284  C  CG  B ARG A 1 34  ? 15.501  -3.257  1.637   0.50   18.94 ? 132  ARG A CG  1 
ATOM   285  C  CD  A ARG A 1 34  ? 15.731  -4.842  1.655   0.0000 18.44 ? 132  ARG A CD  1 
ATOM   286  C  CD  B ARG A 1 34  ? 15.535  -4.755  1.390   0.50   20.05 ? 132  ARG A CD  1 
ATOM   287  N  NE  A ARG A 1 34  ? 16.988  -5.265  1.041   0.0000 18.95 ? 132  ARG A NE  1 
ATOM   288  N  NE  B ARG A 1 34  ? 16.817  -5.168  0.832   0.50   22.00 ? 132  ARG A NE  1 
ATOM   289  C  CZ  A ARG A 1 34  ? 18.149  -5.369  1.683   0.0000 19.31 ? 132  ARG A CZ  1 
ATOM   290  C  CZ  B ARG A 1 34  ? 17.100  -5.168  -0.467  0.50   22.94 ? 132  ARG A CZ  1 
ATOM   291  N  NH1 A ARG A 1 34  ? 18.235  -5.089  2.978   0.0000 19.40 ? 132  ARG A NH1 1 
ATOM   292  N  NH1 B ARG A 1 34  ? 16.189  -4.783  -1.350  0.50   24.00 ? 132  ARG A NH1 1 
ATOM   293  N  NH2 A ARG A 1 34  ? 19.234  -5.760  1.027   0.0000 19.44 ? 132  ARG A NH2 1 
ATOM   294  N  NH2 B ARG A 1 34  ? 18.296  -5.553  -0.884  0.50   22.97 ? 132  ARG A NH2 1 
ATOM   295  N  N   . LEU A 1 35  ? 11.301  -1.594  2.278   1.00   18.07 ? 133  LEU A N   1 
ATOM   296  C  CA  . LEU A 1 35  ? 10.100  -1.250  3.038   1.00   17.71 ? 133  LEU A CA  1 
ATOM   297  C  C   . LEU A 1 35  ? 8.844   -1.775  2.345   1.00   17.41 ? 133  LEU A C   1 
ATOM   298  O  O   . LEU A 1 35  ? 7.917   -2.241  3.008   1.00   17.66 ? 133  LEU A O   1 
ATOM   299  C  CB  . LEU A 1 35  ? 10.037  0.260   3.312   1.00   17.82 ? 133  LEU A CB  1 
ATOM   300  C  CG  . LEU A 1 35  ? 11.205  0.737   4.192   1.00   17.24 ? 133  LEU A CG  1 
ATOM   301  C  CD1 . LEU A 1 35  ? 11.270  2.253   4.317   1.00   18.19 ? 133  LEU A CD1 1 
ATOM   302  C  CD2 . LEU A 1 35  ? 11.163  0.073   5.569   1.00   18.02 ? 133  LEU A CD2 1 
ATOM   303  N  N   . VAL A 1 36  ? 8.818   -1.716  1.015   1.00   17.39 ? 134  VAL A N   1 
ATOM   304  C  CA  . VAL A 1 36  ? 7.687   -2.253  0.265   1.00   17.14 ? 134  VAL A CA  1 
ATOM   305  C  C   . VAL A 1 36  ? 7.580   -3.770  0.486   1.00   17.69 ? 134  VAL A C   1 
ATOM   306  O  O   . VAL A 1 36  ? 6.491   -4.302  0.699   1.00   16.84 ? 134  VAL A O   1 
ATOM   307  C  CB  . VAL A 1 36  ? 7.758   -1.900  -1.232  1.00   16.98 ? 134  VAL A CB  1 
ATOM   308  C  CG1 . VAL A 1 36  ? 6.761   -2.746  -2.042  1.00   17.23 ? 134  VAL A CG1 1 
ATOM   309  C  CG2 . VAL A 1 36  ? 7.504   -0.386  -1.442  1.00   16.42 ? 134  VAL A CG2 1 
ATOM   310  N  N   A SER A 1 37  ? 8.718   -4.457  0.437   0.50   18.04 ? 135  SER A N   1 
ATOM   311  N  N   B SER A 1 37  ? 8.711   -4.465  0.436   0.50   18.03 ? 135  SER A N   1 
ATOM   312  C  CA  A SER A 1 37  ? 8.741   -5.902  0.667   0.50   18.75 ? 135  SER A CA  1 
ATOM   313  C  CA  B SER A 1 37  ? 8.691   -5.910  0.658   0.50   18.71 ? 135  SER A CA  1 
ATOM   314  C  C   A SER A 1 37  ? 8.204   -6.250  2.048   0.50   18.92 ? 135  SER A C   1 
ATOM   315  C  C   B SER A 1 37  ? 8.167   -6.236  2.051   0.50   18.92 ? 135  SER A C   1 
ATOM   316  O  O   A SER A 1 37  ? 7.433   -7.198  2.205   0.50   19.41 ? 135  SER A O   1 
ATOM   317  O  O   B SER A 1 37  ? 7.366   -7.157  2.221   0.50   19.42 ? 135  SER A O   1 
ATOM   318  C  CB  A SER A 1 37  ? 10.164  -6.449  0.524   0.50   18.98 ? 135  SER A CB  1 
ATOM   319  C  CB  B SER A 1 37  ? 10.080  -6.521  0.475   0.50   18.97 ? 135  SER A CB  1 
ATOM   320  O  OG  A SER A 1 37  ? 10.593  -6.401  -0.822  0.50   19.88 ? 135  SER A OG  1 
ATOM   321  O  OG  B SER A 1 37  ? 10.031  -7.922  0.697   0.50   19.60 ? 135  SER A OG  1 
ATOM   322  N  N   . LYS A 1 38  ? 8.624   -5.478  3.045   1.00   19.03 ? 136  LYS A N   1 
ATOM   323  C  CA  . LYS A 1 38  ? 8.205   -5.682  4.428   1.00   19.47 ? 136  LYS A CA  1 
ATOM   324  C  C   . LYS A 1 38  ? 6.704   -5.456  4.607   1.00   19.50 ? 136  LYS A C   1 
ATOM   325  O  O   . LYS A 1 38  ? 6.024   -6.237  5.285   1.00   19.09 ? 136  LYS A O   1 
ATOM   326  C  CB  . LYS A 1 38  ? 8.984   -4.756  5.361   1.00   19.69 ? 136  LYS A CB  1 
ATOM   327  C  CG  . LYS A 1 38  ? 8.698   -4.993  6.835   1.00   21.90 ? 136  LYS A CG  1 
ATOM   328  C  CD  . LYS A 1 38  ? 9.650   -4.184  7.711   1.00   25.96 ? 136  LYS A CD  1 
ATOM   329  C  CE  . LYS A 1 38  ? 9.506   -4.542  9.190   1.00   28.33 ? 136  LYS A CE  1 
ATOM   330  N  NZ  . LYS A 1 38  ? 10.587  -3.900  9.993   1.00   30.44 ? 136  LYS A NZ  1 
ATOM   331  N  N   . ALA A 1 39  ? 6.195   -4.380  4.006   1.00   19.45 ? 137  ALA A N   1 
ATOM   332  C  CA  . ALA A 1 39  ? 4.764   -4.084  4.080   1.00   19.83 ? 137  ALA A CA  1 
ATOM   333  C  C   . ALA A 1 39  ? 3.959   -5.219  3.455   1.00   20.56 ? 137  ALA A C   1 
ATOM   334  O  O   . ALA A 1 39  ? 2.931   -5.645  3.996   1.00   20.17 ? 137  ALA A O   1 
ATOM   335  C  CB  . ALA A 1 39  ? 4.453   -2.769  3.386   1.00   19.62 ? 137  ALA A CB  1 
ATOM   336  N  N   . LEU A 1 40  ? 4.412   -5.693  2.300   1.00   21.12 ? 138  LEU A N   1 
ATOM   337  C  CA  . LEU A 1 40  ? 3.728   -6.784  1.622   1.00   22.36 ? 138  LEU A CA  1 
ATOM   338  C  C   . LEU A 1 40  ? 3.777   -8.025  2.478   1.00   23.21 ? 138  LEU A C   1 
ATOM   339  O  O   . LEU A 1 40  ? 2.764   -8.700  2.666   1.00   23.40 ? 138  LEU A O   1 
ATOM   340  C  CB  . LEU A 1 40  ? 4.371   -7.076  0.265   1.00   22.23 ? 138  LEU A CB  1 
ATOM   341  C  CG  . LEU A 1 40  ? 4.058   -6.099  -0.864  1.00   22.61 ? 138  LEU A CG  1 
ATOM   342  C  CD1 . LEU A 1 40  ? 4.882   -6.450  -2.094  1.00   22.79 ? 138  LEU A CD1 1 
ATOM   343  C  CD2 . LEU A 1 40  ? 2.568   -6.149  -1.175  1.00   22.99 ? 138  LEU A CD2 1 
ATOM   344  N  N   . ASN A 1 41  ? 4.966   -8.314  3.001   1.00   24.23 ? 139  ASN A N   1 
ATOM   345  C  CA  . ASN A 1 41  ? 5.177   -9.495  3.837   1.00   25.31 ? 139  ASN A CA  1 
ATOM   346  C  C   . ASN A 1 41  ? 4.346   -9.513  5.111   1.00   25.09 ? 139  ASN A C   1 
ATOM   347  O  O   . ASN A 1 41  ? 3.967   -10.588 5.581   1.00   25.17 ? 139  ASN A O   1 
ATOM   348  C  CB  . ASN A 1 41  ? 6.663   -9.693  4.162   1.00   25.99 ? 139  ASN A CB  1 
ATOM   349  C  CG  . ASN A 1 41  ? 7.463   -10.183 2.969   1.00   28.35 ? 139  ASN A CG  1 
ATOM   350  O  OD1 . ASN A 1 41  ? 6.898   -10.569 1.948   1.00   31.53 ? 139  ASN A OD1 1 
ATOM   351  N  ND2 . ASN A 1 41  ? 8.790   -10.180 3.099   1.00   30.30 ? 139  ASN A ND2 1 
ATOM   352  N  N   . MET A 1 42  ? 4.058   -8.351  5.693   1.00   24.79 ? 140  MET A N   1 
ATOM   353  C  CA  . MET A 1 42  ? 3.225   -8.396  6.894   1.00   24.88 ? 140  MET A CA  1 
ATOM   354  C  C   . MET A 1 42  ? 1.788   -8.853  6.602   1.00   24.15 ? 140  MET A C   1 
ATOM   355  O  O   . MET A 1 42  ? 1.174   -9.519  7.430   1.00   24.07 ? 140  MET A O   1 
ATOM   356  C  CB  . MET A 1 42  ? 3.376   -7.203  7.860   1.00   25.65 ? 140  MET A CB  1 
ATOM   357  C  CG  . MET A 1 42  ? 3.551   -5.821  7.290   1.00   27.54 ? 140  MET A CG  1 
ATOM   358  S  SD  . MET A 1 42  ? 4.061   -4.737  8.658   1.00   32.23 ? 140  MET A SD  1 
ATOM   359  C  CE  . MET A 1 42  ? 2.660   -4.917  9.753   1.00   30.07 ? 140  MET A CE  1 
ATOM   360  N  N   . TRP A 1 43  ? 1.276   -8.526  5.416   1.00   22.95 ? 141  TRP A N   1 
ATOM   361  C  CA  . TRP A 1 43  ? -0.039  -9.024  5.025   1.00   22.31 ? 141  TRP A CA  1 
ATOM   362  C  C   . TRP A 1 43  ? 0.130   -10.451 4.506   1.00   22.77 ? 141  TRP A C   1 
ATOM   363  O  O   . TRP A 1 43  ? -0.685  -11.332 4.780   1.00   23.12 ? 141  TRP A O   1 
ATOM   364  C  CB  . TRP A 1 43  ? -0.670  -8.180  3.915   1.00   21.67 ? 141  TRP A CB  1 
ATOM   365  C  CG  . TRP A 1 43  ? -1.087  -6.795  4.311   1.00   19.31 ? 141  TRP A CG  1 
ATOM   366  C  CD1 . TRP A 1 43  ? -0.502  -5.619  3.929   1.00   17.98 ? 141  TRP A CD1 1 
ATOM   367  C  CD2 . TRP A 1 43  ? -2.194  -6.440  5.149   1.00   18.27 ? 141  TRP A CD2 1 
ATOM   368  N  NE1 . TRP A 1 43  ? -1.175  -4.553  4.480   1.00   16.44 ? 141  TRP A NE1 1 
ATOM   369  C  CE2 . TRP A 1 43  ? -2.218  -5.029  5.235   1.00   17.01 ? 141  TRP A CE2 1 
ATOM   370  C  CE3 . TRP A 1 43  ? -3.169  -7.178  5.833   1.00   17.50 ? 141  TRP A CE3 1 
ATOM   371  C  CZ2 . TRP A 1 43  ? -3.174  -4.343  5.983   1.00   16.54 ? 141  TRP A CZ2 1 
ATOM   372  C  CZ3 . TRP A 1 43  ? -4.117  -6.498  6.575   1.00   17.28 ? 141  TRP A CZ3 1 
ATOM   373  C  CH2 . TRP A 1 43  ? -4.116  -5.093  6.646   1.00   16.23 ? 141  TRP A CH2 1 
ATOM   374  N  N   . GLY A 1 44  ? 1.205   -10.662 3.756   1.00   22.78 ? 142  GLY A N   1 
ATOM   375  C  CA  . GLY A 1 44  ? 1.475   -11.952 3.135   1.00   23.67 ? 142  GLY A CA  1 
ATOM   376  C  C   . GLY A 1 44  ? 1.584   -13.147 4.061   1.00   24.19 ? 142  GLY A C   1 
ATOM   377  O  O   . GLY A 1 44  ? 1.081   -14.227 3.747   1.00   23.59 ? 142  GLY A O   1 
ATOM   378  N  N   . LYS A 1 45  ? 2.234   -12.966 5.201   1.00   24.97 ? 143  LYS A N   1 
ATOM   379  C  CA  . LYS A 1 45  ? 2.437   -14.086 6.117   1.00   26.13 ? 143  LYS A CA  1 
ATOM   380  C  C   . LYS A 1 45  ? 1.144   -14.593 6.739   1.00   26.48 ? 143  LYS A C   1 
ATOM   381  O  O   . LYS A 1 45  ? 1.109   -15.686 7.302   1.00   26.68 ? 143  LYS A O   1 
ATOM   382  C  CB  . LYS A 1 45  ? 3.448   -13.723 7.206   1.00   26.63 ? 143  LYS A CB  1 
ATOM   383  C  CG  . LYS A 1 45  ? 3.015   -12.591 8.113   1.00   27.61 ? 143  LYS A CG  1 
ATOM   384  C  CD  . LYS A 1 45  ? 4.125   -12.215 9.081   1.00   30.89 ? 143  LYS A CD  1 
ATOM   385  C  CE  . LYS A 1 45  ? 3.714   -11.033 9.939   1.00   32.45 ? 143  LYS A CE  1 
ATOM   386  N  NZ  . LYS A 1 45  ? 4.836   -10.555 10.792  1.00   34.74 ? 143  LYS A NZ  1 
ATOM   387  N  N   . GLU A 1 46  ? 0.078   -13.809 6.625   1.00   26.69 ? 144  GLU A N   1 
ATOM   388  C  CA  . GLU A 1 46  ? -1.198  -14.176 7.223   1.00   26.94 ? 144  GLU A CA  1 
ATOM   389  C  C   . GLU A 1 46  ? -2.155  -14.886 6.262   1.00   27.34 ? 144  GLU A C   1 
ATOM   390  O  O   . GLU A 1 46  ? -3.212  -15.359 6.676   1.00   27.34 ? 144  GLU A O   1 
ATOM   391  C  CB  . GLU A 1 46  ? -1.888  -12.918 7.758   1.00   26.85 ? 144  GLU A CB  1 
ATOM   392  C  CG  . GLU A 1 46  ? -1.020  -12.058 8.660   1.00   26.61 ? 144  GLU A CG  1 
ATOM   393  C  CD  . GLU A 1 46  ? -0.696  -12.721 9.981   1.00   27.64 ? 144  GLU A CD  1 
ATOM   394  O  OE1 . GLU A 1 46  ? -1.242  -13.812 10.255  1.00   27.72 ? 144  GLU A OE1 1 
ATOM   395  O  OE2 . GLU A 1 46  ? 0.104   -12.151 10.756  1.00   27.92 ? 144  GLU A OE2 1 
ATOM   396  N  N   . ILE A 1 47  ? -1.790  -14.968 4.987   1.00   27.59 ? 145  ILE A N   1 
ATOM   397  C  CA  . ILE A 1 47  ? -2.695  -15.530 3.994   1.00   28.00 ? 145  ILE A CA  1 
ATOM   398  C  C   . ILE A 1 47  ? -2.044  -16.414 2.929   1.00   28.58 ? 145  ILE A C   1 
ATOM   399  O  O   . ILE A 1 47  ? -0.830  -16.379 2.742   1.00   28.40 ? 145  ILE A O   1 
ATOM   400  C  CB  . ILE A 1 47  ? -3.442  -14.397 3.271   1.00   28.03 ? 145  ILE A CB  1 
ATOM   401  C  CG1 . ILE A 1 47  ? -2.440  -13.431 2.633   1.00   27.89 ? 145  ILE A CG1 1 
ATOM   402  C  CG2 . ILE A 1 47  ? -4.335  -13.644 4.248   1.00   28.05 ? 145  ILE A CG2 1 
ATOM   403  C  CD1 . ILE A 1 47  ? -3.089  -12.303 1.846   1.00   28.20 ? 145  ILE A CD1 1 
ATOM   404  N  N   . PRO A 1 48  ? -2.869  -17.213 2.230   1.00   29.23 ? 146  PRO A N   1 
ATOM   405  C  CA  . PRO A 1 48  ? -2.420  -18.086 1.154   1.00   29.79 ? 146  PRO A CA  1 
ATOM   406  C  C   . PRO A 1 48  ? -2.289  -17.306 -0.151  1.00   30.15 ? 146  PRO A C   1 
ATOM   407  O  O   . PRO A 1 48  ? -3.007  -17.575 -1.113  1.00   30.67 ? 146  PRO A O   1 
ATOM   408  C  CB  . PRO A 1 48  ? -3.551  -19.107 1.045   1.00   29.73 ? 146  PRO A CB  1 
ATOM   409  C  CG  . PRO A 1 48  ? -4.767  -18.345 1.445   1.00   29.62 ? 146  PRO A CG  1 
ATOM   410  C  CD  . PRO A 1 48  ? -4.310  -17.366 2.500   1.00   29.09 ? 146  PRO A CD  1 
ATOM   411  N  N   . LEU A 1 49  ? -1.387  -16.332 -0.163  1.00   30.48 ? 147  LEU A N   1 
ATOM   412  C  CA  . LEU A 1 49  ? -1.136  -15.510 -1.341  1.00   30.71 ? 147  LEU A CA  1 
ATOM   413  C  C   . LEU A 1 49  ? 0.356   -15.210 -1.373  1.00   30.75 ? 147  LEU A C   1 
ATOM   414  O  O   . LEU A 1 49  ? 0.957   -14.931 -0.338  1.00   30.64 ? 147  LEU A O   1 
ATOM   415  C  CB  . LEU A 1 49  ? -1.940  -14.208 -1.274  1.00   30.79 ? 147  LEU A CB  1 
ATOM   416  C  CG  . LEU A 1 49  ? -1.914  -13.277 -2.487  1.00   30.79 ? 147  LEU A CG  1 
ATOM   417  C  CD1 . LEU A 1 49  ? -2.535  -13.961 -3.699  1.00   30.79 ? 147  LEU A CD1 1 
ATOM   418  C  CD2 . LEU A 1 49  ? -2.642  -11.968 -2.194  1.00   30.46 ? 147  LEU A CD2 1 
ATOM   419  N  N   . HIS A 1 50  ? 0.955   -15.275 -2.556  1.00   31.07 ? 148  HIS A N   1 
ATOM   420  C  CA  . HIS A 1 50  ? 2.386   -15.018 -2.701  1.00   31.61 ? 148  HIS A CA  1 
ATOM   421  C  C   . HIS A 1 50  ? 2.648   -13.837 -3.632  1.00   31.13 ? 148  HIS A C   1 
ATOM   422  O  O   . HIS A 1 50  ? 1.945   -13.658 -4.626  1.00   31.23 ? 148  HIS A O   1 
ATOM   423  C  CB  . HIS A 1 50  ? 3.095   -16.273 -3.223  1.00   32.24 ? 148  HIS A CB  1 
ATOM   424  C  CG  . HIS A 1 50  ? 3.022   -17.436 -2.283  1.00   33.92 ? 148  HIS A CG  1 
ATOM   425  N  ND1 . HIS A 1 50  ? 1.946   -18.297 -2.245  1.00   35.68 ? 148  HIS A ND1 1 
ATOM   426  C  CD2 . HIS A 1 50  ? 3.891   -17.877 -1.342  1.00   35.51 ? 148  HIS A CD2 1 
ATOM   427  C  CE1 . HIS A 1 50  ? 2.156   -19.221 -1.322  1.00   36.64 ? 148  HIS A CE1 1 
ATOM   428  N  NE2 . HIS A 1 50  ? 3.331   -18.990 -0.762  1.00   36.08 ? 148  HIS A NE2 1 
ATOM   429  N  N   . PHE A 1 51  ? 3.662   -13.038 -3.312  1.00   30.80 ? 149  PHE A N   1 
ATOM   430  C  CA  . PHE A 1 51  ? 3.990   -11.873 -4.129  1.00   30.28 ? 149  PHE A CA  1 
ATOM   431  C  C   . PHE A 1 51  ? 5.314   -12.036 -4.864  1.00   30.18 ? 149  PHE A C   1 
ATOM   432  O  O   . PHE A 1 51  ? 6.309   -12.452 -4.279  1.00   30.52 ? 149  PHE A O   1 
ATOM   433  C  CB  . PHE A 1 51  ? 4.060   -10.608 -3.266  1.00   29.92 ? 149  PHE A CB  1 
ATOM   434  C  CG  . PHE A 1 51  ? 2.819   -10.343 -2.470  1.00   29.12 ? 149  PHE A CG  1 
ATOM   435  C  CD1 . PHE A 1 51  ? 1.679   -9.860  -3.082  1.00   28.38 ? 149  PHE A CD1 1 
ATOM   436  C  CD2 . PHE A 1 51  ? 2.799   -10.557 -1.102  1.00   28.29 ? 149  PHE A CD2 1 
ATOM   437  C  CE1 . PHE A 1 51  ? 0.534   -9.613  -2.347  1.00   28.66 ? 149  PHE A CE1 1 
ATOM   438  C  CE2 . PHE A 1 51  ? 1.654   -10.305 -0.362  1.00   28.11 ? 149  PHE A CE2 1 
ATOM   439  C  CZ  . PHE A 1 51  ? 0.526   -9.840  -0.988  1.00   27.13 ? 149  PHE A CZ  1 
ATOM   440  N  N   . ARG A 1 52  ? 5.328   -11.699 -6.146  1.00   30.00 ? 150  ARG A N   1 
ATOM   441  C  CA  . ARG A 1 52  ? 6.568   -11.763 -6.911  1.00   29.90 ? 150  ARG A CA  1 
ATOM   442  C  C   . ARG A 1 52  ? 6.913   -10.406 -7.499  1.00   29.22 ? 150  ARG A C   1 
ATOM   443  O  O   . ARG A 1 52  ? 6.106   -9.788  -8.190  1.00   29.03 ? 150  ARG A O   1 
ATOM   444  C  CB  . ARG A 1 52  ? 6.517   -12.843 -7.992  1.00   30.38 ? 150  ARG A CB  1 
ATOM   445  C  CG  . ARG A 1 52  ? 7.752   -12.858 -8.887  1.00   32.14 ? 150  ARG A CG  1 
ATOM   446  C  CD  . ARG A 1 52  ? 7.883   -14.176 -9.640  1.00   35.65 ? 150  ARG A CD  1 
ATOM   447  N  NE  . ARG A 1 52  ? 6.617   -14.603 -10.226 1.00   37.92 ? 150  ARG A NE  1 
ATOM   448  C  CZ  . ARG A 1 52  ? 6.178   -14.236 -11.425 1.00   39.13 ? 150  ARG A CZ  1 
ATOM   449  N  NH1 . ARG A 1 52  ? 6.900   -13.416 -12.181 1.00   39.27 ? 150  ARG A NH1 1 
ATOM   450  N  NH2 . ARG A 1 52  ? 5.008   -14.684 -11.866 1.00   39.90 ? 150  ARG A NH2 1 
ATOM   451  N  N   . LYS A 1 53  ? 8.122   -9.952  -7.205  1.00   28.66 ? 151  LYS A N   1 
ATOM   452  C  CA  . LYS A 1 53  ? 8.606   -8.657  -7.659  1.00   28.29 ? 151  LYS A CA  1 
ATOM   453  C  C   . LYS A 1 53  ? 9.074   -8.695  -9.110  1.00   28.08 ? 151  LYS A C   1 
ATOM   454  O  O   . LYS A 1 53  ? 9.733   -9.644  -9.533  1.00   27.88 ? 151  LYS A O   1 
ATOM   455  C  CB  . LYS A 1 53  ? 9.768   -8.227  -6.763  1.00   28.53 ? 151  LYS A CB  1 
ATOM   456  C  CG  . LYS A 1 53  ? 10.400  -6.880  -7.086  1.00   28.92 ? 151  LYS A CG  1 
ATOM   457  C  CD  . LYS A 1 53  ? 11.686  -6.716  -6.273  1.00   30.67 ? 151  LYS A CD  1 
ATOM   458  C  CE  . LYS A 1 53  ? 12.372  -5.376  -6.492  1.00   31.69 ? 151  LYS A CE  1 
ATOM   459  N  NZ  . LYS A 1 53  ? 11.702  -4.249  -5.778  1.00   32.96 ? 151  LYS A NZ  1 
ATOM   460  N  N   . VAL A 1 54  ? 8.721   -7.667  -9.872  1.00   27.75 ? 152  VAL A N   1 
ATOM   461  C  CA  . VAL A 1 54  ? 9.187   -7.533  -11.249 1.00   27.74 ? 152  VAL A CA  1 
ATOM   462  C  C   . VAL A 1 54  ? 9.740   -6.113  -11.351 1.00   27.83 ? 152  VAL A C   1 
ATOM   463  O  O   . VAL A 1 54  ? 9.402   -5.262  -10.532 1.00   27.56 ? 152  VAL A O   1 
ATOM   464  C  CB  . VAL A 1 54  ? 8.083   -7.806  -12.292 1.00   27.78 ? 152  VAL A CB  1 
ATOM   465  C  CG1 . VAL A 1 54  ? 7.462   -9.176  -12.048 1.00   27.90 ? 152  VAL A CG1 1 
ATOM   466  C  CG2 . VAL A 1 54  ? 7.013   -6.724  -12.254 1.00   27.13 ? 152  VAL A CG2 1 
ATOM   467  N  N   . VAL A 1 55  ? 10.598  -5.852  -12.328 1.00   27.84 ? 153  VAL A N   1 
ATOM   468  C  CA  . VAL A 1 55  ? 11.230  -4.533  -12.406 1.00   28.44 ? 153  VAL A CA  1 
ATOM   469  C  C   . VAL A 1 55  ? 11.032  -3.799  -13.718 1.00   28.42 ? 153  VAL A C   1 
ATOM   470  O  O   . VAL A 1 55  ? 11.690  -2.786  -13.977 1.00   28.58 ? 153  VAL A O   1 
ATOM   471  C  CB  . VAL A 1 55  ? 12.738  -4.627  -12.147 1.00   28.23 ? 153  VAL A CB  1 
ATOM   472  C  CG1 . VAL A 1 55  ? 13.000  -5.184  -10.756 1.00   28.88 ? 153  VAL A CG1 1 
ATOM   473  C  CG2 . VAL A 1 55  ? 13.406  -5.484  -13.216 1.00   28.82 ? 153  VAL A CG2 1 
ATOM   474  N  N   . TRP A 1 56  ? 10.124  -4.304  -14.539 1.00   28.70 ? 154  TRP A N   1 
ATOM   475  C  CA  . TRP A 1 56  ? 9.849   -3.705  -15.830 1.00   28.92 ? 154  TRP A CA  1 
ATOM   476  C  C   . TRP A 1 56  ? 8.408   -4.014  -16.205 1.00   28.79 ? 154  TRP A C   1 
ATOM   477  O  O   . TRP A 1 56  ? 7.765   -4.878  -15.598 1.00   28.69 ? 154  TRP A O   1 
ATOM   478  C  CB  . TRP A 1 56  ? 10.776  -4.316  -16.877 1.00   29.24 ? 154  TRP A CB  1 
ATOM   479  C  CG  . TRP A 1 56  ? 10.494  -5.763  -17.030 1.00   30.46 ? 154  TRP A CG  1 
ATOM   480  C  CD1 . TRP A 1 56  ? 10.945  -6.767  -16.231 1.00   31.29 ? 154  TRP A CD1 1 
ATOM   481  C  CD2 . TRP A 1 56  ? 9.657   -6.375  -18.017 1.00   31.39 ? 154  TRP A CD2 1 
ATOM   482  N  NE1 . TRP A 1 56  ? 10.453  -7.973  -16.664 1.00   32.78 ? 154  TRP A NE1 1 
ATOM   483  C  CE2 . TRP A 1 56  ? 9.660   -7.760  -17.762 1.00   31.42 ? 154  TRP A CE2 1 
ATOM   484  C  CE3 . TRP A 1 56  ? 8.919   -5.888  -19.100 1.00   31.25 ? 154  TRP A CE3 1 
ATOM   485  C  CZ2 . TRP A 1 56  ? 8.951   -8.666  -18.548 1.00   32.52 ? 154  TRP A CZ2 1 
ATOM   486  C  CZ3 . TRP A 1 56  ? 8.213   -6.791  -19.881 1.00   31.84 ? 154  TRP A CZ3 1 
ATOM   487  C  CH2 . TRP A 1 56  ? 8.233   -8.163  -19.602 1.00   32.14 ? 154  TRP A CH2 1 
ATOM   488  N  N   . GLY A 1 57  ? 7.905   -3.303  -17.206 1.00   28.23 ? 155  GLY A N   1 
ATOM   489  C  CA  . GLY A 1 57  ? 6.555   -3.521  -17.702 1.00   27.70 ? 155  GLY A CA  1 
ATOM   490  C  C   . GLY A 1 57  ? 5.457   -3.415  -16.667 1.00   27.16 ? 155  GLY A C   1 
ATOM   491  O  O   . GLY A 1 57  ? 5.578   -2.707  -15.661 1.00   26.74 ? 155  GLY A O   1 
ATOM   492  N  N   . THR A 1 58  ? 4.379   -4.141  -16.917 1.00   26.48 ? 156  THR A N   1 
ATOM   493  C  CA  . THR A 1 58  ? 3.234   -4.101  -16.031 0.50   25.89 ? 156  THR A CA  1 
ATOM   494  C  C   . THR A 1 58  ? 3.218   -5.271  -15.059 1.00   25.38 ? 156  THR A C   1 
ATOM   495  O  O   . THR A 1 58  ? 3.621   -6.388  -15.392 1.00   25.81 ? 156  THR A O   1 
ATOM   496  C  CB  . THR A 1 58  ? 1.918   -4.045  -16.828 0.50   25.94 ? 156  THR A CB  1 
ATOM   497  O  OG1 . THR A 1 58  ? 1.815   -5.198  -17.670 0.50   26.30 ? 156  THR A OG1 1 
ATOM   498  C  CG2 . THR A 1 58  ? 1.888   -2.796  -17.696 0.50   25.84 ? 156  THR A CG2 1 
ATOM   499  N  N   . ALA A 1 59  ? 2.786   -4.989  -13.837 1.00   24.29 ? 157  ALA A N   1 
ATOM   500  C  CA  . ALA A 1 59  ? 2.642   -6.004  -12.812 1.00   22.77 ? 157  ALA A CA  1 
ATOM   501  C  C   . ALA A 1 59  ? 1.237   -5.818  -12.270 1.00   22.10 ? 157  ALA A C   1 
ATOM   502  O  O   . ALA A 1 59  ? 0.601   -4.784  -12.526 1.00   21.24 ? 157  ALA A O   1 
ATOM   503  C  CB  . ALA A 1 59  ? 3.688   -5.815  -11.710 1.00   23.00 ? 157  ALA A CB  1 
ATOM   504  N  N   . ASP A 1 60  ? 0.740   -6.801  -11.533 1.00   21.16 ? 158  ASP A N   1 
ATOM   505  C  CA  . ASP A 1 60  ? -0.593  -6.692  -10.966 1.00   20.82 ? 158  ASP A CA  1 
ATOM   506  C  C   . ASP A 1 60  ? -0.664  -5.465  -10.062 1.00   19.98 ? 158  ASP A C   1 
ATOM   507  O  O   . ASP A 1 60  ? -1.599  -4.677  -10.136 1.00   19.14 ? 158  ASP A O   1 
ATOM   508  C  CB  . ASP A 1 60  ? -0.943  -7.948  -10.177 1.00   21.06 ? 158  ASP A CB  1 
ATOM   509  C  CG  . ASP A 1 60  ? -0.986  -9.189  -11.054 1.00   22.77 ? 158  ASP A CG  1 
ATOM   510  O  OD1 . ASP A 1 60  ? -1.477  -9.098  -12.205 1.00   24.36 ? 158  ASP A OD1 1 
ATOM   511  O  OD2 . ASP A 1 60  ? -0.522  -10.248 -10.585 1.00   25.04 ? 158  ASP A OD2 1 
ATOM   512  N  N   . ILE A 1 61  ? 0.349   -5.311  -9.220  1.00   18.81 ? 159  ILE A N   1 
ATOM   513  C  CA  . ILE A 1 61  ? 0.413   -4.191  -8.289  1.00   18.49 ? 159  ILE A CA  1 
ATOM   514  C  C   . ILE A 1 61  ? 1.527   -3.236  -8.708  1.00   18.17 ? 159  ILE A C   1 
ATOM   515  O  O   . ILE A 1 61  ? 2.713   -3.544  -8.566  1.00   18.14 ? 159  ILE A O   1 
ATOM   516  C  CB  . ILE A 1 61  ? 0.599   -4.695  -6.842  1.00   18.02 ? 159  ILE A CB  1 
ATOM   517  C  CG1 . ILE A 1 61  ? -0.647  -5.491  -6.422  1.00   17.48 ? 159  ILE A CG1 1 
ATOM   518  C  CG2 . ILE A 1 61  ? 0.831   -3.536  -5.875  1.00   17.54 ? 159  ILE A CG2 1 
ATOM   519  C  CD1 . ILE A 1 61  ? -0.545  -6.153  -5.057  1.00   18.37 ? 159  ILE A CD1 1 
ATOM   520  N  N   . MET A 1 62  ? 1.131   -2.100  -9.275  1.00   17.74 ? 160  MET A N   1 
ATOM   521  C  CA  . MET A 1 62  ? 2.080   -1.079  -9.717  1.00   17.14 ? 160  MET A CA  1 
ATOM   522  C  C   . MET A 1 62  ? 2.200   -0.052  -8.596  1.00   16.26 ? 160  MET A C   1 
ATOM   523  O  O   . MET A 1 62  ? 1.216   0.536   -8.190  1.00   15.79 ? 160  MET A O   1 
ATOM   524  C  CB  . MET A 1 62  ? 1.604   -0.439  -11.027 1.00   17.74 ? 160  MET A CB  1 
ATOM   525  C  CG  . MET A 1 62  ? 1.558   -1.432  -12.196 1.00   18.43 ? 160  MET A CG  1 
ATOM   526  S  SD  . MET A 1 62  ? 3.205   -1.830  -12.809 1.00   23.13 ? 160  MET A SD  1 
ATOM   527  C  CE  . MET A 1 62  ? 3.538   -0.400  -13.836 1.00   23.02 ? 160  MET A CE  1 
ATOM   528  N  N   . ILE A 1 63  ? 3.411   0.131   -8.084  1.00   14.70 ? 161  ILE A N   1 
ATOM   529  C  CA  . ILE A 1 63  ? 3.646   1.026   -6.953  1.00   14.63 ? 161  ILE A CA  1 
ATOM   530  C  C   . ILE A 1 63  ? 4.520   2.192   -7.361  1.00   14.27 ? 161  ILE A C   1 
ATOM   531  O  O   . ILE A 1 63  ? 5.540   2.004   -8.025  1.00   14.86 ? 161  ILE A O   1 
ATOM   532  C  CB  . ILE A 1 63  ? 4.355   0.255   -5.818  1.00   13.90 ? 161  ILE A CB  1 
ATOM   533  C  CG1 . ILE A 1 63  ? 3.509   -0.957  -5.411  1.00   14.31 ? 161  ILE A CG1 1 
ATOM   534  C  CG2 . ILE A 1 63  ? 4.623   1.164   -4.629  1.00   14.43 ? 161  ILE A CG2 1 
ATOM   535  C  CD1 . ILE A 1 63  ? 4.187   -1.881  -4.437  1.00   14.76 ? 161  ILE A CD1 1 
ATOM   536  N  N   . GLY A 1 64  ? 4.152   3.407   -6.977  1.00   13.72 ? 162  GLY A N   1 
ATOM   537  C  CA  . GLY A 1 64  ? 5.018   4.522   -7.348  1.00   13.92 ? 162  GLY A CA  1 
ATOM   538  C  C   . GLY A 1 64  ? 4.692   5.863   -6.743  1.00   13.61 ? 162  GLY A C   1 
ATOM   539  O  O   . GLY A 1 64  ? 3.606   6.064   -6.169  1.00   13.31 ? 162  GLY A O   1 
ATOM   540  N  N   . PHE A 1 65  ? 5.647   6.779   -6.877  1.00   12.85 ? 163  PHE A N   1 
ATOM   541  C  CA  . PHE A 1 65  ? 5.501   8.146   -6.409  1.00   13.06 ? 163  PHE A CA  1 
ATOM   542  C  C   . PHE A 1 65  ? 5.247   9.029   -7.614  1.00   13.40 ? 163  PHE A C   1 
ATOM   543  O  O   . PHE A 1 65  ? 5.829   8.808   -8.696  1.00   13.53 ? 163  PHE A O   1 
ATOM   544  C  CB  . PHE A 1 65  ? 6.778   8.635   -5.698  1.00   12.84 ? 163  PHE A CB  1 
ATOM   545  C  CG  . PHE A 1 65  ? 6.991   8.032   -4.335  1.00   12.15 ? 163  PHE A CG  1 
ATOM   546  C  CD1 . PHE A 1 65  ? 7.500   6.756   -4.203  1.00   12.48 ? 163  PHE A CD1 1 
ATOM   547  C  CD2 . PHE A 1 65  ? 6.680   8.748   -3.190  1.00   11.89 ? 163  PHE A CD2 1 
ATOM   548  C  CE1 . PHE A 1 65  ? 7.707   6.200   -2.954  1.00   11.87 ? 163  PHE A CE1 1 
ATOM   549  C  CE2 . PHE A 1 65  ? 6.887   8.216   -1.935  1.00   12.51 ? 163  PHE A CE2 1 
ATOM   550  C  CZ  . PHE A 1 65  ? 7.402   6.936   -1.810  1.00   12.77 ? 163  PHE A CZ  1 
ATOM   551  N  N   . ALA A 1 66  ? 4.397   10.027  -7.422  1.00   13.23 ? 164  ALA A N   1 
ATOM   552  C  CA  . ALA A 1 66  ? 4.056   10.958  -8.495  1.00   13.94 ? 164  ALA A CA  1 
ATOM   553  C  C   . ALA A 1 66  ? 3.557   12.281  -7.963  1.00   14.32 ? 164  ALA A C   1 
ATOM   554  O  O   . ALA A 1 66  ? 3.009   12.356  -6.859  1.00   14.72 ? 164  ALA A O   1 
ATOM   555  C  CB  . ALA A 1 66  ? 3.015   10.350  -9.416  1.00   14.02 ? 164  ALA A CB  1 
ATOM   556  N  N   . ARG A 1 67  ? 3.763   13.324  -8.761  1.00   14.71 ? 165  ARG A N   1 
ATOM   557  C  CA  . ARG A 1 67  ? 3.274   14.652  -8.466  1.00   14.96 ? 165  ARG A CA  1 
ATOM   558  C  C   . ARG A 1 67  ? 2.096   14.955  -9.384  1.00   14.53 ? 165  ARG A C   1 
ATOM   559  O  O   . ARG A 1 67  ? 2.112   14.587  -10.558 1.00   14.96 ? 165  ARG A O   1 
ATOM   560  C  CB  . ARG A 1 67  ? 4.406   15.652  -8.702  1.00   15.80 ? 165  ARG A CB  1 
ATOM   561  C  CG  . ARG A 1 67  ? 4.005   17.069  -8.989  1.00   17.95 ? 165  ARG A CG  1 
ATOM   562  C  CD  . ARG A 1 67  ? 5.273   17.912  -9.164  1.00   20.48 ? 165  ARG A CD  1 
ATOM   563  N  NE  . ARG A 1 67  ? 6.011   17.984  -7.905  1.00   22.25 ? 165  ARG A NE  1 
ATOM   564  C  CZ  . ARG A 1 67  ? 7.231   18.494  -7.773  1.00   26.40 ? 165  ARG A CZ  1 
ATOM   565  N  NH1 . ARG A 1 67  ? 7.878   18.970  -8.834  1.00   27.64 ? 165  ARG A NH1 1 
ATOM   566  N  NH2 . ARG A 1 67  ? 7.813   18.511  -6.576  1.00   27.21 ? 165  ARG A NH2 1 
ATOM   567  N  N   . GLY A 1 68  ? 1.060   15.586  -8.844  1.00   14.15 ? 166  GLY A N   1 
ATOM   568  C  CA  . GLY A 1 68  ? -0.089  16.000  -9.660  1.00   13.68 ? 166  GLY A CA  1 
ATOM   569  C  C   . GLY A 1 68  ? -0.778  14.875  -10.417 1.00   13.62 ? 166  GLY A C   1 
ATOM   570  O  O   . GLY A 1 68  ? -0.901  13.759  -9.901  1.00   12.98 ? 166  GLY A O   1 
ATOM   571  N  N   . ALA A 1 69  ? -1.252  15.181  -11.628 1.00   13.03 ? 167  ALA A N   1 
ATOM   572  C  CA  . ALA A 1 69  ? -1.954  14.198  -12.459 1.00   13.50 ? 167  ALA A CA  1 
ATOM   573  C  C   . ALA A 1 69  ? -0.977  13.145  -12.938 1.00   13.58 ? 167  ALA A C   1 
ATOM   574  O  O   . ALA A 1 69  ? 0.125   13.477  -13.374 1.00   13.23 ? 167  ALA A O   1 
ATOM   575  C  CB  . ALA A 1 69  ? -2.648  14.883  -13.647 1.00   13.95 ? 167  ALA A CB  1 
ATOM   576  N  N   . HIS A 1 70  ? -1.366  11.874  -12.870 1.00   13.32 ? 168  HIS A N   1 
ATOM   577  C  CA  . HIS A 1 70  ? -0.423  10.826  -13.223 1.00   14.24 ? 168  HIS A CA  1 
ATOM   578  C  C   . HIS A 1 70  ? -1.015  9.616   -13.938 1.00   14.84 ? 168  HIS A C   1 
ATOM   579  O  O   . HIS A 1 70  ? -0.500  8.506   -13.814 1.00   15.61 ? 168  HIS A O   1 
ATOM   580  C  CB  . HIS A 1 70  ? 0.324   10.383  -11.961 1.00   13.81 ? 168  HIS A CB  1 
ATOM   581  C  CG  . HIS A 1 70  ? -0.587  10.030  -10.827 1.00   12.93 ? 168  HIS A CG  1 
ATOM   582  N  ND1 . HIS A 1 70  ? -1.058  10.963  -9.931  1.00   12.79 ? 168  HIS A ND1 1 
ATOM   583  C  CD2 . HIS A 1 70  ? -1.124  8.845   -10.453 1.00   11.81 ? 168  HIS A CD2 1 
ATOM   584  C  CE1 . HIS A 1 70  ? -1.843  10.368  -9.052  1.00   13.96 ? 168  HIS A CE1 1 
ATOM   585  N  NE2 . HIS A 1 70  ? -1.894  9.080   -9.344  1.00   10.79 ? 168  HIS A NE2 1 
ATOM   586  N  N   . GLY A 1 71  ? -2.093  9.812   -14.680 1.00   15.56 ? 169  GLY A N   1 
ATOM   587  C  CA  . GLY A 1 71  ? -2.622  8.705   -15.464 1.00   16.65 ? 169  GLY A CA  1 
ATOM   588  C  C   . GLY A 1 71  ? -3.880  8.026   -14.978 1.00   17.44 ? 169  GLY A C   1 
ATOM   589  O  O   . GLY A 1 71  ? -4.384  7.123   -15.648 1.00   18.37 ? 169  GLY A O   1 
ATOM   590  N  N   . ASP A 1 72  ? -4.370  8.426   -13.811 1.00   17.38 ? 170  ASP A N   1 
ATOM   591  C  CA  . ASP A 1 72  ? -5.632  7.892   -13.315 1.00   17.98 ? 170  ASP A CA  1 
ATOM   592  C  C   . ASP A 1 72  ? -6.573  9.060   -13.065 1.00   18.74 ? 170  ASP A C   1 
ATOM   593  O  O   . ASP A 1 72  ? -6.208  10.207  -13.339 1.00   19.63 ? 170  ASP A O   1 
ATOM   594  C  CB  . ASP A 1 72  ? -5.441  6.957   -12.106 1.00   17.41 ? 170  ASP A CB  1 
ATOM   595  C  CG  . ASP A 1 72  ? -4.804  7.637   -10.907 1.00   16.84 ? 170  ASP A CG  1 
ATOM   596  O  OD1 . ASP A 1 72  ? -5.016  8.851   -10.715 1.00   17.14 ? 170  ASP A OD1 1 
ATOM   597  O  OD2 . ASP A 1 72  ? -4.107  6.929   -10.142 1.00   16.69 ? 170  ASP A OD2 1 
ATOM   598  N  N   . SER A 1 73  ? -7.770  8.789   -12.558 1.00   19.66 ? 171  SER A N   1 
ATOM   599  C  CA  . SER A 1 73  ? -8.769  9.840   -12.353 0.50   19.86 ? 171  SER A CA  1 
ATOM   600  C  C   . SER A 1 73  ? -8.653  10.592  -11.034 1.00   20.23 ? 171  SER A C   1 
ATOM   601  O  O   . SER A 1 73  ? -9.545  11.365  -10.679 1.00   21.15 ? 171  SER A O   1 
ATOM   602  C  CB  . SER A 1 73  ? -10.179 9.259   -12.490 0.50   19.86 ? 171  SER A CB  1 
ATOM   603  O  OG  . SER A 1 73  ? -10.386 8.775   -13.799 0.50   20.00 ? 171  SER A OG  1 
ATOM   604  N  N   . TYR A 1 74  ? -7.558  10.376  -10.311 1.00   19.64 ? 172  TYR A N   1 
ATOM   605  C  CA  . TYR A 1 74  ? -7.361  11.013  -9.019  1.00   19.31 ? 172  TYR A CA  1 
ATOM   606  C  C   . TYR A 1 74  ? -5.995  11.676  -8.947  1.00   18.10 ? 172  TYR A C   1 
ATOM   607  O  O   . TYR A 1 74  ? -5.086  11.162  -8.294  1.00   18.35 ? 172  TYR A O   1 
ATOM   608  C  CB  . TYR A 1 74  ? -7.465  9.973   -7.914  1.00   19.53 ? 172  TYR A CB  1 
ATOM   609  C  CG  . TYR A 1 74  ? -8.711  9.140   -8.014  1.00   22.09 ? 172  TYR A CG  1 
ATOM   610  C  CD1 . TYR A 1 74  ? -9.886  9.549   -7.403  1.00   25.03 ? 172  TYR A CD1 1 
ATOM   611  C  CD2 . TYR A 1 74  ? -8.722  7.954   -8.741  1.00   24.38 ? 172  TYR A CD2 1 
ATOM   612  C  CE1 . TYR A 1 74  ? -11.041 8.788   -7.494  1.00   26.73 ? 172  TYR A CE1 1 
ATOM   613  C  CE2 . TYR A 1 74  ? -9.880  7.186   -8.844  1.00   26.98 ? 172  TYR A CE2 1 
ATOM   614  C  CZ  . TYR A 1 74  ? -11.033 7.615   -8.214  1.00   27.26 ? 172  TYR A CZ  1 
ATOM   615  O  OH  . TYR A 1 74  ? -12.184 6.861   -8.299  1.00   29.78 ? 172  TYR A OH  1 
ATOM   616  N  N   . PRO A 1 75  ? -5.843  12.816  -9.628  1.00   17.26 ? 173  PRO A N   1 
ATOM   617  C  CA  . PRO A 1 75  ? -4.563  13.513  -9.610  1.00   15.94 ? 173  PRO A CA  1 
ATOM   618  C  C   . PRO A 1 75  ? -4.185  13.940  -8.204  1.00   15.37 ? 173  PRO A C   1 
ATOM   619  O  O   . PRO A 1 75  ? -5.055  14.239  -7.391  1.00   14.07 ? 173  PRO A O   1 
ATOM   620  C  CB  . PRO A 1 75  ? -4.805  14.755  -10.483 1.00   16.60 ? 173  PRO A CB  1 
ATOM   621  C  CG  . PRO A 1 75  ? -6.280  14.795  -10.743 1.00   17.32 ? 173  PRO A CG  1 
ATOM   622  C  CD  . PRO A 1 75  ? -6.787  13.396  -10.592 1.00   17.05 ? 173  PRO A CD  1 
ATOM   623  N  N   . PHE A 1 76  ? -2.895  13.935  -7.904  1.00   14.16 ? 174  PHE A N   1 
ATOM   624  C  CA  . PHE A 1 76  ? -2.475  14.421  -6.600  1.00   14.15 ? 174  PHE A CA  1 
ATOM   625  C  C   . PHE A 1 76  ? -2.628  15.942  -6.573  1.00   14.33 ? 174  PHE A C   1 
ATOM   626  O  O   . PHE A 1 76  ? -2.820  16.571  -7.612  1.00   14.31 ? 174  PHE A O   1 
ATOM   627  C  CB  . PHE A 1 76  ? -1.088  13.933  -6.181  1.00   13.78 ? 174  PHE A CB  1 
ATOM   628  C  CG  . PHE A 1 76  ? -1.048  12.464  -5.801  1.00   12.61 ? 174  PHE A CG  1 
ATOM   629  C  CD1 . PHE A 1 76  ? -1.909  11.970  -4.835  1.00   13.03 ? 174  PHE A CD1 1 
ATOM   630  C  CD2 . PHE A 1 76  ? -0.098  11.600  -6.357  1.00   13.50 ? 174  PHE A CD2 1 
ATOM   631  C  CE1 . PHE A 1 76  ? -1.886  10.640  -4.470  1.00   12.16 ? 174  PHE A CE1 1 
ATOM   632  C  CE2 . PHE A 1 76  ? -0.060  10.261  -5.971  1.00   11.82 ? 174  PHE A CE2 1 
ATOM   633  C  CZ  . PHE A 1 76  ? -0.955  9.787   -5.038  1.00   11.60 ? 174  PHE A CZ  1 
ATOM   634  N  N   . ASP A 1 77  ? -2.482  16.517  -5.387  1.00   14.83 ? 175  ASP A N   1 
ATOM   635  C  CA  . ASP A 1 77  ? -2.846  17.897  -5.155  1.00   15.27 ? 175  ASP A CA  1 
ATOM   636  C  C   . ASP A 1 77  ? -1.803  18.782  -4.472  1.00   15.21 ? 175  ASP A C   1 
ATOM   637  O  O   . ASP A 1 77  ? -2.159  19.776  -3.834  1.00   15.07 ? 175  ASP A O   1 
ATOM   638  C  CB  . ASP A 1 77  ? -4.131  17.873  -4.307  1.00   15.65 ? 175  ASP A CB  1 
ATOM   639  C  CG  . ASP A 1 77  ? -3.995  16.985  -3.051  1.00   16.93 ? 175  ASP A CG  1 
ATOM   640  O  OD1 . ASP A 1 77  ? -2.860  16.618  -2.674  1.00   14.12 ? 175  ASP A OD1 1 
ATOM   641  O  OD2 . ASP A 1 77  ? -5.023  16.672  -2.407  1.00   17.28 ? 175  ASP A OD2 1 
ATOM   642  N  N   . GLY A 1 78  ? -0.523  18.445  -4.616  1.00   14.15 ? 176  GLY A N   1 
ATOM   643  C  CA  . GLY A 1 78  ? 0.542   19.228  -3.988  1.00   14.17 ? 176  GLY A CA  1 
ATOM   644  C  C   . GLY A 1 78  ? 0.724   18.891  -2.518  1.00   13.68 ? 176  GLY A C   1 
ATOM   645  O  O   . GLY A 1 78  ? 0.149   17.925  -2.024  1.00   13.54 ? 176  GLY A O   1 
ATOM   646  N  N   . PRO A 1 79  ? 1.503   19.712  -1.797  1.00   13.94 ? 177  PRO A N   1 
ATOM   647  C  CA  . PRO A 1 79  ? 1.779   19.496  -0.374  1.00   14.28 ? 177  PRO A CA  1 
ATOM   648  C  C   . PRO A 1 79  ? 0.499   19.466  0.452   1.00   14.96 ? 177  PRO A C   1 
ATOM   649  O  O   . PRO A 1 79  ? -0.347  20.332  0.289   1.00   14.57 ? 177  PRO A O   1 
ATOM   650  C  CB  . PRO A 1 79  ? 2.615   20.722  0.017   1.00   14.78 ? 177  PRO A CB  1 
ATOM   651  C  CG  . PRO A 1 79  ? 2.325   21.745  -1.043  1.00   14.94 ? 177  PRO A CG  1 
ATOM   652  C  CD  . PRO A 1 79  ? 2.101   20.960  -2.296  1.00   14.41 ? 177  PRO A CD  1 
ATOM   653  N  N   . GLY A 1 80  ? 0.358   18.476  1.322   1.00   15.00 ? 178  GLY A N   1 
ATOM   654  C  CA  . GLY A 1 80  ? -0.824  18.396  2.169   1.00   16.11 ? 178  GLY A CA  1 
ATOM   655  C  C   . GLY A 1 80  ? -2.013  17.728  1.505   1.00   16.47 ? 178  GLY A C   1 
ATOM   656  O  O   . GLY A 1 80  ? -1.879  17.108  0.448   1.00   15.89 ? 178  GLY A O   1 
ATOM   657  N  N   . ASN A 1 81  ? -3.178  17.859  2.134   1.00   17.10 ? 179  ASN A N   1 
ATOM   658  C  CA  . ASN A 1 81  ? -4.393  17.212  1.651   1.00   17.96 ? 179  ASN A CA  1 
ATOM   659  C  C   . ASN A 1 81  ? -4.173  15.717  1.389   1.00   17.32 ? 179  ASN A C   1 
ATOM   660  O  O   . ASN A 1 81  ? -3.738  15.013  2.293   1.00   17.47 ? 179  ASN A O   1 
ATOM   661  C  CB  . ASN A 1 81  ? -4.997  17.977  0.473   1.00   18.89 ? 179  ASN A CB  1 
ATOM   662  C  CG  . ASN A 1 81  ? -5.635  19.302  0.912   1.00   21.63 ? 179  ASN A CG  1 
ATOM   663  O  OD1 . ASN A 1 81  ? -5.497  20.329  0.251   1.00   25.79 ? 179  ASN A OD1 1 
ATOM   664  N  ND2 . ASN A 1 81  ? -6.311  19.277  2.049   1.00   23.56 ? 179  ASN A ND2 1 
ATOM   665  N  N   . THR A 1 82  ? -4.451  15.222  0.185   1.00   16.51 ? 180  THR A N   1 
ATOM   666  C  CA  . THR A 1 82  ? -4.269  13.783  -0.078  1.00   16.68 ? 180  THR A CA  1 
ATOM   667  C  C   . THR A 1 82  ? -2.790  13.388  -0.094  1.00   15.60 ? 180  THR A C   1 
ATOM   668  O  O   . THR A 1 82  ? -1.976  14.086  -0.691  1.00   15.67 ? 180  THR A O   1 
ATOM   669  C  CB  . THR A 1 82  ? -4.959  13.336  -1.376  1.00   17.11 ? 180  THR A CB  1 
ATOM   670  O  OG1 . THR A 1 82  ? -6.365  13.583  -1.255  1.00   19.54 ? 180  THR A OG1 1 
ATOM   671  C  CG2 . THR A 1 82  ? -4.757  11.848  -1.589  1.00   17.76 ? 180  THR A CG2 1 
ATOM   672  N  N   . LEU A 1 83  ? -2.463  12.264  0.548   1.00   14.76 ? 181  LEU A N   1 
ATOM   673  C  CA  . LEU A 1 83  ? -1.071  11.812  0.664   1.00   14.30 ? 181  LEU A CA  1 
ATOM   674  C  C   . LEU A 1 83  ? -0.761  10.623  -0.233  1.00   14.07 ? 181  LEU A C   1 
ATOM   675  O  O   . LEU A 1 83  ? 0.382   10.438  -0.661  1.00   13.73 ? 181  LEU A O   1 
ATOM   676  C  CB  . LEU A 1 83  ? -0.795  11.362  2.103   1.00   14.54 ? 181  LEU A CB  1 
ATOM   677  C  CG  . LEU A 1 83  ? -1.281  12.288  3.217   1.00   15.62 ? 181  LEU A CG  1 
ATOM   678  C  CD1 . LEU A 1 83  ? -1.029  11.627  4.579   1.00   15.86 ? 181  LEU A CD1 1 
ATOM   679  C  CD2 . LEU A 1 83  ? -0.610  13.634  3.118   1.00   15.99 ? 181  LEU A CD2 1 
ATOM   680  N  N   . ALA A 1 84  ? -1.770  9.787   -0.457  1.00   13.15 ? 182  ALA A N   1 
ATOM   681  C  CA  . ALA A 1 84  ? -1.613  8.580   -1.240  1.00   13.63 ? 182  ALA A CA  1 
ATOM   682  C  C   . ALA A 1 84  ? -2.959  7.924   -1.456  1.00   13.38 ? 182  ALA A C   1 
ATOM   683  O  O   . ALA A 1 84  ? -3.947  8.266   -0.807  1.00   13.56 ? 182  ALA A O   1 
ATOM   684  C  CB  . ALA A 1 84  ? -0.692  7.596   -0.499  1.00   13.02 ? 182  ALA A CB  1 
ATOM   685  N  N   . HIS A 1 85  ? -2.980  6.973   -2.378  1.00   13.89 ? 183  HIS A N   1 
ATOM   686  C  CA  . HIS A 1 85  ? -4.166  6.190   -2.649  1.00   13.95 ? 183  HIS A CA  1 
ATOM   687  C  C   . HIS A 1 85  ? -3.799  4.862   -3.315  1.00   14.42 ? 183  HIS A C   1 
ATOM   688  O  O   . HIS A 1 85  ? -2.687  4.686   -3.839  1.00   13.96 ? 183  HIS A O   1 
ATOM   689  C  CB  . HIS A 1 85  ? -5.234  6.970   -3.441  1.00   13.42 ? 183  HIS A CB  1 
ATOM   690  C  CG  . HIS A 1 85  ? -4.791  7.468   -4.787  1.00   14.87 ? 183  HIS A CG  1 
ATOM   691  N  ND1 . HIS A 1 85  ? -4.943  8.782   -5.176  1.00   16.32 ? 183  HIS A ND1 1 
ATOM   692  C  CD2 . HIS A 1 85  ? -4.209  6.834   -5.836  1.00   14.50 ? 183  HIS A CD2 1 
ATOM   693  C  CE1 . HIS A 1 85  ? -4.489  8.935   -6.406  1.00   14.97 ? 183  HIS A CE1 1 
ATOM   694  N  NE2 . HIS A 1 85  ? -4.038  7.769   -6.832  1.00   16.63 ? 183  HIS A NE2 1 
ATOM   695  N  N   . ALA A 1 86  ? -4.726  3.910   -3.241  1.00   14.54 ? 184  ALA A N   1 
ATOM   696  C  CA  . ALA A 1 86  ? -4.503  2.584   -3.810  1.00   15.74 ? 184  ALA A CA  1 
ATOM   697  C  C   . ALA A 1 86  ? -5.843  2.028   -4.255  1.00   16.26 ? 184  ALA A C   1 
ATOM   698  O  O   . ALA A 1 86  ? -6.890  2.444   -3.758  1.00   17.41 ? 184  ALA A O   1 
ATOM   699  C  CB  . ALA A 1 86  ? -3.842  1.658   -2.795  1.00   15.71 ? 184  ALA A CB  1 
ATOM   700  N  N   . PHE A 1 87  ? -5.813  1.089   -5.187  1.00   16.11 ? 185  PHE A N   1 
ATOM   701  C  CA  . PHE A 1 87  ? -7.050  0.564   -5.741  1.00   16.85 ? 185  PHE A CA  1 
ATOM   702  C  C   . PHE A 1 87  ? -7.257  -0.893  -5.418  1.00   16.51 ? 185  PHE A C   1 
ATOM   703  O  O   . PHE A 1 87  ? -6.308  -1.658  -5.333  1.00   16.31 ? 185  PHE A O   1 
ATOM   704  C  CB  . PHE A 1 87  ? -7.078  0.785   -7.250  1.00   16.86 ? 185  PHE A CB  1 
ATOM   705  C  CG  . PHE A 1 87  ? -6.834  2.212   -7.644  1.00   19.02 ? 185  PHE A CG  1 
ATOM   706  C  CD1 . PHE A 1 87  ? -7.846  3.150   -7.562  1.00   21.38 ? 185  PHE A CD1 1 
ATOM   707  C  CD2 . PHE A 1 87  ? -5.576  2.619   -8.065  1.00   19.76 ? 185  PHE A CD2 1 
ATOM   708  C  CE1 . PHE A 1 87  ? -7.614  4.477   -7.907  1.00   23.00 ? 185  PHE A CE1 1 
ATOM   709  C  CE2 . PHE A 1 87  ? -5.341  3.943   -8.422  1.00   22.29 ? 185  PHE A CE2 1 
ATOM   710  C  CZ  . PHE A 1 87  ? -6.361  4.871   -8.339  1.00   21.71 ? 185  PHE A CZ  1 
ATOM   711  N  N   . ALA A 1 88  ? -8.515  -1.274  -5.233  1.00   16.90 ? 186  ALA A N   1 
ATOM   712  C  CA  . ALA A 1 88  ? -8.834  -2.658  -4.915  1.00   17.50 ? 186  ALA A CA  1 
ATOM   713  C  C   . ALA A 1 88  ? -8.403  -3.586  -6.033  1.00   17.41 ? 186  ALA A C   1 
ATOM   714  O  O   . ALA A 1 88  ? -8.292  -3.172  -7.186  1.00   16.77 ? 186  ALA A O   1 
ATOM   715  C  CB  . ALA A 1 88  ? -10.316 -2.805  -4.666  1.00   17.40 ? 186  ALA A CB  1 
ATOM   716  N  N   . PRO A 1 89  ? -8.161  -4.860  -5.692  1.00   17.92 ? 187  PRO A N   1 
ATOM   717  C  CA  . PRO A 1 89  ? -7.738  -5.855  -6.664  1.00   18.32 ? 187  PRO A CA  1 
ATOM   718  C  C   . PRO A 1 89  ? -8.637  -5.852  -7.898  1.00   18.74 ? 187  PRO A C   1 
ATOM   719  O  O   . PRO A 1 89  ? -9.847  -5.664  -7.792  1.00   18.17 ? 187  PRO A O   1 
ATOM   720  C  CB  . PRO A 1 89  ? -7.885  -7.173  -5.900  1.00   18.15 ? 187  PRO A CB  1 
ATOM   721  C  CG  . PRO A 1 89  ? -7.700  -6.796  -4.475  1.00   18.05 ? 187  PRO A CG  1 
ATOM   722  C  CD  . PRO A 1 89  ? -8.229  -5.404  -4.324  1.00   17.91 ? 187  PRO A CD  1 
ATOM   723  N  N   . GLY A 1 90  ? -8.024  -6.046  -9.056  1.00   19.51 ? 188  GLY A N   1 
ATOM   724  C  CA  . GLY A 1 90  ? -8.734  -6.047  -10.324 1.00   20.35 ? 188  GLY A CA  1 
ATOM   725  C  C   . GLY A 1 90  ? -7.751  -5.812  -11.444 1.00   20.78 ? 188  GLY A C   1 
ATOM   726  O  O   . GLY A 1 90  ? -6.552  -5.656  -11.201 1.00   21.20 ? 188  GLY A O   1 
ATOM   727  N  N   . THR A 1 91  ? -8.247  -5.803  -12.673 1.00   21.13 ? 189  THR A N   1 
ATOM   728  C  CA  . THR A 1 91  ? -7.395  -5.581  -13.829 1.00   21.45 ? 189  THR A CA  1 
ATOM   729  C  C   . THR A 1 91  ? -7.092  -4.089  -13.947 1.00   21.25 ? 189  THR A C   1 
ATOM   730  O  O   . THR A 1 91  ? -7.725  -3.267  -13.284 1.00   21.73 ? 189  THR A O   1 
ATOM   731  C  CB  . THR A 1 91  ? -8.075  -6.067  -15.128 1.00   21.19 ? 189  THR A CB  1 
ATOM   732  O  OG1 . THR A 1 91  ? -9.287  -5.330  -15.342 1.00   22.85 ? 189  THR A OG1 1 
ATOM   733  C  CG2 . THR A 1 91  ? -8.404  -7.551  -15.032 1.00   22.03 ? 189  THR A CG2 1 
ATOM   734  N  N   . GLY A 1 92  ? -6.118  -3.749  -14.783 1.00   21.04 ? 190  GLY A N   1 
ATOM   735  C  CA  . GLY A 1 92  ? -5.764  -2.352  -15.041 1.00   20.70 ? 190  GLY A CA  1 
ATOM   736  C  C   . GLY A 1 92  ? -5.240  -1.611  -13.830 1.00   20.06 ? 190  GLY A C   1 
ATOM   737  O  O   . GLY A 1 92  ? -4.246  -2.015  -13.230 1.00   20.80 ? 190  GLY A O   1 
ATOM   738  N  N   . LEU A 1 93  ? -5.905  -0.523  -13.457 1.00   19.43 ? 191  LEU A N   1 
ATOM   739  C  CA  . LEU A 1 93  ? -5.469  0.243   -12.292 1.00   18.87 ? 191  LEU A CA  1 
ATOM   740  C  C   . LEU A 1 93  ? -5.686  -0.527  -10.994 1.00   18.08 ? 191  LEU A C   1 
ATOM   741  O  O   . LEU A 1 93  ? -5.114  -0.196  -9.957  1.00   17.61 ? 191  LEU A O   1 
ATOM   742  C  CB  . LEU A 1 93  ? -6.151  1.610   -12.256 1.00   19.48 ? 191  LEU A CB  1 
ATOM   743  C  CG  . LEU A 1 93  ? -5.554  2.572   -13.291 1.00   21.80 ? 191  LEU A CG  1 
ATOM   744  C  CD1 . LEU A 1 93  ? -6.407  3.804   -13.480 1.00   23.21 ? 191  LEU A CD1 1 
ATOM   745  C  CD2 . LEU A 1 93  ? -4.131  2.969   -12.883 1.00   23.55 ? 191  LEU A CD2 1 
ATOM   746  N  N   . GLY A 1 94  ? -6.490  -1.579  -11.062 1.00   17.27 ? 192  GLY A N   1 
ATOM   747  C  CA  . GLY A 1 94  ? -6.755  -2.387  -9.879  1.00   16.68 ? 192  GLY A CA  1 
ATOM   748  C  C   . GLY A 1 94  ? -5.481  -2.820  -9.185  1.00   15.79 ? 192  GLY A C   1 
ATOM   749  O  O   . GLY A 1 94  ? -4.553  -3.298  -9.826  1.00   15.85 ? 192  GLY A O   1 
ATOM   750  N  N   . GLY A 1 95  ? -5.434  -2.646  -7.868  1.00   15.38 ? 193  GLY A N   1 
ATOM   751  C  CA  . GLY A 1 95  ? -4.272  -3.048  -7.072  1.00   15.11 ? 193  GLY A CA  1 
ATOM   752  C  C   . GLY A 1 95  ? -3.139  -2.032  -6.957  1.00   14.77 ? 193  GLY A C   1 
ATOM   753  O  O   . GLY A 1 95  ? -2.263  -2.154  -6.089  1.00   14.45 ? 193  GLY A O   1 
ATOM   754  N  N   . ASP A 1 96  ? -3.146  -1.032  -7.833  1.00   14.80 ? 194  ASP A N   1 
ATOM   755  C  CA  . ASP A 1 96  ? -2.067  -0.041  -7.855  1.00   14.70 ? 194  ASP A CA  1 
ATOM   756  C  C   . ASP A 1 96  ? -2.043  0.851   -6.612  1.00   14.10 ? 194  ASP A C   1 
ATOM   757  O  O   . ASP A 1 96  ? -3.095  1.147   -6.032  1.00   14.31 ? 194  ASP A O   1 
ATOM   758  C  CB  . ASP A 1 96  ? -2.128  0.777   -9.147  1.00   14.87 ? 194  ASP A CB  1 
ATOM   759  C  CG  . ASP A 1 96  ? -1.915  -0.080  -10.396 1.00   15.97 ? 194  ASP A CG  1 
ATOM   760  O  OD1 . ASP A 1 96  ? -1.672  -1.305  -10.266 1.00   15.48 ? 194  ASP A OD1 1 
ATOM   761  O  OD2 . ASP A 1 96  ? -1.984  0.471   -11.515 1.00   17.43 ? 194  ASP A OD2 1 
ATOM   762  N  N   . ALA A 1 97  ? -0.838  1.256   -6.192  1.00   13.43 ? 195  ALA A N   1 
ATOM   763  C  CA  . ALA A 1 97  ? -0.665  2.109   -5.010  1.00   12.97 ? 195  ALA A CA  1 
ATOM   764  C  C   . ALA A 1 97  ? 0.235   3.283   -5.364  1.00   12.86 ? 195  ALA A C   1 
ATOM   765  O  O   . ALA A 1 97  ? 1.387   3.097   -5.756  1.00   12.36 ? 195  ALA A O   1 
ATOM   766  C  CB  . ALA A 1 97  ? -0.064  1.314   -3.846  1.00   13.11 ? 195  ALA A CB  1 
ATOM   767  N  N   . HIS A 1 98  ? -0.290  4.485   -5.202  1.00   11.64 ? 196  HIS A N   1 
ATOM   768  C  CA  . HIS A 1 98  ? 0.428   5.703   -5.563  1.00   11.62 ? 196  HIS A CA  1 
ATOM   769  C  C   . HIS A 1 98  ? 0.666   6.591   -4.352  1.00   11.71 ? 196  HIS A C   1 
ATOM   770  O  O   . HIS A 1 98  ? -0.189  6.692   -3.486  1.00   12.00 ? 196  HIS A O   1 
ATOM   771  C  CB  . HIS A 1 98  ? -0.349  6.493   -6.615  1.00   11.35 ? 196  HIS A CB  1 
ATOM   772  C  CG  . HIS A 1 98  ? -0.649  5.724   -7.867  1.00   11.40 ? 196  HIS A CG  1 
ATOM   773  N  ND1 . HIS A 1 98  ? -1.790  5.929   -8.612  1.00   11.89 ? 196  HIS A ND1 1 
ATOM   774  C  CD2 . HIS A 1 98  ? 0.027   4.728   -8.483  1.00   10.33 ? 196  HIS A CD2 1 
ATOM   775  C  CE1 . HIS A 1 98  ? -1.796  5.105   -9.645  1.00   11.39 ? 196  HIS A CE1 1 
ATOM   776  N  NE2 . HIS A 1 98  ? -0.692  4.376   -9.601  1.00   10.81 ? 196  HIS A NE2 1 
ATOM   777  N  N   . PHE A 1 99  ? 1.833   7.236   -4.306  1.00   11.08 ? 197  PHE A N   1 
ATOM   778  C  CA  . PHE A 1 99  ? 2.192   8.118   -3.194  1.00   10.71 ? 197  PHE A CA  1 
ATOM   779  C  C   . PHE A 1 99  ? 2.534   9.501   -3.734  1.00   10.67 ? 197  PHE A C   1 
ATOM   780  O  O   . PHE A 1 99  ? 3.263   9.620   -4.701  1.00   10.70 ? 197  PHE A O   1 
ATOM   781  C  CB  . PHE A 1 99  ? 3.385   7.540   -2.411  1.00   11.04 ? 197  PHE A CB  1 
ATOM   782  C  CG  . PHE A 1 99  ? 3.127   6.165   -1.862  1.00   10.88 ? 197  PHE A CG  1 
ATOM   783  C  CD1 . PHE A 1 99  ? 3.280   5.055   -2.674  1.00   12.61 ? 197  PHE A CD1 1 
ATOM   784  C  CD2 . PHE A 1 99  ? 2.706   5.985   -0.549  1.00   11.50 ? 197  PHE A CD2 1 
ATOM   785  C  CE1 . PHE A 1 99  ? 3.037   3.779   -2.191  1.00   12.83 ? 197  PHE A CE1 1 
ATOM   786  C  CE2 . PHE A 1 99  ? 2.457   4.713   -0.056  1.00   12.18 ? 197  PHE A CE2 1 
ATOM   787  C  CZ  . PHE A 1 99  ? 2.630   3.606   -0.879  1.00   14.79 ? 197  PHE A CZ  1 
ATOM   788  N  N   . ASP A 1 100 ? 2.008   10.542  -3.094  1.00   11.11 ? 198  ASP A N   1 
ATOM   789  C  CA  . ASP A 1 100 ? 2.237   11.917  -3.531  1.00   11.15 ? 198  ASP A CA  1 
ATOM   790  C  C   . ASP A 1 100 ? 3.641   12.405  -3.189  1.00   11.60 ? 198  ASP A C   1 
ATOM   791  O  O   . ASP A 1 100 ? 4.015   12.530  -2.017  1.00   11.72 ? 198  ASP A O   1 
ATOM   792  C  CB  . ASP A 1 100 ? 1.203   12.829  -2.879  1.00   11.01 ? 198  ASP A CB  1 
ATOM   793  C  CG  . ASP A 1 100 ? 1.179   14.215  -3.483  1.00   11.97 ? 198  ASP A CG  1 
ATOM   794  O  OD1 . ASP A 1 100 ? 2.110   14.612  -4.210  1.00   9.87  ? 198  ASP A OD1 1 
ATOM   795  O  OD2 . ASP A 1 100 ? 0.195   14.915  -3.232  1.00   9.94  ? 198  ASP A OD2 1 
ATOM   796  N  N   . GLU A 1 101 ? 4.400   12.686  -4.242  1.00   12.55 ? 199  GLU A N   1 
ATOM   797  C  CA  . GLU A 1 101 ? 5.760   13.185  -4.167  0.50   12.43 ? 199  GLU A CA  1 
ATOM   798  C  C   . GLU A 1 101 ? 5.866   14.536  -3.447  1.00   12.99 ? 199  GLU A C   1 
ATOM   799  O  O   . GLU A 1 101 ? 6.934   14.891  -2.937  1.00   13.32 ? 199  GLU A O   1 
ATOM   800  C  CB  . GLU A 1 101 ? 6.291   13.276  -5.598  0.50   12.38 ? 199  GLU A CB  1 
ATOM   801  C  CG  . GLU A 1 101 ? 7.630   13.936  -5.808  0.50   12.70 ? 199  GLU A CG  1 
ATOM   802  C  CD  . GLU A 1 101 ? 7.944   14.040  -7.295  0.50   11.79 ? 199  GLU A CD  1 
ATOM   803  O  OE1 . GLU A 1 101 ? 7.671   13.069  -8.023  0.50   12.36 ? 199  GLU A OE1 1 
ATOM   804  O  OE2 . GLU A 1 101 ? 8.442   15.090  -7.731  0.50   13.42 ? 199  GLU A OE2 1 
ATOM   805  N  N   . ASP A 1 102 ? 4.758   15.278  -3.372  1.00   12.90 ? 200  ASP A N   1 
ATOM   806  C  CA  . ASP A 1 102 ? 4.780   16.587  -2.731  1.00   13.42 ? 200  ASP A CA  1 
ATOM   807  C  C   . ASP A 1 102 ? 4.670   16.592  -1.193  1.00   13.43 ? 200  ASP A C   1 
ATOM   808  O  O   . ASP A 1 102 ? 4.456   17.648  -0.594  1.00   13.28 ? 200  ASP A O   1 
ATOM   809  C  CB  . ASP A 1 102 ? 3.765   17.532  -3.387  1.00   13.79 ? 200  ASP A CB  1 
ATOM   810  C  CG  . ASP A 1 102 ? 4.224   18.008  -4.761  1.00   14.26 ? 200  ASP A CG  1 
ATOM   811  O  OD1 . ASP A 1 102 ? 5.455   18.031  -4.987  1.00   15.64 ? 200  ASP A OD1 1 
ATOM   812  O  OD2 . ASP A 1 102 ? 3.371   18.374  -5.610  1.00   16.08 ? 200  ASP A OD2 1 
ATOM   813  N  N   . GLU A 1 103 ? 4.815   15.424  -0.557  1.00   12.89 ? 201  GLU A N   1 
ATOM   814  C  CA  . GLU A 1 103 ? 4.840   15.375  0.913   1.00   13.46 ? 201  GLU A CA  1 
ATOM   815  C  C   . GLU A 1 103 ? 6.276   15.041  1.275   1.00   13.71 ? 201  GLU A C   1 
ATOM   816  O  O   . GLU A 1 103 ? 7.137   15.054  0.401   1.00   14.51 ? 201  GLU A O   1 
ATOM   817  C  CB  . GLU A 1 103 ? 3.935   14.267  1.458   1.00   13.48 ? 201  GLU A CB  1 
ATOM   818  C  CG  . GLU A 1 103 ? 2.585   14.141  0.761   1.00   13.82 ? 201  GLU A CG  1 
ATOM   819  C  CD  . GLU A 1 103 ? 1.745   15.416  0.748   1.00   13.95 ? 201  GLU A CD  1 
ATOM   820  O  OE1 . GLU A 1 103 ? 1.922   16.321  1.606   1.00   13.14 ? 201  GLU A OE1 1 
ATOM   821  O  OE2 . GLU A 1 103 ? 0.868   15.492  -0.142  1.00   14.13 ? 201  GLU A OE2 1 
ATOM   822  N  N   . ARG A 1 104 ? 6.539   14.757  2.549   1.00   13.89 ? 202  ARG A N   1 
ATOM   823  C  CA  . ARG A 1 104 ? 7.873   14.310  2.954   1.00   13.74 ? 202  ARG A CA  1 
ATOM   824  C  C   . ARG A 1 104 ? 7.725   12.906  3.536   1.00   14.03 ? 202  ARG A C   1 
ATOM   825  O  O   . ARG A 1 104 ? 6.933   12.708  4.452   1.00   13.59 ? 202  ARG A O   1 
ATOM   826  C  CB  . ARG A 1 104 ? 8.523   15.232  3.982   1.00   13.72 ? 202  ARG A CB  1 
ATOM   827  C  CG  . ARG A 1 104 ? 9.938   14.766  4.319   1.00   13.23 ? 202  ARG A CG  1 
ATOM   828  C  CD  . ARG A 1 104 ? 10.608  15.589  5.401   1.00   16.08 ? 202  ARG A CD  1 
ATOM   829  N  NE  . ARG A 1 104 ? 11.961  15.070  5.631   1.00   16.94 ? 202  ARG A NE  1 
ATOM   830  C  CZ  . ARG A 1 104 ? 13.041  15.526  5.015   1.00   17.95 ? 202  ARG A CZ  1 
ATOM   831  N  NH1 . ARG A 1 104 ? 12.935  16.532  4.159   1.00   18.27 ? 202  ARG A NH1 1 
ATOM   832  N  NH2 . ARG A 1 104 ? 14.231  14.987  5.264   1.00   18.37 ? 202  ARG A NH2 1 
ATOM   833  N  N   . TRP A 1 105 ? 8.500   11.956  3.006   1.00   14.19 ? 203  TRP A N   1 
ATOM   834  C  CA  . TRP A 1 105 ? 8.438   10.541  3.418   1.00   14.49 ? 203  TRP A CA  1 
ATOM   835  C  C   . TRP A 1 105 ? 9.720   10.156  4.147   1.00   14.84 ? 203  TRP A C   1 
ATOM   836  O  O   . TRP A 1 105 ? 10.789  10.621  3.786   1.00   15.04 ? 203  TRP A O   1 
ATOM   837  C  CB  . TRP A 1 105 ? 8.248   9.649   2.180   1.00   14.33 ? 203  TRP A CB  1 
ATOM   838  C  CG  . TRP A 1 105 ? 7.019   10.047  1.395   1.00   13.45 ? 203  TRP A CG  1 
ATOM   839  C  CD1 . TRP A 1 105 ? 6.962   10.933  0.356   1.00   12.78 ? 203  TRP A CD1 1 
ATOM   840  C  CD2 . TRP A 1 105 ? 5.669   9.634   1.650   1.00   13.59 ? 203  TRP A CD2 1 
ATOM   841  N  NE1 . TRP A 1 105 ? 5.655   11.073  -0.075  1.00   12.81 ? 203  TRP A NE1 1 
ATOM   842  C  CE2 . TRP A 1 105 ? 4.846   10.282  0.700   1.00   12.60 ? 203  TRP A CE2 1 
ATOM   843  C  CE3 . TRP A 1 105 ? 5.082   8.744   2.559   1.00   12.64 ? 203  TRP A CE3 1 
ATOM   844  C  CZ2 . TRP A 1 105 ? 3.464   10.088  0.654   1.00   13.05 ? 203  TRP A CZ2 1 
ATOM   845  C  CZ3 . TRP A 1 105 ? 3.714   8.553   2.514   1.00   13.32 ? 203  TRP A CZ3 1 
ATOM   846  C  CH2 . TRP A 1 105 ? 2.919   9.215   1.564   1.00   13.43 ? 203  TRP A CH2 1 
ATOM   847  N  N   . THR A 1 106 ? 9.617   9.313   5.168   1.00   15.66 ? 204  THR A N   1 
ATOM   848  C  CA  . THR A 1 106 ? 10.817  8.916   5.913   1.00   16.60 ? 204  THR A CA  1 
ATOM   849  C  C   . THR A 1 106 ? 10.870  7.428   6.236   1.00   17.04 ? 204  THR A C   1 
ATOM   850  O  O   . THR A 1 106 ? 9.846   6.752   6.296   1.00   16.35 ? 204  THR A O   1 
ATOM   851  C  CB  . THR A 1 106 ? 10.958  9.714   7.233   1.00   17.17 ? 204  THR A CB  1 
ATOM   852  O  OG1 . THR A 1 106 ? 12.213  9.396   7.860   1.00   16.65 ? 204  THR A OG1 1 
ATOM   853  C  CG2 . THR A 1 106 ? 9.830   9.377   8.185   1.00   17.91 ? 204  THR A CG2 1 
ATOM   854  N  N   . ASP A 1 107 ? 12.082  6.917   6.418   1.00   17.76 ? 205  ASP A N   1 
ATOM   855  C  CA  . ASP A 1 107 ? 12.274  5.528   6.820   1.00   18.86 ? 205  ASP A CA  1 
ATOM   856  C  C   . ASP A 1 107 ? 12.238  5.450   8.351   1.00   19.66 ? 205  ASP A C   1 
ATOM   857  O  O   . ASP A 1 107 ? 12.413  4.383   8.945   1.00   20.25 ? 205  ASP A O   1 
ATOM   858  C  CB  . ASP A 1 107 ? 13.602  4.995   6.278   1.00   19.38 ? 205  ASP A CB  1 
ATOM   859  C  CG  . ASP A 1 107 ? 14.802  5.807   6.750   1.00   21.21 ? 205  ASP A CG  1 
ATOM   860  O  OD1 . ASP A 1 107 ? 14.645  6.692   7.613   1.00   23.50 ? 205  ASP A OD1 1 
ATOM   861  O  OD2 . ASP A 1 107 ? 15.917  5.566   6.243   1.00   24.42 ? 205  ASP A OD2 1 
ATOM   862  N  N   . GLY A 1 108 ? 11.991  6.589   8.983   1.00   20.03 ? 206  GLY A N   1 
ATOM   863  C  CA  . GLY A 1 108 ? 11.934  6.663   10.436  1.00   20.71 ? 206  GLY A CA  1 
ATOM   864  C  C   . GLY A 1 108 ? 13.106  7.427   11.026  1.00   21.17 ? 206  GLY A C   1 
ATOM   865  O  O   . GLY A 1 108 ? 13.100  7.758   12.211  1.00   21.92 ? 206  GLY A O   1 
ATOM   866  N  N   . SER A 1 109 ? 14.106  7.727   10.206  1.00   21.49 ? 207  SER A N   1 
ATOM   867  C  CA  . SER A 1 109 ? 15.296  8.426   10.706  1.00   21.85 ? 207  SER A CA  1 
ATOM   868  C  C   . SER A 1 109 ? 15.248  9.947   10.561  1.00   21.99 ? 207  SER A C   1 
ATOM   869  O  O   . SER A 1 109 ? 16.129  10.651  11.066  1.00   22.19 ? 207  SER A O   1 
ATOM   870  C  CB  . SER A 1 109 ? 16.558  7.890   10.027  1.00   21.94 ? 207  SER A CB  1 
ATOM   871  O  OG  . SER A 1 109 ? 16.599  8.270   8.667   1.00   22.48 ? 207  SER A OG  1 
ATOM   872  N  N   . SER A 1 110 ? 14.236  10.465  9.871   1.00   21.54 ? 208  SER A N   1 
ATOM   873  C  CA  . SER A 1 110 ? 14.128  11.906  9.671   1.00   20.85 ? 208  SER A CA  1 
ATOM   874  C  C   . SER A 1 110 ? 12.698  12.366  9.901   1.00   20.16 ? 208  SER A C   1 
ATOM   875  O  O   . SER A 1 110 ? 11.875  11.611  10.407  1.00   20.62 ? 208  SER A O   1 
ATOM   876  C  CB  . SER A 1 110 ? 14.546  12.269  8.246   1.00   21.03 ? 208  SER A CB  1 
ATOM   877  O  OG  . SER A 1 110 ? 14.575  13.676  8.066   1.00   21.45 ? 208  SER A OG  1 
ATOM   878  N  N   . LEU A 1 111 ? 12.412  13.611  9.537   1.00   19.47 ? 209  LEU A N   1 
ATOM   879  C  CA  . LEU A 1 111 ? 11.055  14.120  9.612   1.00   18.44 ? 209  LEU A CA  1 
ATOM   880  C  C   . LEU A 1 111 ? 10.318  13.514  8.440   1.00   17.66 ? 209  LEU A C   1 
ATOM   881  O  O   . LEU A 1 111 ? 10.905  13.259  7.395   1.00   16.92 ? 209  LEU A O   1 
ATOM   882  C  CB  . LEU A 1 111 ? 11.006  15.639  9.421   1.00   18.13 ? 209  LEU A CB  1 
ATOM   883  C  CG  . LEU A 1 111 ? 11.593  16.594  10.450  1.00   19.70 ? 209  LEU A CG  1 
ATOM   884  C  CD1 . LEU A 1 111 ? 11.248  18.038  10.044  1.00   19.37 ? 209  LEU A CD1 1 
ATOM   885  C  CD2 . LEU A 1 111 ? 11.020  16.264  11.798  1.00   20.38 ? 209  LEU A CD2 1 
ATOM   886  N  N   . GLY A 1 112 ? 9.026   13.288  8.608   1.00   16.90 ? 210  GLY A N   1 
ATOM   887  C  CA  . GLY A 1 112 ? 8.222   12.800  7.507   1.00   15.67 ? 210  GLY A CA  1 
ATOM   888  C  C   . GLY A 1 112 ? 7.146   11.801  7.855   1.00   14.80 ? 210  GLY A C   1 
ATOM   889  O  O   . GLY A 1 112 ? 7.030   11.337  8.990   1.00   14.69 ? 210  GLY A O   1 
ATOM   890  N  N   . ILE A 1 113 ? 6.334   11.485  6.858   1.00   14.48 ? 211  ILE A N   1 
ATOM   891  C  CA  . ILE A 1 113 ? 5.325   10.468  7.013   1.00   14.39 ? 211  ILE A CA  1 
ATOM   892  C  C   . ILE A 1 113 ? 6.095   9.161   7.003   1.00   14.33 ? 211  ILE A C   1 
ATOM   893  O  O   . ILE A 1 113 ? 6.950   8.950   6.140   1.00   14.85 ? 211  ILE A O   1 
ATOM   894  C  CB  . ILE A 1 113 ? 4.386   10.415  5.798   1.00   14.19 ? 211  ILE A CB  1 
ATOM   895  C  CG1 . ILE A 1 113 ? 3.716   11.769  5.549   1.00   14.34 ? 211  ILE A CG1 1 
ATOM   896  C  CG2 . ILE A 1 113 ? 3.342   9.309   5.990   1.00   14.23 ? 211  ILE A CG2 1 
ATOM   897  C  CD1 . ILE A 1 113 ? 3.076   11.863  4.155   1.00   14.18 ? 211  ILE A CD1 1 
ATOM   898  N  N   . ASN A 1 114 ? 5.799   8.294   7.959   1.00   14.28 ? 212  ASN A N   1 
ATOM   899  C  CA  . ASN A 1 114 ? 6.444   6.998   8.025   1.00   14.30 ? 212  ASN A CA  1 
ATOM   900  C  C   . ASN A 1 114 ? 6.039   6.154   6.818   1.00   13.93 ? 212  ASN A C   1 
ATOM   901  O  O   . ASN A 1 114 ? 4.900   5.728   6.697   1.00   14.34 ? 212  ASN A O   1 
ATOM   902  C  CB  . ASN A 1 114 ? 6.110   6.303   9.343   1.00   14.53 ? 212  ASN A CB  1 
ATOM   903  C  CG  . ASN A 1 114 ? 6.828   4.989   9.491   1.00   15.84 ? 212  ASN A CG  1 
ATOM   904  O  OD1 . ASN A 1 114 ? 6.372   3.958   8.994   1.00   15.94 ? 212  ASN A OD1 1 
ATOM   905  N  ND2 . ASN A 1 114 ? 7.958   5.014   10.200  1.00   16.29 ? 212  ASN A ND2 1 
ATOM   906  N  N   . PHE A 1 115 ? 6.979   5.920   5.915   1.00   13.88 ? 213  PHE A N   1 
ATOM   907  C  CA  . PHE A 1 115 ? 6.655   5.207   4.687   1.00   13.45 ? 213  PHE A CA  1 
ATOM   908  C  C   . PHE A 1 115 ? 6.231   3.756   4.911   1.00   13.63 ? 213  PHE A C   1 
ATOM   909  O  O   . PHE A 1 115 ? 5.364   3.252   4.206   1.00   14.07 ? 213  PHE A O   1 
ATOM   910  C  CB  . PHE A 1 115 ? 7.813   5.269   3.677   1.00   14.28 ? 213  PHE A CB  1 
ATOM   911  C  CG  . PHE A 1 115 ? 7.516   4.550   2.389   1.00   13.89 ? 213  PHE A CG  1 
ATOM   912  C  CD1 . PHE A 1 115 ? 6.575   5.058   1.506   1.00   13.61 ? 213  PHE A CD1 1 
ATOM   913  C  CD2 . PHE A 1 115 ? 8.181   3.369   2.054   1.00   14.94 ? 213  PHE A CD2 1 
ATOM   914  C  CE1 . PHE A 1 115 ? 6.284   4.398   0.316   1.00   14.02 ? 213  PHE A CE1 1 
ATOM   915  C  CE2 . PHE A 1 115 ? 7.898   2.704   0.867   1.00   14.70 ? 213  PHE A CE2 1 
ATOM   916  C  CZ  . PHE A 1 115 ? 6.949   3.220   -0.005  1.00   14.98 ? 213  PHE A CZ  1 
ATOM   917  N  N   . LEU A 1 116 ? 6.837   3.079   5.879   1.00   14.13 ? 214  LEU A N   1 
ATOM   918  C  CA  . LEU A 1 116 ? 6.478   1.683   6.119   1.00   14.42 ? 214  LEU A CA  1 
ATOM   919  C  C   . LEU A 1 116 ? 5.013   1.566   6.521   1.00   14.59 ? 214  LEU A C   1 
ATOM   920  O  O   . LEU A 1 116 ? 4.286   0.704   6.011   1.00   14.67 ? 214  LEU A O   1 
ATOM   921  C  CB  . LEU A 1 116 ? 7.383   1.029   7.172   1.00   15.17 ? 214  LEU A CB  1 
ATOM   922  C  CG  . LEU A 1 116 ? 7.003   -0.427  7.486   1.00   15.37 ? 214  LEU A CG  1 
ATOM   923  C  CD1 . LEU A 1 116 ? 7.154   -1.342  6.259   1.00   16.64 ? 214  LEU A CD1 1 
ATOM   924  C  CD2 . LEU A 1 116 ? 7.849   -0.943  8.634   1.00   18.33 ? 214  LEU A CD2 1 
ATOM   925  N  N   . TYR A 1 117 ? 4.582   2.439   7.430   1.00   13.96 ? 215  TYR A N   1 
ATOM   926  C  CA  . TYR A 1 117 ? 3.190   2.428   7.863   1.00   13.75 ? 215  TYR A CA  1 
ATOM   927  C  C   . TYR A 1 117 ? 2.302   2.808   6.691   1.00   13.14 ? 215  TYR A C   1 
ATOM   928  O  O   . TYR A 1 117 ? 1.305   2.140   6.420   1.00   12.17 ? 215  TYR A O   1 
ATOM   929  C  CB  . TYR A 1 117 ? 2.955   3.380   9.033   1.00   14.00 ? 215  TYR A CB  1 
ATOM   930  C  CG  . TYR A 1 117 ? 1.558   3.289   9.619   1.00   16.52 ? 215  TYR A CG  1 
ATOM   931  C  CD1 . TYR A 1 117 ? 0.503   4.014   9.078   1.00   18.11 ? 215  TYR A CD1 1 
ATOM   932  C  CD2 . TYR A 1 117 ? 1.291   2.474   10.720  1.00   17.90 ? 215  TYR A CD2 1 
ATOM   933  C  CE1 . TYR A 1 117 ? -0.775  3.924   9.604   1.00   20.15 ? 215  TYR A CE1 1 
ATOM   934  C  CE2 . TYR A 1 117 ? 0.010   2.390   11.256  1.00   20.75 ? 215  TYR A CE2 1 
ATOM   935  C  CZ  . TYR A 1 117 ? -1.017  3.119   10.693  1.00   19.77 ? 215  TYR A CZ  1 
ATOM   936  O  OH  . TYR A 1 117 ? -2.307  3.044   11.215  1.00   21.58 ? 215  TYR A OH  1 
ATOM   937  N  N   . ALA A 1 118 ? 2.661   3.882   5.991   1.00   12.20 ? 216  ALA A N   1 
ATOM   938  C  CA  . ALA A 1 118 ? 1.857   4.306   4.848   1.00   12.07 ? 216  ALA A CA  1 
ATOM   939  C  C   . ALA A 1 118 ? 1.748   3.195   3.802   1.00   12.30 ? 216  ALA A C   1 
ATOM   940  O  O   . ALA A 1 118 ? 0.674   2.914   3.299   1.00   12.32 ? 216  ALA A O   1 
ATOM   941  C  CB  . ALA A 1 118 ? 2.409   5.599   4.233   1.00   12.00 ? 216  ALA A CB  1 
ATOM   942  N  N   . ALA A 1 119 ? 2.871   2.556   3.471   1.00   12.20 ? 217  ALA A N   1 
ATOM   943  C  CA  . ALA A 1 119 ? 2.846   1.476   2.493   1.00   12.90 ? 217  ALA A CA  1 
ATOM   944  C  C   . ALA A 1 119 ? 1.985   0.299   2.956   1.00   13.13 ? 217  ALA A C   1 
ATOM   945  O  O   . ALA A 1 119 ? 1.301   -0.331  2.153   1.00   14.04 ? 217  ALA A O   1 
ATOM   946  C  CB  . ALA A 1 119 ? 4.271   1.007   2.197   1.00   12.56 ? 217  ALA A CB  1 
ATOM   947  N  N   . THR A 1 120 ? 2.020   0.001   4.249   1.00   13.65 ? 218  THR A N   1 
ATOM   948  C  CA  . THR A 1 120 ? 1.246   -1.121  4.779   1.00   13.85 ? 218  THR A CA  1 
ATOM   949  C  C   . THR A 1 120 ? -0.261  -0.814  4.677   1.00   13.83 ? 218  THR A C   1 
ATOM   950  O  O   . THR A 1 120 ? -1.063  -1.681  4.313   1.00   13.77 ? 218  THR A O   1 
ATOM   951  C  CB  . THR A 1 120 ? 1.683   -1.486  6.223   1.00   13.62 ? 218  THR A CB  1 
ATOM   952  O  OG1 . THR A 1 120 ? 3.093   -1.764  6.235   1.00   15.17 ? 218  THR A OG1 1 
ATOM   953  C  CG2 . THR A 1 120 ? 0.929   -2.738  6.718   1.00   13.33 ? 218  THR A CG2 1 
ATOM   954  N  N   . HIS A 1 121 ? -0.629  0.436   4.946   1.00   13.91 ? 219  HIS A N   1 
ATOM   955  C  CA  . HIS A 1 121 ? -2.029  0.870   4.813   1.00   13.64 ? 219  HIS A CA  1 
ATOM   956  C  C   . HIS A 1 121 ? -2.479  0.814   3.349   1.00   13.29 ? 219  HIS A C   1 
ATOM   957  O  O   . HIS A 1 121 ? -3.493  0.198   3.032   1.00   13.64 ? 219  HIS A O   1 
ATOM   958  C  CB  . HIS A 1 121 ? -2.224  2.283   5.374   1.00   13.92 ? 219  HIS A CB  1 
ATOM   959  C  CG  . HIS A 1 121 ? -3.629  2.792   5.258   1.00   14.25 ? 219  HIS A CG  1 
ATOM   960  N  ND1 . HIS A 1 121 ? -4.516  2.766   6.312   1.00   15.77 ? 219  HIS A ND1 1 
ATOM   961  C  CD2 . HIS A 1 121 ? -4.304  3.324   4.211   1.00   14.62 ? 219  HIS A CD2 1 
ATOM   962  C  CE1 . HIS A 1 121 ? -5.676  3.269   5.921   1.00   15.36 ? 219  HIS A CE1 1 
ATOM   963  N  NE2 . HIS A 1 121 ? -5.572  3.615   4.648   1.00   15.20 ? 219  HIS A NE2 1 
ATOM   964  N  N   . GLU A 1 122 ? -1.718  1.445   2.453   1.00   13.05 ? 220  GLU A N   1 
ATOM   965  C  CA  . GLU A 1 122 ? -2.058  1.450   1.025   1.00   13.04 ? 220  GLU A CA  1 
ATOM   966  C  C   . GLU A 1 122 ? -2.076  0.056   0.405   1.00   13.35 ? 220  GLU A C   1 
ATOM   967  O  O   . GLU A 1 122 ? -2.963  -0.273  -0.374  1.00   13.72 ? 220  GLU A O   1 
ATOM   968  C  CB  . GLU A 1 122 ? -1.094  2.341   0.229   1.00   12.93 ? 220  GLU A CB  1 
ATOM   969  C  CG  . GLU A 1 122 ? -1.121  3.810   0.637   1.00   13.56 ? 220  GLU A CG  1 
ATOM   970  C  CD  . GLU A 1 122 ? -2.519  4.398   0.579   1.00   13.45 ? 220  GLU A CD  1 
ATOM   971  O  OE1 . GLU A 1 122 ? -3.256  4.085   -0.385  1.00   14.78 ? 220  GLU A OE1 1 
ATOM   972  O  OE2 . GLU A 1 122 ? -2.885  5.195   1.484   1.00   18.27 ? 220  GLU A OE2 1 
ATOM   973  N  N   . LEU A 1 123 ? -1.071  -0.754  0.704   1.00   13.87 ? 221  LEU A N   1 
ATOM   974  C  CA  . LEU A 1 123 ? -1.034  -2.096  0.128   1.00   14.01 ? 221  LEU A CA  1 
ATOM   975  C  C   . LEU A 1 123 ? -2.157  -2.946  0.711   1.00   14.39 ? 221  LEU A C   1 
ATOM   976  O  O   . LEU A 1 123 ? -2.611  -3.911  0.090   1.00   14.12 ? 221  LEU A O   1 
ATOM   977  C  CB  . LEU A 1 123 ? 0.350   -2.729  0.288   1.00   14.60 ? 221  LEU A CB  1 
ATOM   978  C  CG  . LEU A 1 123 ? 1.382   -2.001  -0.587  1.00   14.39 ? 221  LEU A CG  1 
ATOM   979  C  CD1 . LEU A 1 123 ? 2.806   -2.459  -0.290  1.00   15.54 ? 221  LEU A CD1 1 
ATOM   980  C  CD2 . LEU A 1 123 ? 1.049   -2.178  -2.069  1.00   16.27 ? 221  LEU A CD2 1 
ATOM   981  N  N   . GLY A 1 124 ? -2.615  -2.578  1.901   1.00   14.42 ? 222  GLY A N   1 
ATOM   982  C  CA  . GLY A 1 124 ? -3.782  -3.242  2.488   1.00   14.65 ? 222  GLY A CA  1 
ATOM   983  C  C   . GLY A 1 124 ? -4.926  -3.054  1.499   1.00   15.01 ? 222  GLY A C   1 
ATOM   984  O  O   . GLY A 1 124 ? -5.614  -4.014  1.141   1.00   14.98 ? 222  GLY A O   1 
ATOM   985  N  N   . HIS A 1 125 ? -5.132  -1.815  1.043   1.00   14.87 ? 223  HIS A N   1 
ATOM   986  C  CA  . HIS A 1 125 ? -6.162  -1.551  0.031   1.00   15.06 ? 223  HIS A CA  1 
ATOM   987  C  C   . HIS A 1 125 ? -5.902  -2.348  -1.247  1.00   14.58 ? 223  HIS A C   1 
ATOM   988  O  O   . HIS A 1 125 ? -6.829  -2.892  -1.851  1.00   14.35 ? 223  HIS A O   1 
ATOM   989  C  CB  . HIS A 1 125 ? -6.258  -0.056  -0.337  1.00   14.92 ? 223  HIS A CB  1 
ATOM   990  C  CG  . HIS A 1 125 ? -6.740  0.828   0.773   1.00   16.83 ? 223  HIS A CG  1 
ATOM   991  N  ND1 . HIS A 1 125 ? -7.899  0.576   1.474   1.00   17.94 ? 223  HIS A ND1 1 
ATOM   992  C  CD2 . HIS A 1 125 ? -6.273  2.015   1.231   1.00   17.00 ? 223  HIS A CD2 1 
ATOM   993  C  CE1 . HIS A 1 125 ? -8.099  1.544   2.352   1.00   17.35 ? 223  HIS A CE1 1 
ATOM   994  N  NE2 . HIS A 1 125 ? -7.128  2.429   2.225   1.00   18.42 ? 223  HIS A NE2 1 
ATOM   995  N  N   . SER A 1 126 ? -4.638  -2.400  -1.676  1.00   14.15 ? 224  SER A N   1 
ATOM   996  C  CA  . SER A 1 126 ? -4.277  -3.118  -2.889  1.00   13.98 ? 224  SER A CA  1 
ATOM   997  C  C   . SER A 1 126 ? -4.622  -4.600  -2.808  1.00   14.35 ? 224  SER A C   1 
ATOM   998  O  O   . SER A 1 126 ? -4.738  -5.268  -3.837  1.00   14.15 ? 224  SER A O   1 
ATOM   999  C  CB  . SER A 1 126 ? -2.781  -2.963  -3.188  1.00   13.60 ? 224  SER A CB  1 
ATOM   1000 O  OG  . SER A 1 126 ? -2.460  -1.606  -3.470  1.00   13.52 ? 224  SER A OG  1 
ATOM   1001 N  N   . LEU A 1 127 ? -4.777  -5.095  -1.585  1.00   14.87 ? 225  LEU A N   1 
ATOM   1002 C  CA  . LEU A 1 127 ? -5.132  -6.496  -1.355  1.00   15.77 ? 225  LEU A CA  1 
ATOM   1003 C  C   . LEU A 1 127 ? -6.634  -6.678  -1.155  1.00   16.14 ? 225  LEU A C   1 
ATOM   1004 O  O   . LEU A 1 127 ? -7.134  -7.802  -1.181  1.00   16.63 ? 225  LEU A O   1 
ATOM   1005 C  CB  . LEU A 1 127 ? -4.354  -7.068  -0.173  1.00   15.51 ? 225  LEU A CB  1 
ATOM   1006 C  CG  . LEU A 1 127 ? -2.844  -7.077  -0.374  1.00   16.22 ? 225  LEU A CG  1 
ATOM   1007 C  CD1 . LEU A 1 127 ? -2.165  -7.771  0.789   1.00   16.19 ? 225  LEU A CD1 1 
ATOM   1008 C  CD2 . LEU A 1 127 ? -2.513  -7.752  -1.697  1.00   16.61 ? 225  LEU A CD2 1 
ATOM   1009 N  N   . GLY A 1 128 ? -7.361  -5.581  -0.970  1.00   17.17 ? 226  GLY A N   1 
ATOM   1010 C  CA  . GLY A 1 128 ? -8.811  -5.666  -0.835  1.00   17.76 ? 226  GLY A CA  1 
ATOM   1011 C  C   . GLY A 1 128 ? -9.389  -5.253  0.505   1.00   18.70 ? 226  GLY A C   1 
ATOM   1012 O  O   . GLY A 1 128 ? -10.577 -5.454  0.758   1.00   18.85 ? 226  GLY A O   1 
ATOM   1013 N  N   . MET A 1 129 ? -8.549  -4.687  1.367   1.00   19.01 ? 227  MET A N   1 
ATOM   1014 C  CA  . MET A 1 129 ? -8.985  -4.224  2.678   1.00   19.50 ? 227  MET A CA  1 
ATOM   1015 C  C   . MET A 1 129 ? -9.574  -2.826  2.583   1.00   19.72 ? 227  MET A C   1 
ATOM   1016 O  O   . MET A 1 129 ? -9.027  -1.964  1.898   1.00   19.35 ? 227  MET A O   1 
ATOM   1017 C  CB  . MET A 1 129 ? -7.805  -4.176  3.655   1.00   19.87 ? 227  MET A CB  1 
ATOM   1018 C  CG  . MET A 1 129 ? -7.128  -5.511  3.899   1.00   21.09 ? 227  MET A CG  1 
ATOM   1019 S  SD  . MET A 1 129 ? -8.231  -6.649  4.761   1.00   24.24 ? 227  MET A SD  1 
ATOM   1020 C  CE  . MET A 1 129 ? -8.288  -5.875  6.371   1.00   23.88 ? 227  MET A CE  1 
ATOM   1021 N  N   . GLY A 1 130 ? -10.696 -2.612  3.265   1.00   20.02 ? 228  GLY A N   1 
ATOM   1022 C  CA  . GLY A 1 130 ? -11.306 -1.286  3.358   1.00   20.66 ? 228  GLY A CA  1 
ATOM   1023 C  C   . GLY A 1 130 ? -10.853 -0.686  4.680   1.00   20.77 ? 228  GLY A C   1 
ATOM   1024 O  O   . GLY A 1 130 ? -9.920  -1.198  5.304   1.00   21.37 ? 228  GLY A O   1 
ATOM   1025 N  N   . HIS A 1 131 ? -11.495 0.388   5.124   1.00   21.15 ? 229  HIS A N   1 
ATOM   1026 C  CA  . HIS A 1 131 ? -11.118 0.995   6.401   1.00   21.52 ? 229  HIS A CA  1 
ATOM   1027 C  C   . HIS A 1 131 ? -11.767 0.322   7.610   1.00   22.06 ? 229  HIS A C   1 
ATOM   1028 O  O   . HIS A 1 131 ? -12.890 -0.199  7.532   1.00   22.15 ? 229  HIS A O   1 
ATOM   1029 C  CB  . HIS A 1 131 ? -11.408 2.499   6.422   1.00   21.89 ? 229  HIS A CB  1 
ATOM   1030 C  CG  . HIS A 1 131 ? -10.546 3.287   5.488   1.00   21.70 ? 229  HIS A CG  1 
ATOM   1031 N  ND1 . HIS A 1 131 ? -11.052 4.204   4.590   1.00   22.18 ? 229  HIS A ND1 1 
ATOM   1032 C  CD2 . HIS A 1 131 ? -9.206  3.274   5.295   1.00   20.88 ? 229  HIS A CD2 1 
ATOM   1033 C  CE1 . HIS A 1 131 ? -10.058 4.737   3.901   1.00   23.37 ? 229  HIS A CE1 1 
ATOM   1034 N  NE2 . HIS A 1 131 ? -8.928  4.184   4.306   1.00   20.22 ? 229  HIS A NE2 1 
ATOM   1035 N  N   . SER A 1 132 ? -11.053 0.352   8.729   1.00   22.18 ? 230  SER A N   1 
ATOM   1036 C  CA  . SER A 1 132 ? -11.527 -0.239  9.971   1.00   22.54 ? 230  SER A CA  1 
ATOM   1037 C  C   . SER A 1 132 ? -12.025 0.819   10.950  1.00   22.81 ? 230  SER A C   1 
ATOM   1038 O  O   . SER A 1 132 ? -11.600 1.975   10.906  1.00   22.49 ? 230  SER A O   1 
ATOM   1039 C  CB  . SER A 1 132 ? -10.410 -1.059  10.617  1.00   22.91 ? 230  SER A CB  1 
ATOM   1040 O  OG  . SER A 1 132 ? -10.770 -1.495  11.921  1.00   23.05 ? 230  SER A OG  1 
ATOM   1041 N  N   . SER A 1 133 ? -12.932 0.412   11.832  1.00   22.72 ? 231  SER A N   1 
ATOM   1042 C  CA  . SER A 1 133 ? -13.454 1.304   12.858  1.00   22.91 ? 231  SER A CA  1 
ATOM   1043 C  C   . SER A 1 133 ? -12.641 1.147   14.143  1.00   22.99 ? 231  SER A C   1 
ATOM   1044 O  O   . SER A 1 133 ? -12.886 1.835   15.135  1.00   23.56 ? 231  SER A O   1 
ATOM   1045 C  CB  . SER A 1 133 ? -14.929 0.997   13.118  1.00   23.03 ? 231  SER A CB  1 
ATOM   1046 O  OG  . SER A 1 133 ? -15.085 -0.342  13.544  1.00   23.34 ? 231  SER A OG  1 
ATOM   1047 N  N   . ASP A 1 134 ? -11.667 0.241   14.115  1.00   22.82 ? 232  ASP A N   1 
ATOM   1048 C  CA  . ASP A 1 134 ? -10.803 -0.030  15.260  1.00   23.16 ? 232  ASP A CA  1 
ATOM   1049 C  C   . ASP A 1 134 ? -9.564  0.860   15.208  1.00   23.02 ? 232  ASP A C   1 
ATOM   1050 O  O   . ASP A 1 134 ? -8.743  0.721   14.303  1.00   22.50 ? 232  ASP A O   1 
ATOM   1051 C  CB  . ASP A 1 134 ? -10.407 -1.510  15.246  1.00   23.39 ? 232  ASP A CB  1 
ATOM   1052 C  CG  . ASP A 1 134 ? -9.555  -1.911  16.435  1.00   24.75 ? 232  ASP A CG  1 
ATOM   1053 O  OD1 . ASP A 1 134 ? -8.906  -1.037  17.046  1.00   25.62 ? 232  ASP A OD1 1 
ATOM   1054 O  OD2 . ASP A 1 134 ? -9.538  -3.125  16.746  1.00   25.76 ? 232  ASP A OD2 1 
ATOM   1055 N  N   . PRO A 1 135 ? -9.432  1.792   16.171  1.00   23.01 ? 233  PRO A N   1 
ATOM   1056 C  CA  . PRO A 1 135 ? -8.308  2.731   16.196  1.00   22.93 ? 233  PRO A CA  1 
ATOM   1057 C  C   . PRO A 1 135 ? -6.919  2.089   16.191  1.00   23.28 ? 233  PRO A C   1 
ATOM   1058 O  O   . PRO A 1 135 ? -5.952  2.738   15.795  1.00   23.74 ? 233  PRO A O   1 
ATOM   1059 C  CB  . PRO A 1 135 ? -8.531  3.506   17.499  1.00   22.83 ? 233  PRO A CB  1 
ATOM   1060 C  CG  . PRO A 1 135 ? -10.039 3.471   17.676  1.00   22.89 ? 233  PRO A CG  1 
ATOM   1061 C  CD  . PRO A 1 135 ? -10.417 2.087   17.233  1.00   22.85 ? 233  PRO A CD  1 
ATOM   1062 N  N   . ASN A 1 136 ? -6.818  0.839   16.632  1.00   23.21 ? 234  ASN A N   1 
ATOM   1063 C  CA  . ASN A 1 136 ? -5.533  0.150   16.674  1.00   23.09 ? 234  ASN A CA  1 
ATOM   1064 C  C   . ASN A 1 136 ? -5.132  -0.431  15.320  1.00   22.32 ? 234  ASN A C   1 
ATOM   1065 O  O   . ASN A 1 136 ? -3.971  -0.808  15.112  1.00   21.77 ? 234  ASN A O   1 
ATOM   1066 C  CB  . ASN A 1 136 ? -5.577  -0.992  17.691  1.00   23.80 ? 234  ASN A CB  1 
ATOM   1067 C  CG  . ASN A 1 136 ? -5.918  -0.527  19.092  1.00   25.69 ? 234  ASN A CG  1 
ATOM   1068 O  OD1 . ASN A 1 136 ? -6.714  -1.165  19.789  1.00   29.86 ? 234  ASN A OD1 1 
ATOM   1069 N  ND2 . ASN A 1 136 ? -5.344  0.595   19.505  1.00   26.97 ? 234  ASN A ND2 1 
ATOM   1070 N  N   . ALA A 1 137 ? -6.089  -0.509  14.402  1.00   20.75 ? 235  ALA A N   1 
ATOM   1071 C  CA  . ALA A 1 137 ? -5.831  -1.123  13.102  1.00   20.28 ? 235  ALA A CA  1 
ATOM   1072 C  C   . ALA A 1 137 ? -5.073  -0.225  12.136  1.00   19.59 ? 235  ALA A C   1 
ATOM   1073 O  O   . ALA A 1 137 ? -5.311  0.979   12.068  1.00   19.26 ? 235  ALA A O   1 
ATOM   1074 C  CB  . ALA A 1 137 ? -7.127  -1.607  12.468  1.00   20.05 ? 235  ALA A CB  1 
ATOM   1075 N  N   . VAL A 1 138 ? -4.152  -0.831  11.391  1.00   18.76 ? 236  VAL A N   1 
ATOM   1076 C  CA  . VAL A 1 138 ? -3.390  -0.112  10.387  1.00   18.42 ? 236  VAL A CA  1 
ATOM   1077 C  C   . VAL A 1 138 ? -4.359  0.437   9.354   1.00   17.95 ? 236  VAL A C   1 
ATOM   1078 O  O   . VAL A 1 138 ? -4.101  1.477   8.741   1.00   17.76 ? 236  VAL A O   1 
ATOM   1079 C  CB  . VAL A 1 138 ? -2.374  -1.038  9.696   1.00   17.95 ? 236  VAL A CB  1 
ATOM   1080 C  CG1 . VAL A 1 138 ? -1.671  -0.320  8.534   1.00   19.20 ? 236  VAL A CG1 1 
ATOM   1081 C  CG2 . VAL A 1 138 ? -1.357  -1.540  10.709  1.00   18.49 ? 236  VAL A CG2 1 
ATOM   1082 N  N   . MET A 1 139 ? -5.490  -0.249  9.183   1.00   17.87 ? 237  MET A N   1 
ATOM   1083 C  CA  . MET A 1 139 ? -6.498  0.174   8.203   1.00   17.74 ? 237  MET A CA  1 
ATOM   1084 C  C   . MET A 1 139 ? -7.494  1.231   8.715   1.00   18.14 ? 237  MET A C   1 
ATOM   1085 O  O   . MET A 1 139 ? -8.475  1.543   8.037   1.00   18.19 ? 237  MET A O   1 
ATOM   1086 C  CB  . MET A 1 139 ? -7.227  -1.028  7.589   1.00   17.80 ? 237  MET A CB  1 
ATOM   1087 C  CG  . MET A 1 139 ? -6.308  -2.003  6.848   1.00   17.05 ? 237  MET A CG  1 
ATOM   1088 S  SD  . MET A 1 139 ? -5.304  -1.203  5.561   1.00   16.36 ? 237  MET A SD  1 
ATOM   1089 C  CE  . MET A 1 139 ? -6.559  -0.359  4.604   1.00   15.55 ? 237  MET A CE  1 
ATOM   1090 N  N   . TYR A 1 140 ? -7.248  1.770   9.904   1.00   18.79 ? 238  TYR A N   1 
ATOM   1091 C  CA  . TYR A 1 140 ? -8.080  2.858   10.420  1.00   19.64 ? 238  TYR A CA  1 
ATOM   1092 C  C   . TYR A 1 140 ? -7.924  3.982   9.392   1.00   20.14 ? 238  TYR A C   1 
ATOM   1093 O  O   . TYR A 1 140 ? -6.858  4.131   8.800   1.00   19.86 ? 238  TYR A O   1 
ATOM   1094 C  CB  . TYR A 1 140 ? -7.585  3.287   11.795  1.00   19.83 ? 238  TYR A CB  1 
ATOM   1095 C  CG  . TYR A 1 140 ? -8.506  4.191   12.584  1.00   21.37 ? 238  TYR A CG  1 
ATOM   1096 C  CD1 . TYR A 1 140 ? -9.748  3.738   13.025  1.00   21.98 ? 238  TYR A CD1 1 
ATOM   1097 C  CD2 . TYR A 1 140 ? -8.104  5.465   12.959  1.00   22.75 ? 238  TYR A CD2 1 
ATOM   1098 C  CE1 . TYR A 1 140 ? -10.587 4.549   13.784  1.00   23.67 ? 238  TYR A CE1 1 
ATOM   1099 C  CE2 . TYR A 1 140 ? -8.933  6.288   13.718  1.00   23.74 ? 238  TYR A CE2 1 
ATOM   1100 C  CZ  . TYR A 1 140 ? -10.170 5.827   14.125  1.00   25.05 ? 238  TYR A CZ  1 
ATOM   1101 O  OH  . TYR A 1 140 ? -10.988 6.644   14.880  1.00   24.94 ? 238  TYR A OH  1 
ATOM   1102 N  N   . PRO A 1 141 ? -8.985  4.771   9.169   1.00   20.60 ? 239  PRO A N   1 
ATOM   1103 C  CA  . PRO A 1 141 ? -8.935  5.750   8.081   1.00   21.28 ? 239  PRO A CA  1 
ATOM   1104 C  C   . PRO A 1 141 ? -7.928  6.897   8.206   1.00   21.64 ? 239  PRO A C   1 
ATOM   1105 O  O   . PRO A 1 141 ? -7.607  7.527   7.202   1.00   22.11 ? 239  PRO A O   1 
ATOM   1106 C  CB  . PRO A 1 141 ? -10.372 6.292   8.021   1.00   21.38 ? 239  PRO A CB  1 
ATOM   1107 C  CG  . PRO A 1 141 ? -10.971 5.974   9.350   1.00   21.30 ? 239  PRO A CG  1 
ATOM   1108 C  CD  . PRO A 1 141 ? -10.300 4.722   9.832   1.00   21.00 ? 239  PRO A CD  1 
ATOM   1109 N  N   . THR A 1 142 ? -7.427  7.170   9.402   1.00   22.44 ? 240  THR A N   1 
ATOM   1110 C  CA  . THR A 1 142 ? -6.503  8.289   9.568   1.00   23.23 ? 240  THR A CA  1 
ATOM   1111 C  C   . THR A 1 142 ? -5.098  7.863   10.014  1.00   23.44 ? 240  THR A C   1 
ATOM   1112 O  O   . THR A 1 142 ? -4.928  6.815   10.644  1.00   23.52 ? 240  THR A O   1 
ATOM   1113 C  CB  . THR A 1 142 ? -7.099  9.351   10.525  1.00   23.38 ? 240  THR A CB  1 
ATOM   1114 O  OG1 . THR A 1 142 ? -7.436  8.734   11.770  1.00   24.13 ? 240  THR A OG1 1 
ATOM   1115 C  CG2 . THR A 1 142 ? -8.372  9.933   9.923   1.00   24.01 ? 240  THR A CG2 1 
ATOM   1116 N  N   . TYR A 1 143 ? -4.098  8.670   9.661   1.00   23.46 ? 241  TYR A N   1 
ATOM   1117 C  CA  . TYR A 1 143 ? -2.707  8.402   10.039  1.00   24.06 ? 241  TYR A CA  1 
ATOM   1118 C  C   . TYR A 1 143 ? -2.431  8.976   11.425  1.00   24.50 ? 241  TYR A C   1 
ATOM   1119 O  O   . TYR A 1 143 ? -1.916  8.281   12.300  1.00   25.70 ? 241  TYR A O   1 
ATOM   1120 C  CB  . TYR A 1 143 ? -1.747  9.022   9.011   1.00   23.62 ? 241  TYR A CB  1 
ATOM   1121 C  CG  . TYR A 1 143 ? -0.255  8.904   9.320   1.00   23.80 ? 241  TYR A CG  1 
ATOM   1122 C  CD1 . TYR A 1 143 ? 0.384   9.826   10.149  1.00   22.73 ? 241  TYR A CD1 1 
ATOM   1123 C  CD2 . TYR A 1 143 ? 0.518   7.905   8.741   1.00   22.55 ? 241  TYR A CD2 1 
ATOM   1124 C  CE1 . TYR A 1 143 ? 1.751   9.735   10.413  1.00   21.14 ? 241  TYR A CE1 1 
ATOM   1125 C  CE2 . TYR A 1 143 ? 1.875   7.804   9.002   1.00   21.21 ? 241  TYR A CE2 1 
ATOM   1126 C  CZ  . TYR A 1 143 ? 2.490   8.718   9.833   1.00   20.78 ? 241  TYR A CZ  1 
ATOM   1127 O  OH  . TYR A 1 143 ? 3.846   8.614   10.083  1.00   19.01 ? 241  TYR A OH  1 
ATOM   1128 N  N   . PRO A 1 148 ? 3.307   4.867   14.189  1.00   43.03 ? 246  PRO A N   1 
ATOM   1129 C  CA  . PRO A 1 148 ? 3.863   4.487   12.893  1.00   42.91 ? 246  PRO A CA  1 
ATOM   1130 C  C   . PRO A 1 148 ? 5.356   4.163   12.975  1.00   42.95 ? 246  PRO A C   1 
ATOM   1131 O  O   . PRO A 1 148 ? 5.883   3.460   12.113  1.00   43.15 ? 246  PRO A O   1 
ATOM   1132 C  CB  . PRO A 1 148 ? 3.647   5.742   12.043  1.00   42.89 ? 246  PRO A CB  1 
ATOM   1133 C  CG  . PRO A 1 148 ? 2.449   6.391   12.636  1.00   42.98 ? 246  PRO A CG  1 
ATOM   1134 C  CD  . PRO A 1 148 ? 2.507   6.104   14.112  1.00   42.84 ? 246  PRO A CD  1 
ATOM   1135 N  N   . GLN A 1 149 ? 6.021   4.673   14.008  1.00   42.66 ? 247  GLN A N   1 
ATOM   1136 C  CA  . GLN A 1 149 ? 7.458   4.466   14.196  1.00   42.36 ? 247  GLN A CA  1 
ATOM   1137 C  C   . GLN A 1 149 ? 7.777   3.032   14.607  1.00   41.79 ? 247  GLN A C   1 
ATOM   1138 O  O   . GLN A 1 149 ? 8.907   2.564   14.462  1.00   42.03 ? 247  GLN A O   1 
ATOM   1139 C  CB  . GLN A 1 149 ? 7.997   5.461   15.229  1.00   42.49 ? 247  GLN A CB  1 
ATOM   1140 C  CG  . GLN A 1 149 ? 9.468   5.302   15.586  1.00   43.52 ? 247  GLN A CG  1 
ATOM   1141 C  CD  . GLN A 1 149 ? 10.387  5.398   14.386  1.00   44.49 ? 247  GLN A CD  1 
ATOM   1142 O  OE1 . GLN A 1 149 ? 10.137  4.785   13.347  1.00   45.35 ? 247  GLN A OE1 1 
ATOM   1143 N  NE2 . GLN A 1 149 ? 11.477  6.147   14.532  1.00   45.14 ? 247  GLN A NE2 1 
ATOM   1144 N  N   . ASN A 1 150 ? 6.770   2.343   15.126  1.00   40.82 ? 248  ASN A N   1 
ATOM   1145 C  CA  . ASN A 1 150 ? 6.915   0.958   15.546  1.00   39.94 ? 248  ASN A CA  1 
ATOM   1146 C  C   . ASN A 1 150 ? 5.534   0.320   15.622  1.00   38.72 ? 248  ASN A C   1 
ATOM   1147 O  O   . ASN A 1 150 ? 4.771   0.594   16.552  1.00   39.00 ? 248  ASN A O   1 
ATOM   1148 C  CB  . ASN A 1 150 ? 7.618   0.875   16.903  1.00   40.20 ? 248  ASN A CB  1 
ATOM   1149 C  CG  . ASN A 1 150 ? 7.782   -0.554  17.388  1.00   41.26 ? 248  ASN A CG  1 
ATOM   1150 O  OD1 . ASN A 1 150 ? 7.165   -1.479  16.844  1.00   43.03 ? 248  ASN A OD1 1 
ATOM   1151 N  ND2 . ASN A 1 150 ? 8.611   -0.742  18.419  1.00   43.02 ? 248  ASN A ND2 1 
ATOM   1152 N  N   . PHE A 1 151 ? 5.204   -0.518  14.643  1.00   37.03 ? 249  PHE A N   1 
ATOM   1153 C  CA  . PHE A 1 151 ? 3.886   -1.137  14.617  1.00   35.23 ? 249  PHE A CA  1 
ATOM   1154 C  C   . PHE A 1 151 ? 3.900   -2.543  14.025  1.00   34.18 ? 249  PHE A C   1 
ATOM   1155 O  O   . PHE A 1 151 ? 4.929   -3.045  13.566  1.00   34.23 ? 249  PHE A O   1 
ATOM   1156 C  CB  . PHE A 1 151 ? 2.932   -0.282  13.781  1.00   35.13 ? 249  PHE A CB  1 
ATOM   1157 C  CG  . PHE A 1 151 ? 3.133   -0.440  12.298  1.00   33.87 ? 249  PHE A CG  1 
ATOM   1158 C  CD1 . PHE A 1 151 ? 4.194   0.174   11.659  1.00   33.75 ? 249  PHE A CD1 1 
ATOM   1159 C  CD2 . PHE A 1 151 ? 2.259   -1.210  11.548  1.00   33.25 ? 249  PHE A CD2 1 
ATOM   1160 C  CE1 . PHE A 1 151 ? 4.380   0.021   10.295  1.00   32.82 ? 249  PHE A CE1 1 
ATOM   1161 C  CE2 . PHE A 1 151 ? 2.446   -1.369  10.182  1.00   31.99 ? 249  PHE A CE2 1 
ATOM   1162 C  CZ  . PHE A 1 151 ? 3.503   -0.755  9.559   1.00   31.57 ? 249  PHE A CZ  1 
ATOM   1163 N  N   . LYS A 1 152 ? 2.724   -3.152  14.037  1.00   32.63 ? 250  LYS A N   1 
ATOM   1164 C  CA  . LYS A 1 152 ? 2.481   -4.469  13.481  1.00   31.24 ? 250  LYS A CA  1 
ATOM   1165 C  C   . LYS A 1 152 ? 0.994   -4.500  13.157  1.00   29.67 ? 250  LYS A C   1 
ATOM   1166 O  O   . LYS A 1 152 ? 0.237   -3.651  13.630  1.00   28.99 ? 250  LYS A O   1 
ATOM   1167 C  CB  . LYS A 1 152 ? 2.817   -5.550  14.511  1.00   31.60 ? 250  LYS A CB  1 
ATOM   1168 C  CG  . LYS A 1 152 ? 1.983   -5.469  15.783  1.00   32.87 ? 250  LYS A CG  1 
ATOM   1169 C  CD  . LYS A 1 152 ? 2.414   -6.516  16.803  1.00   36.06 ? 250  LYS A CD  1 
ATOM   1170 C  CE  . LYS A 1 152 ? 1.583   -6.425  18.077  1.00   37.14 ? 250  LYS A CE  1 
ATOM   1171 N  NZ  . LYS A 1 152 ? 2.043   -7.412  19.101  1.00   39.58 ? 250  LYS A NZ  1 
ATOM   1172 N  N   . LEU A 1 153 ? 0.563   -5.455  12.341  1.00   28.29 ? 251  LEU A N   1 
ATOM   1173 C  CA  . LEU A 1 153 ? -0.856  -5.557  12.035  1.00   26.86 ? 251  LEU A CA  1 
ATOM   1174 C  C   . LEU A 1 153 ? -1.623  -5.832  13.322  1.00   26.34 ? 251  LEU A C   1 
ATOM   1175 O  O   . LEU A 1 153 ? -1.167  -6.608  14.158  1.00   26.15 ? 251  LEU A O   1 
ATOM   1176 C  CB  . LEU A 1 153 ? -1.124  -6.681  11.042  1.00   26.72 ? 251  LEU A CB  1 
ATOM   1177 C  CG  . LEU A 1 153 ? -0.542  -6.543  9.639   1.00   26.39 ? 251  LEU A CG  1 
ATOM   1178 C  CD1 . LEU A 1 153 ? -1.073  -7.674  8.777   1.00   26.17 ? 251  LEU A CD1 1 
ATOM   1179 C  CD2 . LEU A 1 153 ? -0.937  -5.192  9.055   1.00   25.13 ? 251  LEU A CD2 1 
ATOM   1180 N  N   . SER A 1 154 ? -2.777  -5.196  13.489  1.00   25.27 ? 252  SER A N   1 
ATOM   1181 C  CA  . SER A 1 154 ? -3.585  -5.428  14.687  1.00   24.90 ? 252  SER A CA  1 
ATOM   1182 C  C   . SER A 1 154 ? -4.429  -6.679  14.492  1.00   24.70 ? 252  SER A C   1 
ATOM   1183 O  O   . SER A 1 154 ? -4.551  -7.188  13.383  1.00   24.17 ? 252  SER A O   1 
ATOM   1184 C  CB  . SER A 1 154 ? -4.499  -4.240  14.985  1.00   24.76 ? 252  SER A CB  1 
ATOM   1185 O  OG  . SER A 1 154 ? -5.568  -4.192  14.067  1.00   24.14 ? 252  SER A OG  1 
ATOM   1186 N  N   . GLN A 1 155 ? -5.031  -7.180  15.563  1.00   24.86 ? 253  GLN A N   1 
ATOM   1187 C  CA  . GLN A 1 155 ? -5.846  -8.372  15.411  1.00   24.96 ? 253  GLN A CA  1 
ATOM   1188 C  C   . GLN A 1 155 ? -6.989  -8.157  14.418  1.00   24.35 ? 253  GLN A C   1 
ATOM   1189 O  O   . GLN A 1 155 ? -7.369  -9.077  13.700  1.00   24.03 ? 253  GLN A O   1 
ATOM   1190 C  CB  . GLN A 1 155 ? -6.332  -8.890  16.771  1.00   25.85 ? 253  GLN A CB  1 
ATOM   1191 C  CG  . GLN A 1 155 ? -5.181  -9.395  17.617  1.00   28.11 ? 253  GLN A CG  1 
ATOM   1192 C  CD  . GLN A 1 155 ? -4.390  -10.494 16.912  1.00   31.35 ? 253  GLN A CD  1 
ATOM   1193 O  OE1 . GLN A 1 155 ? -4.959  -11.463 16.409  1.00   33.60 ? 253  GLN A OE1 1 
ATOM   1194 N  NE2 . GLN A 1 155 ? -3.069  -10.348 16.884  1.00   32.78 ? 253  GLN A NE2 1 
ATOM   1195 N  N   . ASP A 1 156 ? -7.512  -6.933  14.356  1.00   23.76 ? 254  ASP A N   1 
ATOM   1196 C  CA  . ASP A 1 156 ? -8.582  -6.619  13.415  1.00   23.00 ? 254  ASP A CA  1 
ATOM   1197 C  C   . ASP A 1 156 ? -8.090  -6.715  11.975  1.00   22.30 ? 254  ASP A C   1 
ATOM   1198 O  O   . ASP A 1 156 ? -8.808  -7.184  11.103  1.00   21.90 ? 254  ASP A O   1 
ATOM   1199 C  CB  . ASP A 1 156 ? -9.125  -5.209  13.639  1.00   23.34 ? 254  ASP A CB  1 
ATOM   1200 C  CG  . ASP A 1 156 ? -10.279 -4.885  12.706  1.00   24.45 ? 254  ASP A CG  1 
ATOM   1201 O  OD1 . ASP A 1 156 ? -11.355 -5.506  12.846  1.00   25.88 ? 254  ASP A OD1 1 
ATOM   1202 O  OD2 . ASP A 1 156 ? -10.117 -3.997  11.840  1.00   25.22 ? 254  ASP A OD2 1 
ATOM   1203 N  N   . ASP A 1 157 ? -6.872  -6.235  11.725  1.00   21.74 ? 255  ASP A N   1 
ATOM   1204 C  CA  . ASP A 1 157 ? -6.296  -6.301  10.383  1.00   21.17 ? 255  ASP A CA  1 
ATOM   1205 C  C   . ASP A 1 157 ? -6.139  -7.756  9.948   1.00   21.49 ? 255  ASP A C   1 
ATOM   1206 O  O   . ASP A 1 157 ? -6.497  -8.122  8.831   1.00   21.06 ? 255  ASP A O   1 
ATOM   1207 C  CB  . ASP A 1 157 ? -4.918  -5.646  10.353  1.00   20.54 ? 255  ASP A CB  1 
ATOM   1208 C  CG  . ASP A 1 157 ? -4.965  -4.158  10.605  1.00   19.78 ? 255  ASP A CG  1 
ATOM   1209 O  OD1 . ASP A 1 157 ? -5.819  -3.455  10.012  1.00   19.37 ? 255  ASP A OD1 1 
ATOM   1210 O  OD2 . ASP A 1 157 ? -4.113  -3.692  11.383  1.00   18.30 ? 255  ASP A OD2 1 
ATOM   1211 N  N   . ILE A 1 158 ? -5.581  -8.576  10.836  1.00   22.15 ? 256  ILE A N   1 
ATOM   1212 C  CA  . ILE A 1 158 ? -5.363  -9.991  10.542  1.00   22.94 ? 256  ILE A CA  1 
ATOM   1213 C  C   . ILE A 1 158 ? -6.691  -10.714 10.314  1.00   23.33 ? 256  ILE A C   1 
ATOM   1214 O  O   . ILE A 1 158 ? -6.844  -11.467 9.351   1.00   23.43 ? 256  ILE A O   1 
ATOM   1215 C  CB  . ILE A 1 158 ? -4.561  -10.662 11.659  1.00   23.18 ? 256  ILE A CB  1 
ATOM   1216 C  CG1 . ILE A 1 158 ? -3.252  -9.900  11.878  1.00   23.67 ? 256  ILE A CG1 1 
ATOM   1217 C  CG2 . ILE A 1 158 ? -4.278  -12.126 11.317  1.00   23.35 ? 256  ILE A CG2 1 
ATOM   1218 C  CD1 . ILE A 1 158 ? -2.410  -10.440 13.016  1.00   25.05 ? 256  ILE A CD1 1 
ATOM   1219 N  N   . LYS A 1 159 ? -7.655  -10.466 11.194  1.00   23.53 ? 257  LYS A N   1 
ATOM   1220 C  CA  . LYS A 1 159 ? -8.979  -11.060 11.066  1.00   24.04 ? 257  LYS A CA  1 
ATOM   1221 C  C   . LYS A 1 159 ? -9.598  -10.720 9.706   1.00   23.77 ? 257  LYS A C   1 
ATOM   1222 O  O   . LYS A 1 159 ? -10.191 -11.573 9.042   1.00   23.64 ? 257  LYS A O   1 
ATOM   1223 C  CB  . LYS A 1 159 ? -9.884  -10.538 12.189  1.00   24.59 ? 257  LYS A CB  1 
ATOM   1224 C  CG  . LYS A 1 159 ? -11.290 -11.111 12.215  1.00   26.66 ? 257  LYS A CG  1 
ATOM   1225 C  CD  . LYS A 1 159 ? -12.151 -10.381 13.251  1.00   29.57 ? 257  LYS A CD  1 
ATOM   1226 C  CE  . LYS A 1 159 ? -13.572 -10.926 13.282  1.00   31.93 ? 257  LYS A CE  1 
ATOM   1227 N  NZ  . LYS A 1 159 ? -14.465 -10.117 14.177  1.00   33.17 ? 257  LYS A NZ  1 
ATOM   1228 N  N   . GLY A 1 160 ? -9.457  -9.467  9.287   1.00   23.28 ? 258  GLY A N   1 
ATOM   1229 C  CA  . GLY A 1 160 ? -10.043 -9.030  8.026   1.00   22.96 ? 258  GLY A CA  1 
ATOM   1230 C  C   . GLY A 1 160 ? -9.411  -9.641  6.797   1.00   22.91 ? 258  GLY A C   1 
ATOM   1231 O  O   . GLY A 1 160 ? -10.106 -10.113 5.894   1.00   22.70 ? 258  GLY A O   1 
ATOM   1232 N  N   . ILE A 1 161 ? -8.084  -9.632  6.753   1.00   22.56 ? 259  ILE A N   1 
ATOM   1233 C  CA  . ILE A 1 161 ? -7.370  -10.171 5.602   1.00   22.33 ? 259  ILE A CA  1 
ATOM   1234 C  C   . ILE A 1 161 ? -7.571  -11.687 5.482   1.00   22.86 ? 259  ILE A C   1 
ATOM   1235 O  O   . ILE A 1 161 ? -7.694  -12.224 4.381   1.00   22.59 ? 259  ILE A O   1 
ATOM   1236 C  CB  . ILE A 1 161 ? -5.866  -9.786  5.635   1.00   22.30 ? 259  ILE A CB  1 
ATOM   1237 C  CG1 . ILE A 1 161 ? -5.234  -9.922  4.246   1.00   20.82 ? 259  ILE A CG1 1 
ATOM   1238 C  CG2 . ILE A 1 161 ? -5.120  -10.528 6.735   1.00   21.60 ? 259  ILE A CG2 1 
ATOM   1239 C  CD1 . ILE A 1 161 ? -5.755  -8.892  3.255   1.00   19.94 ? 259  ILE A CD1 1 
ATOM   1240 N  N   . GLN A 1 162 ? -7.628  -12.369 6.620   1.00   23.66 ? 260  GLN A N   1 
ATOM   1241 C  CA  . GLN A 1 162 ? -7.849  -13.812 6.614   1.00   24.44 ? 260  GLN A CA  1 
ATOM   1242 C  C   . GLN A 1 162 ? -9.274  -14.145 6.189   1.00   25.00 ? 260  GLN A C   1 
ATOM   1243 O  O   . GLN A 1 162 ? -9.529  -15.183 5.579   1.00   25.17 ? 260  GLN A O   1 
ATOM   1244 C  CB  . GLN A 1 162 ? -7.510  -14.413 7.976   1.00   24.36 ? 260  GLN A CB  1 
ATOM   1245 C  CG  . GLN A 1 162 ? -6.034  -14.285 8.301   1.00   24.38 ? 260  GLN A CG  1 
ATOM   1246 C  CD  . GLN A 1 162 ? -5.635  -15.009 9.556   1.00   24.40 ? 260  GLN A CD  1 
ATOM   1247 O  OE1 . GLN A 1 162 ? -6.435  -15.173 10.471  1.00   23.23 ? 260  GLN A OE1 1 
ATOM   1248 N  NE2 . GLN A 1 162 ? -4.380  -15.438 9.612   1.00   24.24 ? 260  GLN A NE2 1 
ATOM   1249 N  N   . LYS A 1 163 ? -10.203 -13.250 6.495   1.00   25.48 ? 261  LYS A N   1 
ATOM   1250 C  CA  . LYS A 1 163 ? -11.584 -13.463 6.121   1.00   26.13 ? 261  LYS A CA  1 
ATOM   1251 C  C   . LYS A 1 163 ? -11.703 -13.365 4.596   1.00   26.09 ? 261  LYS A C   1 
ATOM   1252 O  O   . LYS A 1 163 ? -12.419 -14.139 3.966   1.00   26.41 ? 261  LYS A O   1 
ATOM   1253 C  CB  . LYS A 1 163 ? -12.473 -12.421 6.800   1.00   26.40 ? 261  LYS A CB  1 
ATOM   1254 C  CG  . LYS A 1 163 ? -13.954 -12.767 6.835   1.00   28.19 ? 261  LYS A CG  1 
ATOM   1255 C  CD  . LYS A 1 163 ? -14.196 -13.941 7.776   1.00   30.73 ? 261  LYS A CD  1 
ATOM   1256 C  CE  . LYS A 1 163 ? -15.659 -14.327 7.824   1.00   31.64 ? 261  LYS A CE  1 
ATOM   1257 N  NZ  . LYS A 1 163 ? -15.881 -15.471 8.745   1.00   31.77 ? 261  LYS A NZ  1 
ATOM   1258 N  N   . LEU A 1 164 ? -10.987 -12.417 4.001   1.00   25.76 ? 262  LEU A N   1 
ATOM   1259 C  CA  . LEU A 1 164 ? -11.026 -12.223 2.557   1.00   25.85 ? 262  LEU A CA  1 
ATOM   1260 C  C   . LEU A 1 164 ? -10.307 -13.342 1.807   1.00   26.09 ? 262  LEU A C   1 
ATOM   1261 O  O   . LEU A 1 164 ? -10.756 -13.789 0.750   1.00   26.34 ? 262  LEU A O   1 
ATOM   1262 C  CB  . LEU A 1 164 ? -10.411 -10.862 2.184   1.00   25.56 ? 262  LEU A CB  1 
ATOM   1263 C  CG  . LEU A 1 164 ? -10.513 -10.422 0.719   1.00   25.08 ? 262  LEU A CG  1 
ATOM   1264 C  CD1 . LEU A 1 164 ? -11.945 -10.482 0.210   1.00   24.38 ? 262  LEU A CD1 1 
ATOM   1265 C  CD2 . LEU A 1 164 ? -9.940  -9.014  0.526   1.00   23.81 ? 262  LEU A CD2 1 
ATOM   1266 N  N   . TYR A 1 165 ? -9.188  -13.794 2.362   1.00   26.51 ? 263  TYR A N   1 
ATOM   1267 C  CA  . TYR A 1 165 ? -8.382  -14.840 1.729   1.00   26.86 ? 263  TYR A CA  1 
ATOM   1268 C  C   . TYR A 1 165 ? -8.462  -16.189 2.452   1.00   27.55 ? 263  TYR A C   1 
ATOM   1269 O  O   . TYR A 1 165 ? -7.585  -16.533 3.247   1.00   28.79 ? 263  TYR A O   1 
ATOM   1270 C  CB  . TYR A 1 165 ? -6.926  -14.379 1.569   1.00   26.79 ? 263  TYR A CB  1 
ATOM   1271 C  CG  . TYR A 1 165 ? -6.773  -13.261 0.561   1.00   25.45 ? 263  TYR A CG  1 
ATOM   1272 C  CD1 . TYR A 1 165 ? -6.657  -13.539 -0.794  1.00   24.56 ? 263  TYR A CD1 1 
ATOM   1273 C  CD2 . TYR A 1 165 ? -6.759  -11.932 0.960   1.00   25.12 ? 263  TYR A CD2 1 
ATOM   1274 C  CE1 . TYR A 1 165 ? -6.525  -12.522 -1.732  1.00   23.95 ? 263  TYR A CE1 1 
ATOM   1275 C  CE2 . TYR A 1 165 ? -6.626  -10.908 0.033   1.00   23.09 ? 263  TYR A CE2 1 
ATOM   1276 C  CZ  . TYR A 1 165 ? -6.514  -11.210 -1.309  1.00   23.78 ? 263  TYR A CZ  1 
ATOM   1277 O  OH  . TYR A 1 165 ? -6.387  -10.204 -2.240  1.00   22.98 ? 263  TYR A OH  1 
HETATM 1278 CA CA  . CA  B 2 .   ? -2.899  -3.196  -11.452 1.00   26.36 ? 1264 CA  A CA  1 
HETATM 1279 CA CA  . CA  C 2 .   ? -0.862  15.971  -1.419  1.00   12.70 ? 1265 CA  A CA  1 
HETATM 1280 ZN ZN  . ZN  D 3 .   ? -2.931  7.500   -8.633  1.00   14.13 ? 1266 ZN  A ZN  1 
HETATM 1281 ZN ZN  . ZN  E 3 .   ? -7.047  4.140   3.452   1.00   16.95 ? 1267 ZN  A ZN  1 
HETATM 1282 S  S   . SO4 F 4 .   ? -4.952  11.827  -15.282 1.00   56.51 ? 1268 SO4 A S   1 
HETATM 1283 O  O1  . SO4 F 4 .   ? -5.054  12.681  -16.464 1.00   57.43 ? 1268 SO4 A O1  1 
HETATM 1284 O  O2  . SO4 F 4 .   ? -5.731  12.396  -14.184 1.00   56.94 ? 1268 SO4 A O2  1 
HETATM 1285 O  O3  . SO4 F 4 .   ? -5.477  10.505  -15.620 1.00   57.57 ? 1268 SO4 A O3  1 
HETATM 1286 O  O4  . SO4 F 4 .   ? -3.554  11.710  -14.880 1.00   56.72 ? 1268 SO4 A O4  1 
HETATM 1287 N  N   . TQI G 5 .   ? -5.746  8.499   1.124   1.00   17.87 ? 1269 TQI A N   1 
HETATM 1288 C  CA  . TQI G 5 .   ? -7.000  7.798   1.432   1.00   21.40 ? 1269 TQI A CA  1 
HETATM 1289 C  C   . TQI G 5 .   ? -6.544  6.442   1.891   1.00   20.13 ? 1269 TQI A C   1 
HETATM 1290 O  O   . TQI G 5 .   ? -5.534  5.851   1.537   1.00   20.41 ? 1269 TQI A O   1 
HETATM 1291 C  CB  . TQI G 5 .   ? -7.733  7.655   0.122   1.00   25.27 ? 1269 TQI A CB  1 
HETATM 1292 C  CG  . TQI G 5 .   ? -7.829  6.242   -0.250  1.00   30.97 ? 1269 TQI A CG  1 
HETATM 1293 C  CD1 . TQI G 5 .   ? -6.836  5.463   -0.806  1.00   31.94 ? 1269 TQI A CD1 1 
HETATM 1294 C  CD2 . TQI G 5 .   ? -8.980  5.429   -0.090  1.00   31.70 ? 1269 TQI A CD2 1 
HETATM 1295 N  NE1 . TQI G 5 .   ? -7.360  4.219   -0.982  1.00   32.68 ? 1269 TQI A NE1 1 
HETATM 1296 C  CE2 . TQI G 5 .   ? -8.661  4.169   -0.558  1.00   32.48 ? 1269 TQI A CE2 1 
HETATM 1297 C  CE3 . TQI G 5 .   ? -10.242 5.684   0.412   1.00   32.94 ? 1269 TQI A CE3 1 
HETATM 1298 C  CZ2 . TQI G 5 .   ? -9.533  3.108   -0.565  1.00   32.92 ? 1269 TQI A CZ2 1 
HETATM 1299 C  CZ3 . TQI G 5 .   ? -11.123 4.631   0.411   1.00   32.54 ? 1269 TQI A CZ3 1 
HETATM 1300 C  CH2 . TQI G 5 .   ? -10.781 3.388   -0.060  1.00   33.12 ? 1269 TQI A CH2 1 
HETATM 1301 O  OXT . TQI G 5 .   ? -7.400  5.938   2.796   1.00   18.61 ? 1269 TQI A OXT 1 
HETATM 1302 S  S1  . TQI G 5 .   ? -5.177  9.559   2.331   1.00   18.61 ? 1269 TQI A S1  1 
HETATM 1303 C  C2  . TQI G 5 .   ? -2.602  7.323   4.435   1.00   18.18 ? 1269 TQI A C2  1 
HETATM 1304 C  C3  . TQI G 5 .   ? -1.173  6.946   4.265   1.00   19.36 ? 1269 TQI A C3  1 
HETATM 1305 C  C7  . TQI G 5 .   ? -4.463  8.506   3.579   1.00   18.49 ? 1269 TQI A C7  1 
HETATM 1306 C  C8  . TQI G 5 .   ? -3.150  8.130   3.468   1.00   18.05 ? 1269 TQI A C8  1 
HETATM 1307 O  O14 . TQI G 5 .   ? -6.291  10.220  2.989   1.00   17.91 ? 1269 TQI A O14 1 
HETATM 1308 O  O15 . TQI G 5 .   ? -4.118  10.363  1.765   1.00   18.12 ? 1269 TQI A O15 1 
HETATM 1309 C  C16 . TQI G 5 .   ? -3.368  6.907   5.507   1.00   19.91 ? 1269 TQI A C16 1 
HETATM 1310 C  C19 . TQI G 5 .   ? -5.237  8.098   4.638   1.00   19.58 ? 1269 TQI A C19 1 
HETATM 1311 F  F20 . TQI G 5 .   ? -0.601  7.572   3.205   1.00   20.57 ? 1269 TQI A F20 1 
HETATM 1312 F  F21 . TQI G 5 .   ? -1.005  5.625   4.005   1.00   18.35 ? 1269 TQI A F21 1 
HETATM 1313 F  F22 . TQI G 5 .   ? -0.411  7.264   5.348   1.00   19.99 ? 1269 TQI A F22 1 
HETATM 1314 C  C23 . TQI G 5 .   ? -4.685  7.296   5.610   1.00   19.46 ? 1269 TQI A C23 1 
HETATM 1315 CL CL  . TQI G 5 .   ? -2.719  5.890   6.754   1.00   23.04 ? 1269 TQI A CL  1 
HETATM 1316 O  O   . HOH H 6 .   ? -12.368 -6.506  -1.060  1.00   21.92 ? 2001 HOH A O   1 
HETATM 1317 O  O   . HOH H 6 .   ? -7.836  -17.132 -0.847  1.00   27.73 ? 2002 HOH A O   1 
HETATM 1318 O  O   . HOH H 6 .   ? -6.026  -19.454 -7.802  1.00   20.87 ? 2003 HOH A O   1 
HETATM 1319 O  O   . HOH H 6 .   ? -5.574  -15.644 -4.756  1.00   31.73 ? 2004 HOH A O   1 
HETATM 1320 O  O   . HOH H 6 .   ? 1.201   -14.267 -11.291 1.00   34.70 ? 2005 HOH A O   1 
HETATM 1321 O  O   . HOH H 6 .   ? 1.995   -10.572 -14.073 1.00   32.95 ? 2006 HOH A O   1 
HETATM 1322 O  O   . HOH H 6 .   ? 9.362   4.340   -14.069 1.00   36.70 ? 2007 HOH A O   1 
HETATM 1323 O  O   . HOH H 6 .   ? 12.320  -1.699  -9.042  1.00   23.97 ? 2008 HOH A O   1 
HETATM 1324 O  O   . HOH H 6 .   ? 11.873  7.289   -9.995  1.00   32.96 ? 2009 HOH A O   1 
HETATM 1325 O  O   . HOH H 6 .   ? 14.484  17.892  0.774   1.00   54.98 ? 2010 HOH A O   1 
HETATM 1326 O  O   . HOH H 6 .   ? 17.652  11.907  -3.501  1.00   38.62 ? 2011 HOH A O   1 
HETATM 1327 O  O   . HOH H 6 .   ? 10.723  12.770  -5.505  1.00   34.75 ? 2012 HOH A O   1 
HETATM 1328 O  O   . HOH H 6 .   ? 10.995  18.128  -0.942  1.00   36.90 ? 2013 HOH A O   1 
HETATM 1329 O  O   . HOH H 6 .   ? 8.791   13.187  -1.627  1.00   21.06 ? 2014 HOH A O   1 
HETATM 1330 O  O   . HOH H 6 .   ? 9.989   15.925  0.600   1.00   18.22 ? 2015 HOH A O   1 
HETATM 1331 O  O   . HOH H 6 .   ? 14.901  12.756  3.167   1.00   26.18 ? 2016 HOH A O   1 
HETATM 1332 O  O   . HOH H 6 .   ? 14.387  14.845  1.158   1.00   36.97 ? 2017 HOH A O   1 
HETATM 1333 O  O   . HOH H 6 .   ? 13.249  6.257   -3.241  1.00   17.59 ? 2018 HOH A O   1 
HETATM 1334 O  O   . HOH H 6 .   ? 16.334  8.801   -4.173  1.00   35.13 ? 2019 HOH A O   1 
HETATM 1335 O  O   . HOH H 6 .   ? 14.463  8.343   -9.257  1.00   35.86 ? 2020 HOH A O   1 
HETATM 1336 O  O   . HOH H 6 .   ? 18.975  5.306   -4.390  1.00   35.18 ? 2021 HOH A O   1 
HETATM 1337 O  O   . HOH H 6 .   ? 15.065  9.021   -6.579  1.00   43.01 ? 2022 HOH A O   1 
HETATM 1338 O  O   . HOH H 6 .   ? 19.589  2.621   -3.788  1.00   30.43 ? 2023 HOH A O   1 
HETATM 1339 O  O   . HOH H 6 .   ? 17.366  4.522   4.229   1.00   23.33 ? 2024 HOH A O   1 
HETATM 1340 O  O   . HOH H 6 .   ? 10.758  -4.813  -3.085  1.00   24.01 ? 2025 HOH A O   1 
HETATM 1341 O  O   . HOH H 6 .   ? 21.031  -5.232  2.975   1.00   38.52 ? 2026 HOH A O   1 
HETATM 1342 O  O   . HOH H 6 .   ? 16.194  -4.098  -4.040  1.00   39.13 ? 2027 HOH A O   1 
HETATM 1343 O  O   . HOH H 6 .   ? 1.415   -9.981  9.900   1.00   28.25 ? 2028 HOH A O   1 
HETATM 1344 O  O   . HOH H 6 .   ? 4.162   -12.900 2.493   1.00   42.76 ? 2029 HOH A O   1 
HETATM 1345 O  O   . HOH H 6 .   ? -5.514  -17.094 -1.828  1.00   38.21 ? 2030 HOH A O   1 
HETATM 1346 O  O   . HOH H 6 .   ? 4.629   -13.976 -1.120  1.00   40.50 ? 2031 HOH A O   1 
HETATM 1347 O  O   . HOH H 6 .   ? 9.738   -11.753 -5.648  1.00   28.95 ? 2032 HOH A O   1 
HETATM 1348 O  O   . HOH H 6 .   ? 10.056  -3.490  -8.542  1.00   22.33 ? 2033 HOH A O   1 
HETATM 1349 O  O   . HOH H 6 .   ? 11.396  -8.285  -13.461 1.00   39.70 ? 2034 HOH A O   1 
HETATM 1350 O  O   . HOH H 6 .   ? 4.317   -6.035  -18.958 1.00   49.20 ? 2035 HOH A O   1 
HETATM 1351 O  O   . HOH H 6 .   ? -1.385  -3.460  -13.176 1.00   21.98 ? 2036 HOH A O   1 
HETATM 1352 O  O   . HOH H 6 .   ? 0.242   -11.859 -12.988 1.00   27.49 ? 2037 HOH A O   1 
HETATM 1353 O  O   . HOH H 6 .   ? -1.699  5.339   -13.236 1.00   35.94 ? 2038 HOH A O   1 
HETATM 1354 O  O   . HOH H 6 .   ? -0.315  5.509   -15.128 1.00   41.46 ? 2039 HOH A O   1 
HETATM 1355 O  O   . HOH H 6 .   ? -4.008  11.103  -11.695 1.00   12.59 ? 2040 HOH A O   1 
HETATM 1356 O  O   . HOH H 6 .   ? -8.922  6.198   -12.229 1.00   29.51 ? 2041 HOH A O   1 
HETATM 1357 O  O   . HOH H 6 .   ? -5.431  13.625  -4.608  1.00   36.08 ? 2042 HOH A O   1 
HETATM 1358 O  O   . HOH H 6 .   ? -7.688  13.839  -7.402  1.00   34.52 ? 2043 HOH A O   1 
HETATM 1359 O  O   . HOH H 6 .   ? -5.837  17.497  -7.696  1.00   29.78 ? 2044 HOH A O   1 
HETATM 1360 O  O   . HOH H 6 .   ? -2.720  20.214  -1.173  1.00   25.65 ? 2045 HOH A O   1 
HETATM 1361 O  O   . HOH H 6 .   ? -1.884  21.870  2.018   1.00   24.51 ? 2046 HOH A O   1 
HETATM 1362 O  O   . HOH H 6 .   ? -3.413  19.323  4.434   1.00   19.80 ? 2047 HOH A O   1 
HETATM 1363 O  O   . HOH H 6 .   ? -5.307  23.262  1.581   1.00   43.32 ? 2048 HOH A O   1 
HETATM 1364 O  O   . HOH H 6 .   ? -6.976  10.739  -4.172  1.00   37.68 ? 2049 HOH A O   1 
HETATM 1365 O  O   . HOH H 6 .   ? -10.635 0.748   -5.764  1.00   28.02 ? 2050 HOH A O   1 
HETATM 1366 O  O   . HOH H 6 .   ? -9.869  -1.725  -8.672  1.00   34.99 ? 2051 HOH A O   1 
HETATM 1367 O  O   . HOH H 6 .   ? -4.174  -5.179  -12.074 1.00   20.21 ? 2052 HOH A O   1 
HETATM 1368 O  O   . HOH H 6 .   ? -12.430 -5.813  -15.190 1.00   42.26 ? 2053 HOH A O   1 
HETATM 1369 O  O   . HOH H 6 .   ? -11.014 -6.295  -12.749 1.00   36.75 ? 2054 HOH A O   1 
HETATM 1370 O  O   . HOH H 6 .   ? -2.783  -4.171  -15.538 1.00   31.86 ? 2055 HOH A O   1 
HETATM 1371 O  O   . HOH H 6 .   ? -7.894  0.001   -15.006 1.00   30.44 ? 2056 HOH A O   1 
HETATM 1372 O  O   . HOH H 6 .   ? -1.454  -0.500  -13.868 1.00   22.11 ? 2057 HOH A O   1 
HETATM 1373 O  O   . HOH H 6 .   ? -0.430  2.633   -11.810 1.00   18.45 ? 2058 HOH A O   1 
HETATM 1374 O  O   . HOH H 6 .   ? 1.227   16.547  -6.000  1.00   11.88 ? 2059 HOH A O   1 
HETATM 1375 O  O   . HOH H 6 .   ? 8.707   16.952  -1.935  1.00   33.29 ? 2060 HOH A O   1 
HETATM 1376 O  O   . HOH H 6 .   ? 4.024   20.677  -6.585  1.00   32.75 ? 2061 HOH A O   1 
HETATM 1377 O  O   . HOH H 6 .   ? 10.672  17.652  2.759   1.00   17.94 ? 2062 HOH A O   1 
HETATM 1378 O  O   . HOH H 6 .   ? 13.044  11.844  4.895   1.00   20.79 ? 2063 HOH A O   1 
HETATM 1379 O  O   . HOH H 6 .   ? 13.904  9.591   6.085   1.00   19.51 ? 2064 HOH A O   1 
HETATM 1380 O  O   . HOH H 6 .   ? 7.144   9.753   11.025  1.00   36.44 ? 2065 HOH A O   1 
HETATM 1381 O  O   . HOH H 6 .   ? 9.720   2.743   10.175  1.00   30.75 ? 2066 HOH A O   1 
HETATM 1382 O  O   . HOH H 6 .   ? 8.628   7.665   11.570  1.00   30.99 ? 2067 HOH A O   1 
HETATM 1383 O  O   . HOH H 6 .   ? 9.298   3.889   7.138   1.00   17.04 ? 2068 HOH A O   1 
HETATM 1384 O  O   . HOH H 6 .   ? -1.598  1.344   13.919  1.00   40.72 ? 2069 HOH A O   1 
HETATM 1385 O  O   . HOH H 6 .   ? -4.246  4.204   9.766   1.00   19.96 ? 2070 HOH A O   1 
HETATM 1386 O  O   . HOH H 6 .   ? -10.372 -2.935  7.495   1.00   22.30 ? 2071 HOH A O   1 
HETATM 1387 O  O   . HOH H 6 .   ? -13.680 1.572   3.508   1.00   37.17 ? 2072 HOH A O   1 
HETATM 1388 O  O   . HOH H 6 .   ? -13.449 4.467   11.210  1.00   33.57 ? 2073 HOH A O   1 
HETATM 1389 O  O   . HOH H 6 .   ? -14.339 3.962   15.718  1.00   42.51 ? 2074 HOH A O   1 
HETATM 1390 O  O   . HOH H 6 .   ? -7.275  -4.774  16.621  1.00   37.63 ? 2075 HOH A O   1 
HETATM 1391 O  O   . HOH H 6 .   ? -4.132  2.912   13.617  1.00   25.87 ? 2076 HOH A O   1 
HETATM 1392 O  O   . HOH H 6 .   ? -9.917  9.222   15.520  1.00   44.32 ? 2077 HOH A O   1 
HETATM 1393 O  O   . HOH H 6 .   ? -13.445 6.042   16.218  1.00   34.21 ? 2078 HOH A O   1 
HETATM 1394 O  O   . HOH H 6 .   ? -8.803  7.736   4.616   1.00   26.04 ? 2079 HOH A O   1 
HETATM 1395 O  O   . HOH H 6 .   ? -4.087  5.690   12.903  1.00   36.06 ? 2080 HOH A O   1 
HETATM 1396 O  O   . HOH H 6 .   ? 4.354   10.071  12.124  1.00   29.60 ? 2081 HOH A O   1 
HETATM 1397 O  O   . HOH H 6 .   ? -5.079  11.010  7.659   1.00   39.56 ? 2082 HOH A O   1 
HETATM 1398 O  O   . HOH H 6 .   ? 3.896   4.851   17.026  1.00   46.51 ? 2083 HOH A O   1 
HETATM 1399 O  O   . HOH H 6 .   ? 0.961   -1.861  16.413  1.00   40.24 ? 2084 HOH A O   1 
HETATM 1400 O  O   . HOH H 6 .   ? 2.306   -7.964  11.672  1.00   25.34 ? 2085 HOH A O   1 
HETATM 1401 O  O   . HOH H 6 .   ? -1.646  -8.390  15.946  1.00   35.29 ? 2086 HOH A O   1 
HETATM 1402 O  O   . HOH H 6 .   ? 0.778   -8.566  14.212  1.00   42.63 ? 2087 HOH A O   1 
HETATM 1403 O  O   . HOH H 6 .   ? -8.565  -3.730  9.551   1.00   15.51 ? 2088 HOH A O   1 
HETATM 1404 O  O   . HOH H 6 .   ? -10.958 -13.888 9.957   1.00   20.89 ? 2089 HOH A O   1 
HETATM 1405 O  O   . HOH H 6 .   ? -18.748 -15.709 8.089   1.00   33.73 ? 2090 HOH A O   1 
# 
